data_1HS7
#
_entry.id   1HS7
#
_cell.length_a   1.000
_cell.length_b   1.000
_cell.length_c   1.000
_cell.angle_alpha   90.00
_cell.angle_beta   90.00
_cell.angle_gamma   90.00
#
_symmetry.space_group_name_H-M   'P 1'
#
_entity_poly.entity_id   1
_entity_poly.type   'polypeptide(L)'
_entity_poly.pdbx_seq_one_letter_code
;TNQKTKELSNLIETFAEQSRVLEKECTKIGSKRDSKELRYKIETELIPNCTSVRDKIESNILIHQNGKLSADFKNLKTKY
QSLQQSYNQRKSLFPLK
;
_entity_poly.pdbx_strand_id   A
#
# COMPACT_ATOMS: atom_id res chain seq x y z
N THR A 1 18.43 0.78 14.02
CA THR A 1 19.22 0.88 15.28
C THR A 1 18.58 1.88 16.25
N ASN A 2 18.40 3.10 15.79
CA ASN A 2 17.80 4.15 16.60
C ASN A 2 16.30 3.91 16.80
N GLN A 3 15.79 4.28 17.97
CA GLN A 3 14.38 4.10 18.28
C GLN A 3 13.52 4.86 17.27
N LYS A 4 13.93 6.08 16.94
CA LYS A 4 13.19 6.90 15.99
C LYS A 4 13.08 6.20 14.63
N THR A 5 14.22 5.79 14.09
CA THR A 5 14.24 5.10 12.82
C THR A 5 13.55 3.75 12.95
N LYS A 6 13.62 3.18 14.16
CA LYS A 6 12.98 1.89 14.42
C LYS A 6 11.46 2.03 14.26
N GLU A 7 10.93 3.16 14.73
CA GLU A 7 9.50 3.43 14.62
C GLU A 7 9.10 3.50 13.16
N LEU A 8 10.01 3.98 12.32
CA LEU A 8 9.75 4.09 10.89
C LEU A 8 9.53 2.70 10.29
N SER A 9 10.43 1.77 10.60
CA SER A 9 10.33 0.41 10.11
C SER A 9 8.98 -0.19 10.50
N ASN A 10 8.42 0.29 11.61
CA ASN A 10 7.11 -0.19 12.06
C ASN A 10 6.03 0.24 11.09
N LEU A 11 6.18 1.45 10.55
CA LEU A 11 5.23 1.98 9.58
C LEU A 11 5.44 1.24 8.26
N ILE A 12 6.70 1.13 7.88
CA ILE A 12 7.07 0.43 6.65
C ILE A 12 6.64 -1.03 6.75
N GLU A 13 6.90 -1.64 7.90
CA GLU A 13 6.53 -3.03 8.13
C GLU A 13 5.05 -3.23 7.84
N THR A 14 4.25 -2.21 8.13
CA THR A 14 2.82 -2.29 7.87
C THR A 14 2.58 -2.05 6.40
N PHE A 15 3.29 -1.08 5.83
CA PHE A 15 3.19 -0.76 4.42
C PHE A 15 3.50 -2.00 3.60
N ALA A 16 4.54 -2.72 4.01
CA ALA A 16 4.94 -3.95 3.34
C ALA A 16 3.77 -4.91 3.33
N GLU A 17 3.06 -4.99 4.46
CA GLU A 17 1.90 -5.86 4.57
C GLU A 17 0.77 -5.30 3.72
N GLN A 18 0.52 -4.00 3.88
CA GLN A 18 -0.51 -3.32 3.13
C GLN A 18 -0.26 -3.49 1.63
N SER A 19 1.03 -3.53 1.27
CA SER A 19 1.42 -3.70 -0.12
C SER A 19 0.88 -5.02 -0.64
N ARG A 20 1.15 -6.10 0.09
CA ARG A 20 0.66 -7.41 -0.30
C ARG A 20 -0.86 -7.41 -0.23
N VAL A 21 -1.40 -6.61 0.68
CA VAL A 21 -2.84 -6.49 0.84
C VAL A 21 -3.45 -5.90 -0.42
N LEU A 22 -2.93 -4.76 -0.85
CA LEU A 22 -3.44 -4.12 -2.05
C LEU A 22 -3.44 -5.13 -3.19
N GLU A 23 -2.33 -5.82 -3.38
CA GLU A 23 -2.24 -6.83 -4.42
C GLU A 23 -3.23 -7.96 -4.13
N LYS A 24 -3.51 -8.19 -2.85
CA LYS A 24 -4.44 -9.23 -2.44
C LYS A 24 -5.87 -8.81 -2.79
N GLU A 25 -6.26 -7.62 -2.35
CA GLU A 25 -7.58 -7.11 -2.65
C GLU A 25 -7.69 -6.79 -4.13
N CYS A 26 -6.58 -6.37 -4.72
CA CYS A 26 -6.54 -6.03 -6.13
C CYS A 26 -6.64 -7.27 -7.00
N THR A 27 -6.10 -8.39 -6.52
CA THR A 27 -6.14 -9.64 -7.27
C THR A 27 -7.56 -10.17 -7.35
N LYS A 28 -8.37 -9.88 -6.33
CA LYS A 28 -9.75 -10.35 -6.32
C LYS A 28 -10.68 -9.38 -7.06
N ILE A 29 -10.23 -8.13 -7.25
CA ILE A 29 -11.03 -7.13 -7.94
C ILE A 29 -11.56 -7.69 -9.27
N GLY A 30 -12.87 -7.61 -9.46
CA GLY A 30 -13.47 -8.12 -10.67
C GLY A 30 -13.29 -9.61 -10.83
N SER A 31 -13.07 -10.30 -9.71
CA SER A 31 -12.87 -11.75 -9.74
C SER A 31 -13.61 -12.44 -8.59
N LYS A 32 -14.88 -12.75 -8.82
CA LYS A 32 -15.70 -13.42 -7.81
C LYS A 32 -15.94 -12.52 -6.60
N ARG A 33 -14.89 -12.30 -5.82
CA ARG A 33 -14.99 -11.47 -4.62
C ARG A 33 -15.38 -10.03 -4.98
N ASP A 34 -15.26 -9.68 -6.26
CA ASP A 34 -15.58 -8.33 -6.73
C ASP A 34 -16.87 -7.81 -6.08
N SER A 35 -16.72 -6.95 -5.08
CA SER A 35 -17.86 -6.38 -4.39
C SER A 35 -17.61 -4.92 -4.05
N LYS A 36 -18.66 -4.10 -4.13
CA LYS A 36 -18.55 -2.68 -3.83
C LYS A 36 -17.83 -2.45 -2.51
N GLU A 37 -18.16 -3.28 -1.54
CA GLU A 37 -17.54 -3.19 -0.22
C GLU A 37 -16.03 -3.36 -0.32
N LEU A 38 -15.60 -4.18 -1.27
CA LEU A 38 -14.18 -4.43 -1.47
C LEU A 38 -13.51 -3.16 -2.03
N ARG A 39 -13.97 -2.71 -3.19
CA ARG A 39 -13.41 -1.50 -3.79
C ARG A 39 -13.52 -0.33 -2.82
N TYR A 40 -14.57 -0.33 -2.02
CA TYR A 40 -14.76 0.73 -1.03
C TYR A 40 -13.73 0.56 0.08
N LYS A 41 -13.65 -0.63 0.63
CA LYS A 41 -12.68 -0.94 1.67
C LYS A 41 -11.28 -0.66 1.15
N ILE A 42 -11.08 -0.91 -0.13
CA ILE A 42 -9.78 -0.70 -0.76
C ILE A 42 -9.42 0.79 -0.81
N GLU A 43 -10.30 1.60 -1.39
CA GLU A 43 -10.06 3.03 -1.53
C GLU A 43 -10.40 3.81 -0.26
N THR A 44 -11.28 3.26 0.56
CA THR A 44 -11.68 3.93 1.79
C THR A 44 -10.97 3.37 3.01
N GLU A 45 -10.23 2.27 2.86
CA GLU A 45 -9.53 1.67 3.98
C GLU A 45 -8.10 1.25 3.64
N LEU A 46 -7.93 0.54 2.53
CA LEU A 46 -6.60 0.08 2.13
C LEU A 46 -5.72 1.25 1.65
N ILE A 47 -5.80 1.55 0.35
CA ILE A 47 -5.01 2.64 -0.23
C ILE A 47 -4.86 3.83 0.73
N PRO A 48 -5.99 4.38 1.24
CA PRO A 48 -5.96 5.51 2.16
C PRO A 48 -5.02 5.26 3.33
N ASN A 49 -4.98 4.01 3.80
CA ASN A 49 -4.12 3.64 4.92
C ASN A 49 -2.71 3.34 4.43
N CYS A 50 -2.61 2.72 3.26
CA CYS A 50 -1.30 2.39 2.69
C CYS A 50 -0.53 3.66 2.38
N THR A 51 -1.15 4.57 1.64
CA THR A 51 -0.52 5.83 1.30
C THR A 51 -0.33 6.67 2.56
N SER A 52 -1.35 6.69 3.41
CA SER A 52 -1.24 7.44 4.66
C SER A 52 -0.04 6.93 5.44
N VAL A 53 0.26 5.66 5.26
CA VAL A 53 1.40 5.02 5.90
C VAL A 53 2.69 5.58 5.29
N ARG A 54 2.62 5.97 4.02
CA ARG A 54 3.76 6.56 3.32
C ARG A 54 4.09 7.90 3.94
N ASP A 55 3.10 8.79 3.94
CA ASP A 55 3.27 10.13 4.51
C ASP A 55 3.93 10.05 5.88
N LYS A 56 3.58 8.98 6.62
CA LYS A 56 4.16 8.77 7.93
C LYS A 56 5.64 8.42 7.81
N ILE A 57 5.95 7.59 6.82
CA ILE A 57 7.31 7.18 6.56
C ILE A 57 8.10 8.34 5.96
N GLU A 58 7.48 9.01 4.99
CA GLU A 58 8.11 10.15 4.33
C GLU A 58 8.27 11.30 5.31
N SER A 59 7.33 11.40 6.25
CA SER A 59 7.38 12.45 7.26
C SER A 59 8.64 12.30 8.11
N ASN A 60 9.01 11.05 8.35
CA ASN A 60 10.20 10.74 9.13
C ASN A 60 11.46 10.96 8.30
N ILE A 61 12.06 12.14 8.46
CA ILE A 61 13.27 12.49 7.71
C ILE A 61 14.29 11.35 7.68
N LEU A 62 14.29 10.53 8.73
CA LEU A 62 15.22 9.40 8.80
C LEU A 62 15.13 8.54 7.55
N ILE A 63 14.00 8.62 6.85
CA ILE A 63 13.81 7.85 5.63
C ILE A 63 14.74 8.37 4.53
N HIS A 64 15.02 9.66 4.57
CA HIS A 64 15.90 10.28 3.60
C HIS A 64 17.36 10.15 4.03
N GLN A 65 17.58 10.05 5.35
CA GLN A 65 18.91 9.92 5.90
C GLN A 65 19.41 8.48 5.79
N ASN A 66 18.55 7.53 6.16
CA ASN A 66 18.89 6.12 6.10
C ASN A 66 18.75 5.58 4.68
N GLY A 67 19.89 5.34 4.02
CA GLY A 67 19.87 4.83 2.67
C GLY A 67 19.09 3.53 2.53
N LYS A 68 19.37 2.60 3.43
CA LYS A 68 18.68 1.30 3.41
C LYS A 68 17.18 1.48 3.50
N LEU A 69 16.70 1.97 4.64
CA LEU A 69 15.27 2.19 4.85
C LEU A 69 14.67 3.02 3.72
N SER A 70 15.41 4.03 3.28
CA SER A 70 14.95 4.89 2.20
C SER A 70 14.37 4.04 1.06
N ALA A 71 15.06 2.95 0.77
CA ALA A 71 14.64 2.03 -0.27
C ALA A 71 13.47 1.16 0.19
N ASP A 72 13.44 0.85 1.49
CA ASP A 72 12.38 0.03 2.05
C ASP A 72 11.01 0.53 1.59
N PHE A 73 10.60 1.68 2.11
CA PHE A 73 9.32 2.27 1.76
C PHE A 73 9.23 2.53 0.25
N LYS A 74 10.32 3.05 -0.33
CA LYS A 74 10.35 3.34 -1.76
C LYS A 74 9.89 2.14 -2.57
N ASN A 75 10.32 0.95 -2.16
CA ASN A 75 9.94 -0.27 -2.86
C ASN A 75 8.47 -0.60 -2.63
N LEU A 76 8.00 -0.31 -1.42
CA LEU A 76 6.61 -0.55 -1.06
C LEU A 76 5.69 0.41 -1.79
N LYS A 77 5.92 1.71 -1.60
CA LYS A 77 5.10 2.71 -2.26
C LYS A 77 5.16 2.52 -3.77
N THR A 78 6.32 2.09 -4.25
CA THR A 78 6.53 1.84 -5.67
C THR A 78 5.68 0.65 -6.11
N LYS A 79 5.87 -0.49 -5.45
CA LYS A 79 5.12 -1.68 -5.77
C LYS A 79 3.63 -1.44 -5.56
N TYR A 80 3.32 -0.65 -4.53
CA TYR A 80 1.94 -0.31 -4.20
C TYR A 80 1.29 0.43 -5.36
N GLN A 81 2.04 1.31 -6.01
CA GLN A 81 1.54 2.07 -7.14
C GLN A 81 1.11 1.14 -8.27
N SER A 82 1.90 0.09 -8.49
CA SER A 82 1.60 -0.88 -9.53
C SER A 82 0.29 -1.59 -9.24
N LEU A 83 0.05 -1.85 -7.97
CA LEU A 83 -1.16 -2.53 -7.53
C LEU A 83 -2.39 -1.71 -7.84
N GLN A 84 -2.37 -0.45 -7.43
CA GLN A 84 -3.51 0.45 -7.68
C GLN A 84 -3.81 0.53 -9.17
N GLN A 85 -2.76 0.58 -9.98
CA GLN A 85 -2.90 0.66 -11.43
C GLN A 85 -3.45 -0.63 -12.01
N SER A 86 -2.85 -1.75 -11.65
CA SER A 86 -3.28 -3.05 -12.16
C SER A 86 -4.74 -3.32 -11.78
N TYR A 87 -5.11 -2.88 -10.59
CA TYR A 87 -6.46 -3.08 -10.08
C TYR A 87 -7.41 -2.01 -10.61
N ASN A 88 -6.97 -0.75 -10.58
CA ASN A 88 -7.80 0.34 -11.07
C ASN A 88 -8.34 0.03 -12.46
N GLN A 89 -7.48 -0.51 -13.31
CA GLN A 89 -7.89 -0.86 -14.65
C GLN A 89 -8.92 -1.98 -14.60
N ARG A 90 -8.52 -3.10 -13.98
CA ARG A 90 -9.40 -4.26 -13.83
C ARG A 90 -10.77 -3.84 -13.30
N LYS A 91 -10.76 -2.93 -12.34
CA LYS A 91 -12.00 -2.45 -11.73
C LYS A 91 -12.86 -1.74 -12.78
N SER A 92 -12.21 -1.18 -13.79
CA SER A 92 -12.91 -0.48 -14.87
C SER A 92 -13.37 -1.46 -15.94
N LEU A 93 -12.69 -2.59 -16.05
CA LEU A 93 -13.04 -3.61 -17.05
C LEU A 93 -13.99 -4.64 -16.46
N PHE A 94 -13.91 -4.84 -15.14
CA PHE A 94 -14.77 -5.80 -14.45
C PHE A 94 -15.80 -5.10 -13.57
N PRO A 95 -16.74 -4.37 -14.19
CA PRO A 95 -17.80 -3.66 -13.46
C PRO A 95 -18.77 -4.62 -12.78
N LEU A 96 -19.23 -4.25 -11.60
CA LEU A 96 -20.18 -5.08 -10.85
C LEU A 96 -21.60 -4.86 -11.34
N LYS A 97 -22.40 -5.93 -11.34
CA LYS A 97 -23.78 -5.84 -11.77
C LYS A 97 -24.52 -7.16 -11.52
N THR A 1 15.47 9.74 21.59
CA THR A 1 16.20 9.90 20.31
C THR A 1 15.71 8.91 19.26
N ASN A 2 15.63 7.64 19.65
CA ASN A 2 15.17 6.59 18.75
C ASN A 2 13.68 6.74 18.44
N GLN A 3 12.99 7.58 19.21
CA GLN A 3 11.56 7.82 19.03
C GLN A 3 11.25 8.20 17.58
N LYS A 4 12.18 8.92 16.95
CA LYS A 4 12.01 9.34 15.57
C LYS A 4 11.82 8.14 14.64
N THR A 5 12.67 7.14 14.80
CA THR A 5 12.58 5.94 13.99
C THR A 5 11.34 5.15 14.39
N LYS A 6 10.92 5.29 15.65
CA LYS A 6 9.74 4.61 16.14
C LYS A 6 8.52 5.11 15.38
N GLU A 7 8.51 6.41 15.12
CA GLU A 7 7.41 7.02 14.39
C GLU A 7 7.34 6.43 12.98
N LEU A 8 8.50 6.16 12.41
CA LEU A 8 8.58 5.59 11.07
C LEU A 8 7.86 4.25 11.04
N SER A 9 8.21 3.37 11.96
CA SER A 9 7.59 2.05 12.04
C SER A 9 6.07 2.21 12.16
N ASN A 10 5.63 3.36 12.67
CA ASN A 10 4.21 3.63 12.80
C ASN A 10 3.59 3.81 11.43
N LEU A 11 4.32 4.48 10.54
CA LEU A 11 3.86 4.69 9.18
C LEU A 11 3.95 3.38 8.41
N ILE A 12 5.07 2.69 8.60
CA ILE A 12 5.30 1.41 7.96
C ILE A 12 4.28 0.39 8.47
N GLU A 13 4.05 0.41 9.78
CA GLU A 13 3.10 -0.51 10.40
C GLU A 13 1.74 -0.37 9.72
N THR A 14 1.43 0.84 9.29
CA THR A 14 0.17 1.10 8.60
C THR A 14 0.30 0.63 7.16
N PHE A 15 1.46 0.90 6.56
CA PHE A 15 1.73 0.49 5.20
C PHE A 15 1.63 -1.02 5.10
N ALA A 16 2.15 -1.70 6.11
CA ALA A 16 2.10 -3.15 6.16
C ALA A 16 0.65 -3.61 6.13
N GLU A 17 -0.20 -2.88 6.84
CA GLU A 17 -1.63 -3.18 6.88
C GLU A 17 -2.26 -2.81 5.54
N GLN A 18 -1.92 -1.62 5.06
CA GLN A 18 -2.43 -1.14 3.79
C GLN A 18 -1.98 -2.07 2.66
N SER A 19 -0.75 -2.59 2.79
CA SER A 19 -0.21 -3.50 1.80
C SER A 19 -1.08 -4.74 1.71
N ARG A 20 -1.38 -5.34 2.85
CA ARG A 20 -2.25 -6.52 2.89
C ARG A 20 -3.64 -6.12 2.44
N VAL A 21 -4.00 -4.87 2.73
CA VAL A 21 -5.30 -4.35 2.35
C VAL A 21 -5.41 -4.30 0.83
N LEU A 22 -4.42 -3.69 0.18
CA LEU A 22 -4.43 -3.61 -1.27
C LEU A 22 -4.64 -5.00 -1.85
N GLU A 23 -3.87 -5.97 -1.36
CA GLU A 23 -4.00 -7.34 -1.82
C GLU A 23 -5.38 -7.88 -1.45
N LYS A 24 -5.90 -7.42 -0.31
CA LYS A 24 -7.22 -7.86 0.14
C LYS A 24 -8.30 -7.31 -0.80
N GLU A 25 -8.27 -6.01 -1.04
CA GLU A 25 -9.23 -5.39 -1.93
C GLU A 25 -8.97 -5.84 -3.36
N CYS A 26 -7.69 -6.05 -3.67
CA CYS A 26 -7.29 -6.48 -5.00
C CYS A 26 -7.69 -7.93 -5.24
N THR A 27 -7.66 -8.74 -4.19
CA THR A 27 -8.04 -10.15 -4.33
C THR A 27 -9.50 -10.27 -4.69
N LYS A 28 -10.32 -9.32 -4.23
CA LYS A 28 -11.74 -9.34 -4.52
C LYS A 28 -12.04 -8.69 -5.87
N ILE A 29 -11.11 -7.86 -6.36
CA ILE A 29 -11.30 -7.19 -7.65
C ILE A 29 -11.64 -8.21 -8.73
N GLY A 30 -12.72 -7.93 -9.46
CA GLY A 30 -13.15 -8.84 -10.51
C GLY A 30 -13.45 -10.22 -9.99
N SER A 31 -13.78 -10.32 -8.70
CA SER A 31 -14.08 -11.61 -8.09
C SER A 31 -15.40 -11.57 -7.32
N LYS A 32 -16.50 -11.44 -8.05
CA LYS A 32 -17.83 -11.38 -7.45
C LYS A 32 -18.01 -10.10 -6.65
N ARG A 33 -17.25 -9.96 -5.56
CA ARG A 33 -17.33 -8.79 -4.71
C ARG A 33 -17.03 -7.51 -5.49
N ASP A 34 -16.41 -7.65 -6.66
CA ASP A 34 -16.06 -6.52 -7.51
C ASP A 34 -17.16 -5.46 -7.51
N SER A 35 -16.82 -4.25 -7.06
CA SER A 35 -17.79 -3.16 -7.01
C SER A 35 -17.09 -1.82 -7.21
N LYS A 36 -17.77 -0.91 -7.91
CA LYS A 36 -17.22 0.42 -8.19
C LYS A 36 -16.72 1.08 -6.91
N GLU A 37 -17.48 0.93 -5.84
CA GLU A 37 -17.10 1.51 -4.55
C GLU A 37 -15.75 0.95 -4.09
N LEU A 38 -15.46 -0.30 -4.47
CA LEU A 38 -14.22 -0.93 -4.10
C LEU A 38 -13.06 -0.28 -4.86
N ARG A 39 -13.12 -0.35 -6.19
CA ARG A 39 -12.07 0.25 -7.02
C ARG A 39 -11.92 1.73 -6.70
N TYR A 40 -13.03 2.37 -6.33
CA TYR A 40 -13.00 3.78 -5.98
C TYR A 40 -12.27 3.92 -4.64
N LYS A 41 -12.75 3.21 -3.64
CA LYS A 41 -12.14 3.22 -2.32
C LYS A 41 -10.66 2.82 -2.44
N ILE A 42 -10.38 1.95 -3.40
CA ILE A 42 -9.03 1.48 -3.63
C ILE A 42 -8.12 2.58 -4.17
N GLU A 43 -8.55 3.20 -5.27
CA GLU A 43 -7.75 4.25 -5.91
C GLU A 43 -7.94 5.61 -5.25
N THR A 44 -9.08 5.83 -4.61
CA THR A 44 -9.36 7.10 -3.97
C THR A 44 -9.13 7.06 -2.46
N GLU A 45 -8.87 5.86 -1.90
CA GLU A 45 -8.64 5.75 -0.47
C GLU A 45 -7.46 4.84 -0.13
N LEU A 46 -7.38 3.67 -0.75
CA LEU A 46 -6.28 2.74 -0.46
C LEU A 46 -4.97 3.23 -1.06
N ILE A 47 -4.69 2.85 -2.31
CA ILE A 47 -3.45 3.24 -2.99
C ILE A 47 -3.02 4.66 -2.61
N PRO A 48 -3.90 5.66 -2.78
CA PRO A 48 -3.59 7.05 -2.45
C PRO A 48 -2.99 7.19 -1.06
N ASN A 49 -3.49 6.38 -0.13
CA ASN A 49 -3.01 6.42 1.25
C ASN A 49 -1.79 5.52 1.44
N CYS A 50 -1.78 4.38 0.74
CA CYS A 50 -0.67 3.45 0.85
C CYS A 50 0.61 4.10 0.36
N THR A 51 0.60 4.58 -0.88
CA THR A 51 1.76 5.25 -1.45
C THR A 51 2.06 6.52 -0.68
N SER A 52 1.01 7.26 -0.32
CA SER A 52 1.18 8.48 0.45
C SER A 52 1.89 8.15 1.75
N VAL A 53 1.66 6.93 2.22
CA VAL A 53 2.29 6.43 3.43
C VAL A 53 3.77 6.18 3.18
N ARG A 54 4.11 5.86 1.93
CA ARG A 54 5.49 5.63 1.53
C ARG A 54 6.28 6.93 1.63
N ASP A 55 5.80 7.95 0.93
CA ASP A 55 6.43 9.27 0.93
C ASP A 55 6.74 9.69 2.36
N LYS A 56 5.84 9.32 3.28
CA LYS A 56 6.02 9.64 4.68
C LYS A 56 7.21 8.87 5.23
N ILE A 57 7.31 7.60 4.85
CA ILE A 57 8.40 6.76 5.28
C ILE A 57 9.69 7.18 4.59
N GLU A 58 9.61 7.41 3.29
CA GLU A 58 10.76 7.83 2.51
C GLU A 58 11.21 9.22 2.95
N SER A 59 10.26 10.04 3.37
CA SER A 59 10.56 11.38 3.83
C SER A 59 11.46 11.32 5.06
N ASN A 60 11.23 10.30 5.88
CA ASN A 60 12.01 10.09 7.09
C ASN A 60 13.37 9.51 6.75
N ILE A 61 14.39 10.37 6.71
CA ILE A 61 15.75 9.94 6.37
C ILE A 61 16.18 8.71 7.17
N LEU A 62 15.63 8.54 8.36
CA LEU A 62 15.99 7.40 9.20
C LEU A 62 15.79 6.09 8.44
N ILE A 63 14.96 6.12 7.40
CA ILE A 63 14.69 4.94 6.60
C ILE A 63 15.93 4.56 5.79
N HIS A 64 16.79 5.54 5.52
CA HIS A 64 18.01 5.30 4.77
C HIS A 64 19.17 4.91 5.69
N GLN A 65 19.03 5.25 6.97
CA GLN A 65 20.06 4.93 7.95
C GLN A 65 19.85 3.55 8.55
N ASN A 66 18.59 3.26 8.93
CA ASN A 66 18.25 1.98 9.51
C ASN A 66 18.09 0.91 8.44
N GLY A 67 19.13 0.09 8.27
CA GLY A 67 19.09 -0.97 7.27
C GLY A 67 17.88 -1.87 7.42
N LYS A 68 17.61 -2.29 8.66
CA LYS A 68 16.48 -3.16 8.93
C LYS A 68 15.17 -2.53 8.45
N LEU A 69 14.79 -1.42 9.09
CA LEU A 69 13.57 -0.73 8.73
C LEU A 69 13.56 -0.38 7.24
N SER A 70 14.71 0.03 6.74
CA SER A 70 14.83 0.40 5.32
C SER A 70 14.19 -0.68 4.45
N ALA A 71 14.46 -1.93 4.79
CA ALA A 71 13.90 -3.06 4.06
C ALA A 71 12.42 -3.20 4.35
N ASP A 72 12.03 -2.80 5.56
CA ASP A 72 10.63 -2.86 5.98
C ASP A 72 9.71 -2.27 4.92
N PHE A 73 9.76 -0.96 4.77
CA PHE A 73 8.92 -0.26 3.80
C PHE A 73 9.21 -0.76 2.38
N LYS A 74 10.49 -0.99 2.08
CA LYS A 74 10.89 -1.47 0.75
C LYS A 74 10.09 -2.71 0.36
N ASN A 75 9.91 -3.62 1.31
CA ASN A 75 9.17 -4.84 1.07
C ASN A 75 7.68 -4.54 0.88
N LEU A 76 7.19 -3.56 1.64
CA LEU A 76 5.79 -3.16 1.56
C LEU A 76 5.51 -2.46 0.24
N LYS A 77 6.22 -1.38 -0.02
CA LYS A 77 6.05 -0.63 -1.25
C LYS A 77 6.28 -1.55 -2.45
N THR A 78 7.19 -2.49 -2.28
CA THR A 78 7.50 -3.45 -3.33
C THR A 78 6.33 -4.39 -3.54
N LYS A 79 5.90 -5.05 -2.46
CA LYS A 79 4.77 -5.97 -2.54
C LYS A 79 3.53 -5.22 -2.97
N TYR A 80 3.40 -3.99 -2.50
CA TYR A 80 2.26 -3.14 -2.85
C TYR A 80 2.19 -2.91 -4.36
N GLN A 81 3.35 -2.74 -4.97
CA GLN A 81 3.41 -2.51 -6.42
C GLN A 81 2.83 -3.69 -7.18
N SER A 82 3.12 -4.90 -6.70
CA SER A 82 2.62 -6.11 -7.34
C SER A 82 1.09 -6.17 -7.23
N LEU A 83 0.58 -5.69 -6.11
CA LEU A 83 -0.86 -5.70 -5.88
C LEU A 83 -1.58 -4.81 -6.88
N GLN A 84 -1.12 -3.57 -7.01
CA GLN A 84 -1.74 -2.63 -7.94
C GLN A 84 -1.74 -3.21 -9.36
N GLN A 85 -0.62 -3.80 -9.74
CA GLN A 85 -0.47 -4.40 -11.06
C GLN A 85 -1.37 -5.62 -11.25
N SER A 86 -1.34 -6.53 -10.29
CA SER A 86 -2.15 -7.74 -10.35
C SER A 86 -3.64 -7.41 -10.40
N TYR A 87 -4.01 -6.37 -9.67
CA TYR A 87 -5.40 -5.93 -9.60
C TYR A 87 -5.75 -5.04 -10.78
N ASN A 88 -4.87 -4.10 -11.11
CA ASN A 88 -5.10 -3.19 -12.21
C ASN A 88 -5.48 -3.95 -13.47
N GLN A 89 -4.76 -5.04 -13.73
CA GLN A 89 -5.05 -5.86 -14.89
C GLN A 89 -6.42 -6.51 -14.73
N ARG A 90 -6.58 -7.25 -13.64
CA ARG A 90 -7.83 -7.91 -13.33
C ARG A 90 -9.02 -6.95 -13.44
N LYS A 91 -8.82 -5.74 -12.95
CA LYS A 91 -9.88 -4.73 -12.99
C LYS A 91 -10.26 -4.41 -14.44
N SER A 92 -9.30 -4.57 -15.34
CA SER A 92 -9.54 -4.31 -16.76
C SER A 92 -10.19 -5.53 -17.43
N LEU A 93 -9.99 -6.69 -16.83
CA LEU A 93 -10.56 -7.94 -17.36
C LEU A 93 -11.93 -8.21 -16.73
N PHE A 94 -12.16 -7.65 -15.55
CA PHE A 94 -13.42 -7.85 -14.84
C PHE A 94 -14.17 -6.53 -14.65
N PRO A 95 -14.78 -6.00 -15.73
CA PRO A 95 -15.54 -4.75 -15.65
C PRO A 95 -16.80 -4.90 -14.80
N LEU A 96 -17.58 -3.83 -14.69
CA LEU A 96 -18.81 -3.86 -13.90
C LEU A 96 -19.99 -3.37 -14.74
N LYS A 97 -19.83 -2.23 -15.39
CA LYS A 97 -20.89 -1.66 -16.22
C LYS A 97 -20.30 -0.75 -17.29
N THR A 1 15.23 2.79 18.54
CA THR A 1 14.25 1.83 19.10
C THR A 1 13.38 2.48 20.16
N ASN A 2 13.14 3.78 20.01
CA ASN A 2 12.32 4.53 20.95
C ASN A 2 10.84 4.40 20.61
N GLN A 3 9.99 4.90 21.49
CA GLN A 3 8.54 4.85 21.28
C GLN A 3 8.15 5.58 20.00
N LYS A 4 8.79 6.72 19.76
CA LYS A 4 8.51 7.52 18.57
C LYS A 4 8.75 6.71 17.31
N THR A 5 9.93 6.10 17.21
CA THR A 5 10.25 5.29 16.04
C THR A 5 9.40 4.03 16.04
N LYS A 6 9.05 3.56 17.24
CA LYS A 6 8.20 2.38 17.37
C LYS A 6 6.84 2.66 16.75
N GLU A 7 6.37 3.88 16.93
CA GLU A 7 5.09 4.29 16.37
C GLU A 7 5.15 4.23 14.86
N LEU A 8 6.32 4.54 14.31
CA LEU A 8 6.51 4.52 12.87
C LEU A 8 6.36 3.10 12.34
N SER A 9 7.07 2.17 12.96
CA SER A 9 7.02 0.76 12.56
C SER A 9 5.58 0.28 12.57
N ASN A 10 4.74 0.92 13.39
CA ASN A 10 3.33 0.56 13.47
C ASN A 10 2.61 0.97 12.20
N LEU A 11 2.99 2.12 11.65
CA LEU A 11 2.41 2.62 10.41
C LEU A 11 2.94 1.79 9.26
N ILE A 12 4.23 1.50 9.32
CA ILE A 12 4.88 0.68 8.31
C ILE A 12 4.34 -0.74 8.38
N GLU A 13 4.22 -1.27 9.58
CA GLU A 13 3.70 -2.61 9.79
C GLU A 13 2.35 -2.76 9.11
N THR A 14 1.58 -1.69 9.13
CA THR A 14 0.27 -1.68 8.50
C THR A 14 0.45 -1.56 7.00
N PHE A 15 1.43 -0.76 6.59
CA PHE A 15 1.74 -0.57 5.19
C PHE A 15 2.18 -1.91 4.60
N ALA A 16 3.00 -2.63 5.36
CA ALA A 16 3.47 -3.94 4.93
C ALA A 16 2.28 -4.85 4.64
N GLU A 17 1.23 -4.70 5.45
CA GLU A 17 0.02 -5.48 5.27
C GLU A 17 -0.77 -4.90 4.11
N GLN A 18 -0.82 -3.56 4.07
CA GLN A 18 -1.51 -2.85 3.01
C GLN A 18 -0.88 -3.19 1.67
N SER A 19 0.43 -3.36 1.66
CA SER A 19 1.15 -3.71 0.45
C SER A 19 0.69 -5.07 -0.05
N ARG A 20 0.68 -6.05 0.84
CA ARG A 20 0.23 -7.38 0.49
C ARG A 20 -1.25 -7.32 0.15
N VAL A 21 -1.96 -6.44 0.85
CA VAL A 21 -3.37 -6.25 0.61
C VAL A 21 -3.61 -5.74 -0.80
N LEU A 22 -2.94 -4.64 -1.14
CA LEU A 22 -3.08 -4.09 -2.47
C LEU A 22 -2.84 -5.19 -3.51
N GLU A 23 -1.75 -5.93 -3.32
CA GLU A 23 -1.44 -7.02 -4.23
C GLU A 23 -2.51 -8.11 -4.12
N LYS A 24 -3.09 -8.25 -2.93
CA LYS A 24 -4.15 -9.24 -2.71
C LYS A 24 -5.41 -8.82 -3.46
N GLU A 25 -5.85 -7.59 -3.24
CA GLU A 25 -7.04 -7.08 -3.90
C GLU A 25 -6.76 -6.88 -5.38
N CYS A 26 -5.50 -6.57 -5.69
CA CYS A 26 -5.08 -6.35 -7.08
C CYS A 26 -5.00 -7.68 -7.83
N THR A 27 -4.63 -8.74 -7.11
CA THR A 27 -4.51 -10.05 -7.73
C THR A 27 -5.88 -10.55 -8.18
N LYS A 28 -6.92 -10.17 -7.45
CA LYS A 28 -8.27 -10.59 -7.80
C LYS A 28 -8.86 -9.72 -8.91
N ILE A 29 -8.37 -8.50 -9.04
CA ILE A 29 -8.85 -7.58 -10.08
C ILE A 29 -8.97 -8.30 -11.43
N GLY A 30 -10.11 -8.11 -12.07
CA GLY A 30 -10.34 -8.75 -13.36
C GLY A 30 -10.13 -10.25 -13.32
N SER A 31 -10.28 -10.84 -12.13
CA SER A 31 -10.09 -12.28 -11.98
C SER A 31 -11.25 -12.90 -11.20
N LYS A 32 -12.37 -13.10 -11.88
CA LYS A 32 -13.56 -13.70 -11.27
C LYS A 32 -14.11 -12.80 -10.16
N ARG A 33 -13.41 -12.74 -9.04
CA ARG A 33 -13.82 -11.92 -7.91
C ARG A 33 -13.97 -10.45 -8.30
N ASP A 34 -13.37 -10.08 -9.44
CA ASP A 34 -13.42 -8.71 -9.93
C ASP A 34 -14.79 -8.08 -9.71
N SER A 35 -14.81 -6.96 -8.99
CA SER A 35 -16.06 -6.26 -8.71
C SER A 35 -15.81 -4.78 -8.49
N LYS A 36 -16.76 -3.94 -8.88
CA LYS A 36 -16.62 -2.50 -8.71
C LYS A 36 -16.36 -2.13 -7.26
N GLU A 37 -17.13 -2.73 -6.36
CA GLU A 37 -16.97 -2.47 -4.93
C GLU A 37 -15.54 -2.73 -4.49
N LEU A 38 -14.93 -3.78 -5.04
CA LEU A 38 -13.56 -4.12 -4.71
C LEU A 38 -12.62 -3.00 -5.13
N ARG A 39 -12.66 -2.65 -6.42
CA ARG A 39 -11.82 -1.60 -6.94
C ARG A 39 -12.14 -0.29 -6.23
N TYR A 40 -13.42 -0.07 -5.97
CA TYR A 40 -13.84 1.12 -5.26
C TYR A 40 -13.23 1.11 -3.87
N LYS A 41 -13.35 -0.03 -3.20
CA LYS A 41 -12.77 -0.19 -1.87
C LYS A 41 -11.26 -0.03 -1.98
N ILE A 42 -10.70 -0.56 -3.05
CA ILE A 42 -9.27 -0.48 -3.30
C ILE A 42 -8.81 0.96 -3.46
N GLU A 43 -9.45 1.71 -4.36
CA GLU A 43 -9.07 3.09 -4.62
C GLU A 43 -9.64 4.06 -3.60
N THR A 44 -10.79 3.73 -3.02
CA THR A 44 -11.41 4.61 -2.04
C THR A 44 -11.10 4.19 -0.59
N GLU A 45 -10.46 3.04 -0.41
CA GLU A 45 -10.12 2.59 0.94
C GLU A 45 -8.69 2.09 1.06
N LEU A 46 -8.27 1.20 0.15
CA LEU A 46 -6.91 0.65 0.21
C LEU A 46 -5.87 1.71 -0.15
N ILE A 47 -5.56 1.84 -1.45
CA ILE A 47 -4.56 2.81 -1.92
C ILE A 47 -4.56 4.09 -1.07
N PRO A 48 -5.72 4.76 -0.94
CA PRO A 48 -5.82 6.00 -0.14
C PRO A 48 -5.27 5.81 1.27
N ASN A 49 -5.54 4.66 1.86
CA ASN A 49 -5.07 4.35 3.21
C ASN A 49 -3.60 3.93 3.20
N CYS A 50 -3.22 3.17 2.18
CA CYS A 50 -1.84 2.71 2.06
C CYS A 50 -0.91 3.90 1.89
N THR A 51 -1.19 4.74 0.90
CA THR A 51 -0.39 5.92 0.66
C THR A 51 -0.49 6.87 1.85
N SER A 52 -1.71 7.03 2.37
CA SER A 52 -1.91 7.88 3.54
C SER A 52 -1.02 7.41 4.67
N VAL A 53 -0.74 6.10 4.66
CA VAL A 53 0.12 5.49 5.66
C VAL A 53 1.57 5.92 5.40
N ARG A 54 1.88 6.18 4.14
CA ARG A 54 3.21 6.62 3.75
C ARG A 54 3.47 8.01 4.32
N ASP A 55 2.60 8.95 3.96
CA ASP A 55 2.71 10.32 4.44
C ASP A 55 2.94 10.34 5.95
N LYS A 56 2.32 9.39 6.62
CA LYS A 56 2.46 9.28 8.08
C LYS A 56 3.87 8.83 8.41
N ILE A 57 4.39 7.88 7.63
CA ILE A 57 5.73 7.38 7.81
C ILE A 57 6.76 8.43 7.41
N GLU A 58 6.53 9.04 6.25
CA GLU A 58 7.42 10.08 5.75
C GLU A 58 7.38 11.30 6.65
N SER A 59 6.21 11.55 7.26
CA SER A 59 6.06 12.68 8.15
C SER A 59 6.97 12.52 9.37
N ASN A 60 7.14 11.26 9.78
CA ASN A 60 8.00 10.95 10.91
C ASN A 60 9.47 11.02 10.51
N ILE A 61 10.11 12.14 10.83
CA ILE A 61 11.52 12.36 10.49
C ILE A 61 12.39 11.14 10.82
N LEU A 62 12.01 10.40 11.85
CA LEU A 62 12.77 9.22 12.25
C LEU A 62 12.97 8.28 11.06
N ILE A 63 12.12 8.40 10.05
CA ILE A 63 12.22 7.58 8.86
C ILE A 63 13.47 7.96 8.07
N HIS A 64 13.86 9.22 8.16
CA HIS A 64 15.04 9.71 7.46
C HIS A 64 16.29 9.55 8.33
N GLN A 65 16.08 9.49 9.64
CA GLN A 65 17.18 9.33 10.59
C GLN A 65 17.58 7.87 10.72
N ASN A 66 16.58 6.99 10.74
CA ASN A 66 16.82 5.55 10.86
C ASN A 66 17.04 4.93 9.48
N GLY A 67 18.30 4.68 9.14
CA GLY A 67 18.60 4.08 7.85
C GLY A 67 17.85 2.79 7.60
N LYS A 68 17.76 1.95 8.62
CA LYS A 68 17.05 0.68 8.51
C LYS A 68 15.59 0.90 8.16
N LEU A 69 14.85 1.50 9.07
CA LEU A 69 13.42 1.76 8.84
C LEU A 69 13.21 2.53 7.54
N SER A 70 14.09 3.48 7.27
CA SER A 70 13.99 4.29 6.05
C SER A 70 13.77 3.37 4.84
N ALA A 71 14.47 2.25 4.83
CA ALA A 71 14.34 1.28 3.75
C ALA A 71 13.04 0.50 3.88
N ASP A 72 12.60 0.31 5.13
CA ASP A 72 11.36 -0.41 5.41
C ASP A 72 10.21 0.11 4.54
N PHE A 73 9.75 1.31 4.85
CA PHE A 73 8.66 1.94 4.10
C PHE A 73 9.00 2.07 2.61
N LYS A 74 10.24 2.46 2.32
CA LYS A 74 10.69 2.63 0.95
C LYS A 74 10.39 1.39 0.11
N ASN A 75 10.60 0.22 0.70
CA ASN A 75 10.35 -1.04 0.00
C ASN A 75 8.85 -1.29 -0.14
N LEU A 76 8.10 -0.87 0.86
CA LEU A 76 6.65 -1.04 0.85
C LEU A 76 6.01 -0.12 -0.18
N LYS A 77 6.22 1.19 -0.02
CA LYS A 77 5.68 2.16 -0.95
C LYS A 77 6.11 1.83 -2.37
N THR A 78 7.32 1.31 -2.50
CA THR A 78 7.87 0.93 -3.79
C THR A 78 7.10 -0.26 -4.36
N LYS A 79 7.04 -1.34 -3.58
CA LYS A 79 6.33 -2.53 -4.01
C LYS A 79 4.84 -2.22 -4.19
N TYR A 80 4.33 -1.35 -3.33
CA TYR A 80 2.94 -0.94 -3.37
C TYR A 80 2.62 -0.23 -4.68
N GLN A 81 3.56 0.55 -5.18
CA GLN A 81 3.39 1.27 -6.43
C GLN A 81 3.10 0.29 -7.57
N SER A 82 3.96 -0.70 -7.72
CA SER A 82 3.82 -1.71 -8.76
C SER A 82 2.44 -2.34 -8.70
N LEU A 83 1.92 -2.50 -7.50
CA LEU A 83 0.61 -3.10 -7.30
C LEU A 83 -0.48 -2.28 -7.97
N GLN A 84 -0.48 -0.97 -7.70
CA GLN A 84 -1.49 -0.10 -8.30
C GLN A 84 -1.37 -0.13 -9.82
N GLN A 85 -0.13 -0.19 -10.28
CA GLN A 85 0.15 -0.23 -11.72
C GLN A 85 -0.29 -1.55 -12.34
N SER A 86 0.18 -2.64 -11.76
CA SER A 86 -0.15 -3.98 -12.26
C SER A 86 -1.66 -4.20 -12.27
N TYR A 87 -2.34 -3.64 -11.27
CA TYR A 87 -3.78 -3.77 -11.14
C TYR A 87 -4.51 -2.74 -12.00
N ASN A 88 -4.05 -1.49 -11.94
CA ASN A 88 -4.68 -0.44 -12.72
C ASN A 88 -4.83 -0.86 -14.18
N GLN A 89 -3.79 -1.49 -14.71
CA GLN A 89 -3.83 -1.97 -16.08
C GLN A 89 -4.88 -3.06 -16.21
N ARG A 90 -4.72 -4.11 -15.42
CA ARG A 90 -5.65 -5.23 -15.43
C ARG A 90 -7.10 -4.75 -15.33
N LYS A 91 -7.32 -3.75 -14.48
CA LYS A 91 -8.66 -3.20 -14.30
C LYS A 91 -9.16 -2.58 -15.61
N SER A 92 -8.22 -2.12 -16.43
CA SER A 92 -8.57 -1.51 -17.72
C SER A 92 -8.77 -2.59 -18.79
N LEU A 93 -8.14 -3.75 -18.59
CA LEU A 93 -8.26 -4.86 -19.52
C LEU A 93 -9.42 -5.77 -19.15
N PHE A 94 -9.78 -5.76 -17.88
CA PHE A 94 -10.88 -6.59 -17.38
C PHE A 94 -12.01 -5.74 -16.82
N PRO A 95 -12.80 -5.09 -17.69
CA PRO A 95 -13.93 -4.25 -17.26
C PRO A 95 -14.92 -5.03 -16.41
N LEU A 96 -15.95 -4.33 -15.92
CA LEU A 96 -16.98 -4.95 -15.10
C LEU A 96 -18.36 -4.68 -15.67
N LYS A 97 -18.53 -4.90 -16.97
CA LYS A 97 -19.81 -4.67 -17.63
C LYS A 97 -20.39 -5.98 -18.14
N THR A 1 17.93 8.70 20.15
CA THR A 1 16.84 9.28 19.31
C THR A 1 16.11 8.20 18.54
N ASN A 2 15.59 7.21 19.26
CA ASN A 2 14.87 6.09 18.64
C ASN A 2 13.41 6.46 18.39
N GLN A 3 12.91 7.44 19.14
CA GLN A 3 11.53 7.89 19.00
C GLN A 3 11.21 8.27 17.55
N LYS A 4 12.14 8.97 16.92
CA LYS A 4 11.96 9.39 15.53
C LYS A 4 11.80 8.18 14.62
N THR A 5 12.74 7.24 14.70
CA THR A 5 12.67 6.05 13.89
C THR A 5 11.47 5.20 14.30
N LYS A 6 11.06 5.34 15.56
CA LYS A 6 9.90 4.61 16.06
C LYS A 6 8.65 5.07 15.34
N GLU A 7 8.55 6.38 15.13
CA GLU A 7 7.40 6.95 14.42
C GLU A 7 7.31 6.37 13.02
N LEU A 8 8.47 6.14 12.41
CA LEU A 8 8.54 5.58 11.08
C LEU A 8 7.84 4.21 11.04
N SER A 9 8.22 3.34 11.96
CA SER A 9 7.61 2.01 12.04
C SER A 9 6.10 2.15 12.17
N ASN A 10 5.65 3.29 12.69
CA ASN A 10 4.23 3.55 12.85
C ASN A 10 3.59 3.73 11.48
N LEU A 11 4.31 4.42 10.59
CA LEU A 11 3.83 4.65 9.24
C LEU A 11 3.91 3.35 8.46
N ILE A 12 5.01 2.63 8.67
CA ILE A 12 5.22 1.35 8.02
C ILE A 12 4.21 0.34 8.53
N GLU A 13 3.99 0.34 9.84
CA GLU A 13 3.03 -0.57 10.45
C GLU A 13 1.67 -0.43 9.78
N THR A 14 1.36 0.78 9.35
CA THR A 14 0.11 1.05 8.67
C THR A 14 0.23 0.59 7.22
N PHE A 15 1.39 0.88 6.62
CA PHE A 15 1.65 0.47 5.25
C PHE A 15 1.53 -1.04 5.14
N ALA A 16 2.05 -1.73 6.14
CA ALA A 16 1.98 -3.19 6.18
C ALA A 16 0.52 -3.63 6.15
N GLU A 17 -0.32 -2.90 6.89
CA GLU A 17 -1.75 -3.20 6.92
C GLU A 17 -2.37 -2.82 5.59
N GLN A 18 -2.05 -1.63 5.11
CA GLN A 18 -2.55 -1.14 3.83
C GLN A 18 -2.11 -2.07 2.72
N SER A 19 -0.89 -2.61 2.86
CA SER A 19 -0.35 -3.54 1.88
C SER A 19 -1.23 -4.77 1.78
N ARG A 20 -1.53 -5.36 2.93
CA ARG A 20 -2.40 -6.53 2.97
C ARG A 20 -3.79 -6.12 2.51
N VAL A 21 -4.15 -4.87 2.78
CA VAL A 21 -5.44 -4.34 2.38
C VAL A 21 -5.52 -4.28 0.86
N LEU A 22 -4.54 -3.64 0.24
CA LEU A 22 -4.52 -3.54 -1.22
C LEU A 22 -4.70 -4.93 -1.80
N GLU A 23 -3.94 -5.89 -1.29
CA GLU A 23 -4.06 -7.26 -1.76
C GLU A 23 -5.44 -7.82 -1.43
N LYS A 24 -6.00 -7.36 -0.32
CA LYS A 24 -7.33 -7.80 0.10
C LYS A 24 -8.38 -7.27 -0.87
N GLU A 25 -8.34 -5.96 -1.09
CA GLU A 25 -9.27 -5.33 -2.01
C GLU A 25 -8.96 -5.74 -3.45
N CYS A 26 -7.68 -5.97 -3.72
CA CYS A 26 -7.23 -6.37 -5.04
C CYS A 26 -7.60 -7.82 -5.32
N THR A 27 -7.66 -8.64 -4.28
CA THR A 27 -7.99 -10.04 -4.44
C THR A 27 -9.45 -10.21 -4.85
N LYS A 28 -10.32 -9.31 -4.38
CA LYS A 28 -11.73 -9.40 -4.70
C LYS A 28 -12.06 -8.70 -6.02
N ILE A 29 -11.17 -7.79 -6.48
CA ILE A 29 -11.39 -7.08 -7.74
C ILE A 29 -11.87 -8.03 -8.83
N GLY A 30 -12.99 -7.70 -9.46
CA GLY A 30 -13.53 -8.53 -10.51
C GLY A 30 -13.91 -9.91 -10.02
N SER A 31 -14.14 -10.05 -8.72
CA SER A 31 -14.50 -11.32 -8.14
C SER A 31 -15.52 -11.15 -7.01
N LYS A 32 -16.78 -11.41 -7.31
CA LYS A 32 -17.85 -11.29 -6.32
C LYS A 32 -18.00 -9.86 -5.82
N ARG A 33 -17.09 -9.45 -4.94
CA ARG A 33 -17.12 -8.10 -4.39
C ARG A 33 -16.90 -7.04 -5.46
N ASP A 34 -16.45 -7.48 -6.64
CA ASP A 34 -16.20 -6.57 -7.76
C ASP A 34 -17.24 -5.46 -7.85
N SER A 35 -16.84 -4.26 -7.48
CA SER A 35 -17.73 -3.11 -7.53
C SER A 35 -16.95 -1.81 -7.71
N LYS A 36 -17.55 -0.86 -8.43
CA LYS A 36 -16.89 0.41 -8.68
C LYS A 36 -16.46 1.07 -7.39
N GLU A 37 -17.34 1.05 -6.39
CA GLU A 37 -17.06 1.64 -5.09
C GLU A 37 -15.77 1.06 -4.51
N LEU A 38 -15.57 -0.25 -4.69
CA LEU A 38 -14.38 -0.91 -4.20
C LEU A 38 -13.15 -0.35 -4.89
N ARG A 39 -13.13 -0.42 -6.21
CA ARG A 39 -12.00 0.10 -6.99
C ARG A 39 -11.83 1.58 -6.71
N TYR A 40 -12.95 2.30 -6.59
CA TYR A 40 -12.91 3.71 -6.29
C TYR A 40 -12.25 3.89 -4.93
N LYS A 41 -12.79 3.20 -3.93
CA LYS A 41 -12.23 3.24 -2.59
C LYS A 41 -10.75 2.87 -2.64
N ILE A 42 -10.43 1.88 -3.45
CA ILE A 42 -9.06 1.42 -3.61
C ILE A 42 -8.15 2.54 -4.15
N GLU A 43 -8.53 3.12 -5.28
CA GLU A 43 -7.72 4.17 -5.91
C GLU A 43 -7.94 5.54 -5.27
N THR A 44 -9.11 5.76 -4.68
CA THR A 44 -9.43 7.03 -4.08
C THR A 44 -9.03 7.11 -2.60
N GLU A 45 -8.85 5.97 -1.94
CA GLU A 45 -8.49 6.00 -0.52
C GLU A 45 -7.36 5.01 -0.17
N LEU A 46 -7.39 3.81 -0.73
CA LEU A 46 -6.35 2.83 -0.43
C LEU A 46 -5.00 3.27 -1.01
N ILE A 47 -4.74 2.92 -2.27
CA ILE A 47 -3.49 3.27 -2.95
C ILE A 47 -3.01 4.67 -2.55
N PRO A 48 -3.85 5.70 -2.75
CA PRO A 48 -3.49 7.08 -2.39
C PRO A 48 -2.95 7.18 -0.97
N ASN A 49 -3.50 6.40 -0.06
CA ASN A 49 -3.06 6.41 1.33
C ASN A 49 -1.86 5.50 1.52
N CYS A 50 -1.83 4.38 0.80
CA CYS A 50 -0.72 3.45 0.91
C CYS A 50 0.57 4.11 0.44
N THR A 51 0.54 4.64 -0.79
CA THR A 51 1.71 5.32 -1.33
C THR A 51 2.01 6.57 -0.51
N SER A 52 0.96 7.32 -0.17
CA SER A 52 1.13 8.51 0.64
C SER A 52 1.84 8.15 1.94
N VAL A 53 1.59 6.91 2.39
CA VAL A 53 2.22 6.39 3.58
C VAL A 53 3.70 6.15 3.33
N ARG A 54 4.04 5.87 2.07
CA ARG A 54 5.43 5.65 1.66
C ARG A 54 6.20 6.95 1.78
N ASP A 55 5.71 7.98 1.09
CA ASP A 55 6.35 9.29 1.12
C ASP A 55 6.65 9.69 2.55
N LYS A 56 5.77 9.31 3.46
CA LYS A 56 5.95 9.60 4.88
C LYS A 56 7.13 8.82 5.42
N ILE A 57 7.23 7.57 5.00
CA ILE A 57 8.32 6.70 5.41
C ILE A 57 9.62 7.14 4.73
N GLU A 58 9.54 7.37 3.43
CA GLU A 58 10.69 7.80 2.65
C GLU A 58 11.13 9.19 3.10
N SER A 59 10.15 10.01 3.52
CA SER A 59 10.44 11.35 3.99
C SER A 59 11.34 11.29 5.22
N ASN A 60 11.13 10.26 6.03
CA ASN A 60 11.92 10.05 7.24
C ASN A 60 13.29 9.50 6.88
N ILE A 61 14.28 10.38 6.79
CA ILE A 61 15.64 9.99 6.43
C ILE A 61 16.12 8.76 7.22
N LEU A 62 15.58 8.58 8.42
CA LEU A 62 15.96 7.44 9.25
C LEU A 62 15.77 6.13 8.49
N ILE A 63 14.93 6.16 7.47
CA ILE A 63 14.66 4.97 6.66
C ILE A 63 15.88 4.61 5.82
N HIS A 64 16.71 5.61 5.52
CA HIS A 64 17.91 5.40 4.72
C HIS A 64 19.09 5.01 5.62
N GLN A 65 18.99 5.34 6.90
CA GLN A 65 20.05 5.02 7.85
C GLN A 65 19.87 3.62 8.43
N ASN A 66 18.64 3.32 8.85
CA ASN A 66 18.33 2.02 9.44
C ASN A 66 18.15 0.97 8.35
N GLY A 67 19.17 0.13 8.17
CA GLY A 67 19.11 -0.92 7.16
C GLY A 67 17.91 -1.84 7.34
N LYS A 68 17.65 -2.21 8.59
CA LYS A 68 16.53 -3.09 8.90
C LYS A 68 15.22 -2.47 8.44
N LEU A 69 14.84 -1.34 9.04
CA LEU A 69 13.61 -0.65 8.69
C LEU A 69 13.59 -0.32 7.20
N SER A 70 14.74 0.10 6.68
CA SER A 70 14.84 0.44 5.26
C SER A 70 14.20 -0.64 4.40
N ALA A 71 14.44 -1.89 4.77
CA ALA A 71 13.89 -3.03 4.06
C ALA A 71 12.40 -3.18 4.38
N ASP A 72 12.03 -2.79 5.60
CA ASP A 72 10.65 -2.87 6.04
C ASP A 72 9.70 -2.30 5.00
N PHE A 73 9.74 -0.98 4.84
CA PHE A 73 8.89 -0.29 3.87
C PHE A 73 9.17 -0.78 2.44
N LYS A 74 10.45 -0.99 2.13
CA LYS A 74 10.84 -1.45 0.80
C LYS A 74 10.03 -2.67 0.39
N ASN A 75 9.85 -3.60 1.32
CA ASN A 75 9.10 -4.81 1.06
C ASN A 75 7.62 -4.49 0.88
N LEU A 76 7.13 -3.52 1.65
CA LEU A 76 5.74 -3.11 1.57
C LEU A 76 5.46 -2.40 0.26
N LYS A 77 6.19 -1.32 0.01
CA LYS A 77 6.01 -0.56 -1.23
C LYS A 77 6.25 -1.46 -2.43
N THR A 78 7.13 -2.43 -2.26
CA THR A 78 7.46 -3.38 -3.31
C THR A 78 6.29 -4.34 -3.52
N LYS A 79 5.88 -5.00 -2.44
CA LYS A 79 4.77 -5.93 -2.52
C LYS A 79 3.49 -5.21 -2.92
N TYR A 80 3.38 -3.95 -2.48
CA TYR A 80 2.22 -3.12 -2.81
C TYR A 80 2.13 -2.90 -4.32
N GLN A 81 3.29 -2.69 -4.94
CA GLN A 81 3.34 -2.47 -6.39
C GLN A 81 2.76 -3.65 -7.13
N SER A 82 3.05 -4.86 -6.64
CA SER A 82 2.55 -6.08 -7.26
C SER A 82 1.04 -6.12 -7.16
N LEU A 83 0.50 -5.63 -6.06
CA LEU A 83 -0.93 -5.62 -5.84
C LEU A 83 -1.62 -4.71 -6.83
N GLN A 84 -1.17 -3.47 -6.90
CA GLN A 84 -1.76 -2.50 -7.83
C GLN A 84 -1.72 -3.05 -9.25
N GLN A 85 -0.59 -3.66 -9.60
CA GLN A 85 -0.39 -4.23 -10.91
C GLN A 85 -1.28 -5.46 -11.12
N SER A 86 -1.20 -6.40 -10.19
CA SER A 86 -1.99 -7.62 -10.27
C SER A 86 -3.48 -7.32 -10.32
N TYR A 87 -3.88 -6.27 -9.61
CA TYR A 87 -5.28 -5.86 -9.56
C TYR A 87 -5.63 -4.98 -10.75
N ASN A 88 -4.78 -4.01 -11.05
CA ASN A 88 -5.03 -3.11 -12.17
C ASN A 88 -5.37 -3.90 -13.42
N GLN A 89 -4.64 -4.99 -13.63
CA GLN A 89 -4.89 -5.83 -14.80
C GLN A 89 -6.25 -6.48 -14.67
N ARG A 90 -6.43 -7.21 -13.58
CA ARG A 90 -7.69 -7.91 -13.31
C ARG A 90 -8.88 -6.96 -13.49
N LYS A 91 -8.71 -5.72 -13.03
CA LYS A 91 -9.77 -4.72 -13.14
C LYS A 91 -10.06 -4.42 -14.61
N SER A 92 -9.06 -4.59 -15.46
CA SER A 92 -9.19 -4.35 -16.88
C SER A 92 -9.79 -5.57 -17.59
N LEU A 93 -9.60 -6.74 -17.00
CA LEU A 93 -10.12 -7.98 -17.56
C LEU A 93 -11.51 -8.29 -17.01
N PHE A 94 -11.76 -7.82 -15.79
CA PHE A 94 -13.06 -8.03 -15.14
C PHE A 94 -13.83 -6.71 -15.02
N PRO A 95 -14.24 -6.13 -16.16
CA PRO A 95 -14.99 -4.88 -16.17
C PRO A 95 -16.35 -5.01 -15.49
N LEU A 96 -16.76 -3.95 -14.80
CA LEU A 96 -18.04 -3.94 -14.10
C LEU A 96 -19.15 -3.37 -15.00
N LYS A 97 -20.39 -3.58 -14.60
CA LYS A 97 -21.54 -3.08 -15.37
C LYS A 97 -22.69 -2.72 -14.44
N THR A 1 18.83 2.40 20.97
CA THR A 1 19.57 3.44 20.22
C THR A 1 18.76 3.94 19.04
N ASN A 2 18.71 3.15 17.97
CA ASN A 2 17.97 3.51 16.77
C ASN A 2 16.48 3.23 16.95
N GLN A 3 15.88 3.89 17.93
CA GLN A 3 14.46 3.71 18.21
C GLN A 3 13.60 4.48 17.21
N LYS A 4 13.99 5.72 16.93
CA LYS A 4 13.25 6.56 15.99
C LYS A 4 13.11 5.88 14.64
N THR A 5 14.22 5.38 14.10
CA THR A 5 14.20 4.70 12.82
C THR A 5 13.44 3.38 12.96
N LYS A 6 13.47 2.81 14.17
CA LYS A 6 12.76 1.56 14.43
C LYS A 6 11.27 1.78 14.22
N GLU A 7 10.80 2.96 14.58
CA GLU A 7 9.40 3.32 14.42
C GLU A 7 9.06 3.36 12.94
N LEU A 8 10.00 3.86 12.14
CA LEU A 8 9.81 3.94 10.69
C LEU A 8 9.55 2.56 10.12
N SER A 9 10.45 1.63 10.41
CA SER A 9 10.31 0.26 9.94
C SER A 9 8.95 -0.31 10.34
N ASN A 10 8.38 0.25 11.42
CA ASN A 10 7.08 -0.17 11.91
C ASN A 10 6.01 0.27 10.92
N LEU A 11 6.16 1.49 10.39
CA LEU A 11 5.22 2.02 9.42
C LEU A 11 5.42 1.29 8.10
N ILE A 12 6.68 1.12 7.73
CA ILE A 12 7.03 0.41 6.51
C ILE A 12 6.58 -1.04 6.60
N GLU A 13 6.84 -1.66 7.75
CA GLU A 13 6.46 -3.05 7.98
C GLU A 13 4.96 -3.22 7.71
N THR A 14 4.20 -2.18 8.02
CA THR A 14 2.76 -2.21 7.79
C THR A 14 2.49 -1.95 6.32
N PHE A 15 3.28 -1.04 5.74
CA PHE A 15 3.14 -0.72 4.32
C PHE A 15 3.43 -1.95 3.50
N ALA A 16 4.44 -2.70 3.91
CA ALA A 16 4.80 -3.94 3.23
C ALA A 16 3.62 -4.90 3.24
N GLU A 17 2.90 -4.91 4.36
CA GLU A 17 1.72 -5.76 4.50
C GLU A 17 0.59 -5.17 3.67
N GLN A 18 0.40 -3.86 3.80
CA GLN A 18 -0.64 -3.15 3.07
C GLN A 18 -0.39 -3.31 1.57
N SER A 19 0.88 -3.31 1.19
CA SER A 19 1.27 -3.47 -0.20
C SER A 19 0.75 -4.79 -0.74
N ARG A 20 1.05 -5.86 0.00
CA ARG A 20 0.58 -7.19 -0.38
C ARG A 20 -0.94 -7.22 -0.30
N VAL A 21 -1.48 -6.43 0.62
CA VAL A 21 -2.92 -6.35 0.80
C VAL A 21 -3.56 -5.76 -0.46
N LEU A 22 -3.05 -4.62 -0.90
CA LEU A 22 -3.59 -3.98 -2.10
C LEU A 22 -3.60 -5.00 -3.23
N GLU A 23 -2.48 -5.67 -3.44
CA GLU A 23 -2.39 -6.69 -4.48
C GLU A 23 -3.35 -7.84 -4.16
N LYS A 24 -3.63 -8.04 -2.87
CA LYS A 24 -4.53 -9.10 -2.43
C LYS A 24 -5.97 -8.72 -2.76
N GLU A 25 -6.37 -7.52 -2.34
CA GLU A 25 -7.72 -7.04 -2.62
C GLU A 25 -7.85 -6.74 -4.11
N CYS A 26 -6.75 -6.26 -4.69
CA CYS A 26 -6.74 -5.93 -6.10
C CYS A 26 -6.88 -7.19 -6.95
N THR A 27 -6.28 -8.29 -6.49
CA THR A 27 -6.39 -9.55 -7.22
C THR A 27 -7.83 -10.03 -7.19
N LYS A 28 -8.55 -9.65 -6.14
CA LYS A 28 -9.94 -10.03 -5.99
C LYS A 28 -10.83 -9.16 -6.89
N ILE A 29 -10.38 -7.94 -7.16
CA ILE A 29 -11.12 -7.01 -8.02
C ILE A 29 -11.50 -7.68 -9.34
N GLY A 30 -12.77 -7.52 -9.71
CA GLY A 30 -13.25 -8.11 -10.95
C GLY A 30 -12.89 -9.58 -11.09
N SER A 31 -12.69 -10.24 -9.96
CA SER A 31 -12.33 -11.66 -9.97
C SER A 31 -13.20 -12.46 -9.00
N LYS A 32 -14.51 -12.50 -9.27
CA LYS A 32 -15.45 -13.22 -8.42
C LYS A 32 -15.58 -12.57 -7.06
N ARG A 33 -14.50 -12.58 -6.29
CA ARG A 33 -14.49 -11.98 -4.96
C ARG A 33 -14.89 -10.51 -5.01
N ASP A 34 -14.80 -9.90 -6.20
CA ASP A 34 -15.16 -8.50 -6.39
C ASP A 34 -16.43 -8.14 -5.62
N SER A 35 -16.41 -6.98 -4.95
CA SER A 35 -17.56 -6.53 -4.17
C SER A 35 -17.43 -5.05 -3.83
N LYS A 36 -18.55 -4.35 -3.84
CA LYS A 36 -18.57 -2.92 -3.52
C LYS A 36 -17.86 -2.65 -2.21
N GLU A 37 -18.11 -3.50 -1.23
CA GLU A 37 -17.48 -3.35 0.08
C GLU A 37 -15.97 -3.47 -0.03
N LEU A 38 -15.51 -4.26 -1.01
CA LEU A 38 -14.09 -4.43 -1.23
C LEU A 38 -13.48 -3.15 -1.78
N ARG A 39 -13.99 -2.69 -2.93
CA ARG A 39 -13.49 -1.46 -3.53
C ARG A 39 -13.62 -0.29 -2.57
N TYR A 40 -14.69 -0.31 -1.77
CA TYR A 40 -14.91 0.74 -0.78
C TYR A 40 -13.84 0.62 0.30
N LYS A 41 -13.71 -0.57 0.85
CA LYS A 41 -12.70 -0.84 1.87
C LYS A 41 -11.32 -0.54 1.30
N ILE A 42 -11.15 -0.82 0.02
CA ILE A 42 -9.89 -0.60 -0.67
C ILE A 42 -9.56 0.89 -0.77
N GLU A 43 -10.48 1.66 -1.32
CA GLU A 43 -10.27 3.10 -1.50
C GLU A 43 -10.54 3.89 -0.23
N THR A 44 -11.40 3.37 0.64
CA THR A 44 -11.76 4.06 1.87
C THR A 44 -11.01 3.52 3.09
N GLU A 45 -10.27 2.42 2.92
CA GLU A 45 -9.54 1.83 4.04
C GLU A 45 -8.11 1.41 3.66
N LEU A 46 -7.96 0.70 2.53
CA LEU A 46 -6.64 0.25 2.12
C LEU A 46 -5.78 1.40 1.59
N ILE A 47 -5.88 1.70 0.30
CA ILE A 47 -5.10 2.78 -0.31
C ILE A 47 -4.94 3.98 0.64
N PRO A 48 -6.05 4.52 1.16
CA PRO A 48 -6.00 5.66 2.08
C PRO A 48 -5.03 5.42 3.24
N ASN A 49 -4.99 4.19 3.73
CA ASN A 49 -4.10 3.83 4.83
C ASN A 49 -2.70 3.51 4.33
N CYS A 50 -2.62 2.87 3.16
CA CYS A 50 -1.33 2.52 2.58
C CYS A 50 -0.53 3.78 2.28
N THR A 51 -1.12 4.66 1.49
CA THR A 51 -0.46 5.92 1.13
C THR A 51 -0.27 6.77 2.39
N SER A 52 -1.29 6.80 3.25
CA SER A 52 -1.18 7.55 4.50
C SER A 52 0.01 7.04 5.29
N VAL A 53 0.30 5.75 5.10
CA VAL A 53 1.43 5.11 5.76
C VAL A 53 2.73 5.62 5.14
N ARG A 54 2.67 6.01 3.86
CA ARG A 54 3.83 6.56 3.17
C ARG A 54 4.21 7.90 3.77
N ASP A 55 3.24 8.82 3.77
CA ASP A 55 3.45 10.16 4.31
C ASP A 55 4.10 10.06 5.69
N LYS A 56 3.72 9.03 6.43
CA LYS A 56 4.27 8.80 7.76
C LYS A 56 5.75 8.43 7.64
N ILE A 57 6.04 7.59 6.65
CA ILE A 57 7.41 7.16 6.40
C ILE A 57 8.22 8.31 5.81
N GLU A 58 7.63 9.00 4.84
CA GLU A 58 8.28 10.12 4.20
C GLU A 58 8.46 11.27 5.18
N SER A 59 7.53 11.40 6.12
CA SER A 59 7.58 12.44 7.13
C SER A 59 8.82 12.24 8.00
N ASN A 60 9.17 10.98 8.22
CA ASN A 60 10.33 10.62 9.03
C ASN A 60 11.61 10.84 8.22
N ILE A 61 12.27 11.97 8.46
CA ILE A 61 13.51 12.31 7.75
C ILE A 61 14.49 11.14 7.70
N LEU A 62 14.45 10.28 8.71
CA LEU A 62 15.34 9.12 8.75
C LEU A 62 15.27 8.32 7.46
N ILE A 63 14.15 8.47 6.74
CA ILE A 63 13.97 7.75 5.48
C ILE A 63 14.89 8.31 4.40
N HIS A 64 15.29 9.58 4.56
CA HIS A 64 16.17 10.22 3.60
C HIS A 64 17.63 9.99 3.97
N GLN A 65 17.89 9.77 5.25
CA GLN A 65 19.25 9.53 5.74
C GLN A 65 19.65 8.08 5.56
N ASN A 66 18.78 7.18 5.99
CA ASN A 66 19.03 5.75 5.90
C ASN A 66 18.76 5.25 4.49
N GLY A 67 19.81 5.12 3.69
CA GLY A 67 19.68 4.65 2.32
C GLY A 67 18.98 3.31 2.25
N LYS A 68 19.26 2.43 3.20
CA LYS A 68 18.65 1.11 3.24
C LYS A 68 17.14 1.24 3.35
N LEU A 69 16.68 1.82 4.45
CA LEU A 69 15.25 2.00 4.68
C LEU A 69 14.62 2.84 3.56
N SER A 70 15.34 3.87 3.13
CA SER A 70 14.86 4.75 2.06
C SER A 70 14.34 3.91 0.90
N ALA A 71 15.04 2.82 0.61
CA ALA A 71 14.64 1.92 -0.46
C ALA A 71 13.47 1.06 -0.02
N ASP A 72 13.42 0.75 1.27
CA ASP A 72 12.34 -0.06 1.83
C ASP A 72 10.98 0.44 1.38
N PHE A 73 10.59 1.60 1.90
CA PHE A 73 9.31 2.21 1.56
C PHE A 73 9.22 2.47 0.05
N LYS A 74 10.31 2.94 -0.54
CA LYS A 74 10.35 3.24 -1.96
C LYS A 74 9.87 2.05 -2.79
N ASN A 75 10.29 0.85 -2.39
CA ASN A 75 9.89 -0.36 -3.09
C ASN A 75 8.41 -0.65 -2.84
N LEU A 76 7.96 -0.35 -1.62
CA LEU A 76 6.57 -0.57 -1.25
C LEU A 76 5.66 0.41 -1.98
N LYS A 77 5.91 1.69 -1.78
CA LYS A 77 5.12 2.73 -2.44
C LYS A 77 5.16 2.55 -3.94
N THR A 78 6.29 2.06 -4.43
CA THR A 78 6.47 1.81 -5.85
C THR A 78 5.59 0.65 -6.29
N LYS A 79 5.76 -0.50 -5.63
CA LYS A 79 4.97 -1.67 -5.95
C LYS A 79 3.49 -1.39 -5.72
N TYR A 80 3.21 -0.59 -4.69
CA TYR A 80 1.85 -0.22 -4.35
C TYR A 80 1.19 0.53 -5.50
N GLN A 81 1.97 1.38 -6.15
CA GLN A 81 1.46 2.16 -7.28
C GLN A 81 0.98 1.25 -8.40
N SER A 82 1.75 0.20 -8.67
CA SER A 82 1.39 -0.75 -9.70
C SER A 82 0.06 -1.44 -9.37
N LEU A 83 -0.15 -1.68 -8.09
CA LEU A 83 -1.36 -2.34 -7.63
C LEU A 83 -2.59 -1.48 -7.89
N GLN A 84 -2.52 -0.23 -7.46
CA GLN A 84 -3.65 0.70 -7.66
C GLN A 84 -4.00 0.78 -9.15
N GLN A 85 -2.96 0.83 -9.98
CA GLN A 85 -3.15 0.93 -11.43
C GLN A 85 -3.72 -0.36 -12.01
N SER A 86 -3.11 -1.49 -11.68
CA SER A 86 -3.56 -2.78 -12.18
C SER A 86 -4.99 -3.08 -11.76
N TYR A 87 -5.36 -2.60 -10.58
CA TYR A 87 -6.69 -2.81 -10.04
C TYR A 87 -7.67 -1.77 -10.56
N ASN A 88 -7.25 -0.51 -10.56
CA ASN A 88 -8.10 0.58 -11.04
C ASN A 88 -8.62 0.27 -12.44
N GLN A 89 -7.73 -0.22 -13.30
CA GLN A 89 -8.13 -0.58 -14.66
C GLN A 89 -9.12 -1.73 -14.62
N ARG A 90 -8.69 -2.83 -14.03
CA ARG A 90 -9.52 -4.02 -13.90
C ARG A 90 -10.90 -3.68 -13.37
N LYS A 91 -10.94 -2.75 -12.43
CA LYS A 91 -12.21 -2.33 -11.83
C LYS A 91 -13.09 -1.65 -12.89
N SER A 92 -12.46 -1.05 -13.88
CA SER A 92 -13.18 -0.37 -14.95
C SER A 92 -13.60 -1.36 -16.04
N LEU A 93 -12.84 -2.45 -16.18
CA LEU A 93 -13.14 -3.46 -17.18
C LEU A 93 -14.00 -4.57 -16.59
N PHE A 94 -13.89 -4.77 -15.29
CA PHE A 94 -14.64 -5.81 -14.60
C PHE A 94 -15.60 -5.22 -13.56
N PRO A 95 -16.70 -4.61 -14.01
CA PRO A 95 -17.69 -4.02 -13.11
C PRO A 95 -18.26 -5.06 -12.14
N LEU A 96 -19.33 -4.68 -11.43
CA LEU A 96 -19.97 -5.58 -10.49
C LEU A 96 -21.38 -5.94 -10.94
N LYS A 97 -21.55 -7.19 -11.37
CA LYS A 97 -22.86 -7.66 -11.83
C LYS A 97 -23.61 -8.35 -10.70
N THR A 1 14.28 1.14 23.62
CA THR A 1 14.05 1.46 22.18
C THR A 1 13.33 2.80 22.03
N ASN A 2 13.43 3.38 20.83
CA ASN A 2 12.81 4.66 20.55
C ASN A 2 11.29 4.50 20.42
N GLN A 3 10.56 5.23 21.27
CA GLN A 3 9.11 5.17 21.25
C GLN A 3 8.55 5.84 20.00
N LYS A 4 9.13 6.97 19.62
CA LYS A 4 8.69 7.71 18.45
C LYS A 4 8.89 6.87 17.18
N THR A 5 10.10 6.35 17.01
CA THR A 5 10.41 5.52 15.85
C THR A 5 9.60 4.23 15.91
N LYS A 6 9.27 3.79 17.12
CA LYS A 6 8.49 2.58 17.31
C LYS A 6 7.11 2.77 16.70
N GLU A 7 6.55 3.95 16.89
CA GLU A 7 5.23 4.27 16.34
C GLU A 7 5.27 4.19 14.82
N LEU A 8 6.40 4.60 14.26
CA LEU A 8 6.59 4.56 12.81
C LEU A 8 6.44 3.14 12.29
N SER A 9 7.17 2.21 12.91
CA SER A 9 7.10 0.80 12.52
C SER A 9 5.64 0.33 12.57
N ASN A 10 4.84 0.99 13.40
CA ASN A 10 3.43 0.64 13.53
C ASN A 10 2.70 1.03 12.24
N LEU A 11 3.08 2.16 11.67
CA LEU A 11 2.49 2.62 10.42
C LEU A 11 3.00 1.76 9.29
N ILE A 12 4.30 1.52 9.30
CA ILE A 12 4.94 0.69 8.30
C ILE A 12 4.40 -0.73 8.37
N GLU A 13 4.27 -1.24 9.60
CA GLU A 13 3.75 -2.58 9.81
C GLU A 13 2.39 -2.74 9.13
N THR A 14 1.62 -1.65 9.12
CA THR A 14 0.32 -1.65 8.47
C THR A 14 0.50 -1.54 6.97
N PHE A 15 1.45 -0.70 6.55
CA PHE A 15 1.76 -0.53 5.15
C PHE A 15 2.18 -1.86 4.56
N ALA A 16 3.02 -2.59 5.30
CA ALA A 16 3.48 -3.90 4.86
C ALA A 16 2.29 -4.81 4.62
N GLU A 17 1.28 -4.67 5.48
CA GLU A 17 0.07 -5.47 5.36
C GLU A 17 -0.76 -4.94 4.19
N GLN A 18 -0.89 -3.61 4.11
CA GLN A 18 -1.62 -2.97 3.05
C GLN A 18 -0.98 -3.31 1.70
N SER A 19 0.35 -3.40 1.71
CA SER A 19 1.10 -3.75 0.51
C SER A 19 0.66 -5.11 -0.01
N ARG A 20 0.71 -6.10 0.86
CA ARG A 20 0.29 -7.45 0.50
C ARG A 20 -1.20 -7.44 0.16
N VAL A 21 -1.92 -6.50 0.78
CA VAL A 21 -3.34 -6.36 0.54
C VAL A 21 -3.58 -5.88 -0.89
N LEU A 22 -2.90 -4.81 -1.27
CA LEU A 22 -3.04 -4.29 -2.62
C LEU A 22 -2.83 -5.41 -3.62
N GLU A 23 -1.75 -6.16 -3.44
CA GLU A 23 -1.46 -7.28 -4.32
C GLU A 23 -2.56 -8.33 -4.21
N LYS A 24 -3.17 -8.42 -3.04
CA LYS A 24 -4.24 -9.39 -2.79
C LYS A 24 -5.50 -8.95 -3.54
N GLU A 25 -5.91 -7.71 -3.34
CA GLU A 25 -7.09 -7.19 -4.00
C GLU A 25 -6.81 -7.03 -5.49
N CYS A 26 -5.57 -6.64 -5.80
CA CYS A 26 -5.15 -6.46 -7.18
C CYS A 26 -5.13 -7.79 -7.91
N THR A 27 -4.72 -8.86 -7.22
CA THR A 27 -4.69 -10.18 -7.85
C THR A 27 -6.10 -10.60 -8.23
N LYS A 28 -7.08 -10.13 -7.46
CA LYS A 28 -8.48 -10.45 -7.72
C LYS A 28 -9.03 -9.57 -8.84
N ILE A 29 -8.43 -8.39 -9.02
CA ILE A 29 -8.86 -7.47 -10.06
C ILE A 29 -8.94 -8.16 -11.42
N GLY A 30 -10.12 -8.07 -12.04
CA GLY A 30 -10.32 -8.70 -13.32
C GLY A 30 -10.20 -10.21 -13.26
N SER A 31 -10.40 -10.77 -12.07
CA SER A 31 -10.31 -12.22 -11.88
C SER A 31 -11.42 -12.74 -10.97
N LYS A 32 -12.52 -13.14 -11.58
CA LYS A 32 -13.66 -13.68 -10.83
C LYS A 32 -14.26 -12.63 -9.90
N ARG A 33 -13.56 -12.39 -8.78
CA ARG A 33 -14.02 -11.41 -7.80
C ARG A 33 -14.21 -10.03 -8.41
N ASP A 34 -13.63 -9.82 -9.59
CA ASP A 34 -13.73 -8.55 -10.30
C ASP A 34 -15.10 -7.89 -10.11
N SER A 35 -15.14 -6.82 -9.33
CA SER A 35 -16.38 -6.11 -9.05
C SER A 35 -16.11 -4.66 -8.66
N LYS A 36 -17.00 -3.76 -9.08
CA LYS A 36 -16.87 -2.34 -8.78
C LYS A 36 -16.58 -2.12 -7.31
N GLU A 37 -17.27 -2.87 -6.46
CA GLU A 37 -17.09 -2.78 -5.02
C GLU A 37 -15.63 -2.93 -4.64
N LEU A 38 -15.01 -3.98 -5.17
CA LEU A 38 -13.61 -4.24 -4.90
C LEU A 38 -12.76 -3.07 -5.37
N ARG A 39 -12.91 -2.70 -6.64
CA ARG A 39 -12.14 -1.58 -7.20
C ARG A 39 -12.38 -0.33 -6.36
N TYR A 40 -13.61 -0.18 -5.88
CA TYR A 40 -13.95 0.97 -5.05
C TYR A 40 -13.25 0.86 -3.72
N LYS A 41 -13.44 -0.26 -3.05
CA LYS A 41 -12.80 -0.51 -1.76
C LYS A 41 -11.30 -0.29 -1.87
N ILE A 42 -10.74 -0.64 -3.02
CA ILE A 42 -9.33 -0.49 -3.27
C ILE A 42 -8.91 0.98 -3.35
N GLU A 43 -9.53 1.72 -4.26
CA GLU A 43 -9.21 3.14 -4.46
C GLU A 43 -9.83 4.02 -3.38
N THR A 44 -10.91 3.57 -2.77
CA THR A 44 -11.60 4.34 -1.75
C THR A 44 -11.18 3.93 -0.33
N GLU A 45 -10.54 2.77 -0.20
CA GLU A 45 -10.13 2.31 1.13
C GLU A 45 -8.66 1.85 1.16
N LEU A 46 -8.28 0.95 0.26
CA LEU A 46 -6.91 0.46 0.23
C LEU A 46 -5.90 1.56 -0.11
N ILE A 47 -5.65 1.75 -1.40
CA ILE A 47 -4.69 2.77 -1.86
C ILE A 47 -4.72 4.03 -1.00
N PRO A 48 -5.90 4.67 -0.87
CA PRO A 48 -6.04 5.89 -0.06
C PRO A 48 -5.43 5.73 1.32
N ASN A 49 -5.54 4.52 1.87
CA ASN A 49 -5.01 4.23 3.21
C ASN A 49 -3.53 3.83 3.14
N CYS A 50 -3.15 3.13 2.08
CA CYS A 50 -1.76 2.71 1.92
C CYS A 50 -0.86 3.92 1.78
N THR A 51 -1.17 4.77 0.82
CA THR A 51 -0.39 5.98 0.59
C THR A 51 -0.52 6.91 1.80
N SER A 52 -1.75 7.04 2.31
CA SER A 52 -1.97 7.87 3.48
C SER A 52 -1.07 7.39 4.62
N VAL A 53 -0.79 6.09 4.60
CA VAL A 53 0.07 5.47 5.58
C VAL A 53 1.52 5.90 5.31
N ARG A 54 1.83 6.16 4.04
CA ARG A 54 3.16 6.60 3.65
C ARG A 54 3.42 7.98 4.22
N ASP A 55 2.54 8.92 3.88
CA ASP A 55 2.66 10.30 4.36
C ASP A 55 2.90 10.30 5.86
N LYS A 56 2.27 9.38 6.55
CA LYS A 56 2.42 9.26 7.99
C LYS A 56 3.84 8.82 8.33
N ILE A 57 4.35 7.88 7.54
CA ILE A 57 5.70 7.38 7.72
C ILE A 57 6.72 8.43 7.29
N GLU A 58 6.44 9.07 6.15
CA GLU A 58 7.32 10.10 5.62
C GLU A 58 7.30 11.33 6.52
N SER A 59 6.14 11.59 7.13
CA SER A 59 6.01 12.74 8.02
C SER A 59 6.92 12.57 9.22
N ASN A 60 7.10 11.31 9.64
CA ASN A 60 7.96 10.99 10.78
C ASN A 60 9.43 11.09 10.37
N ILE A 61 10.03 12.24 10.64
CA ILE A 61 11.43 12.47 10.30
C ILE A 61 12.33 11.29 10.65
N LEU A 62 11.95 10.56 11.70
CA LEU A 62 12.73 9.40 12.12
C LEU A 62 12.97 8.45 10.96
N ILE A 63 12.12 8.52 9.94
CA ILE A 63 12.24 7.67 8.76
C ILE A 63 13.48 8.07 7.95
N HIS A 64 13.88 9.34 8.06
CA HIS A 64 15.05 9.83 7.34
C HIS A 64 16.32 9.61 8.15
N GLN A 65 16.17 9.54 9.48
CA GLN A 65 17.30 9.34 10.37
C GLN A 65 17.67 7.86 10.45
N ASN A 66 16.66 7.01 10.64
CA ASN A 66 16.87 5.58 10.74
C ASN A 66 17.03 4.96 9.36
N GLY A 67 18.27 4.71 8.97
CA GLY A 67 18.55 4.13 7.67
C GLY A 67 17.80 2.83 7.44
N LYS A 68 17.75 1.99 8.48
CA LYS A 68 17.06 0.71 8.39
C LYS A 68 15.59 0.92 8.06
N LEU A 69 14.85 1.53 8.98
CA LEU A 69 13.43 1.79 8.78
C LEU A 69 13.18 2.55 7.49
N SER A 70 14.05 3.51 7.20
CA SER A 70 13.93 4.31 5.99
C SER A 70 13.70 3.41 4.78
N ALA A 71 14.42 2.30 4.75
CA ALA A 71 14.29 1.32 3.67
C ALA A 71 12.99 0.54 3.82
N ASP A 72 12.57 0.34 5.07
CA ASP A 72 11.34 -0.38 5.37
C ASP A 72 10.18 0.11 4.51
N PHE A 73 9.72 1.33 4.82
CA PHE A 73 8.61 1.92 4.09
C PHE A 73 8.93 2.03 2.59
N LYS A 74 10.16 2.43 2.28
CA LYS A 74 10.60 2.57 0.90
C LYS A 74 10.29 1.32 0.08
N ASN A 75 10.52 0.16 0.69
CA ASN A 75 10.27 -1.11 0.04
C ASN A 75 8.77 -1.35 -0.11
N LEU A 76 8.01 -0.91 0.88
CA LEU A 76 6.56 -1.07 0.86
C LEU A 76 5.93 -0.17 -0.20
N LYS A 77 6.16 1.14 -0.07
CA LYS A 77 5.61 2.08 -1.03
C LYS A 77 6.07 1.71 -2.44
N THR A 78 7.30 1.21 -2.54
CA THR A 78 7.86 0.80 -3.81
C THR A 78 7.12 -0.42 -4.34
N LYS A 79 7.07 -1.47 -3.53
CA LYS A 79 6.37 -2.69 -3.93
C LYS A 79 4.90 -2.39 -4.19
N TYR A 80 4.35 -1.49 -3.39
CA TYR A 80 2.95 -1.10 -3.52
C TYR A 80 2.70 -0.42 -4.87
N GLN A 81 3.58 0.50 -5.24
CA GLN A 81 3.47 1.20 -6.50
C GLN A 81 3.26 0.21 -7.64
N SER A 82 4.04 -0.85 -7.63
CA SER A 82 3.94 -1.88 -8.65
C SER A 82 2.56 -2.52 -8.64
N LEU A 83 2.00 -2.65 -7.44
CA LEU A 83 0.69 -3.25 -7.27
C LEU A 83 -0.38 -2.42 -7.96
N GLN A 84 -0.39 -1.12 -7.66
CA GLN A 84 -1.39 -0.24 -8.26
C GLN A 84 -1.27 -0.29 -9.77
N GLN A 85 -0.06 -0.10 -10.27
CA GLN A 85 0.20 -0.12 -11.70
C GLN A 85 -0.19 -1.45 -12.33
N SER A 86 0.19 -2.56 -11.70
CA SER A 86 -0.13 -3.88 -12.23
C SER A 86 -1.63 -4.09 -12.30
N TYR A 87 -2.34 -3.58 -11.31
CA TYR A 87 -3.78 -3.71 -11.23
C TYR A 87 -4.50 -2.64 -12.05
N ASN A 88 -4.04 -1.39 -11.94
CA ASN A 88 -4.66 -0.30 -12.67
C ASN A 88 -4.74 -0.65 -14.16
N GLN A 89 -3.69 -1.25 -14.70
CA GLN A 89 -3.69 -1.65 -16.09
C GLN A 89 -4.71 -2.75 -16.30
N ARG A 90 -4.55 -3.81 -15.53
CA ARG A 90 -5.44 -4.96 -15.59
C ARG A 90 -6.90 -4.52 -15.50
N LYS A 91 -7.18 -3.55 -14.65
CA LYS A 91 -8.53 -3.05 -14.48
C LYS A 91 -9.03 -2.41 -15.79
N SER A 92 -8.10 -1.87 -16.56
CA SER A 92 -8.43 -1.25 -17.84
C SER A 92 -8.64 -2.31 -18.91
N LEU A 93 -8.03 -3.47 -18.72
CA LEU A 93 -8.15 -4.59 -19.66
C LEU A 93 -9.30 -5.51 -19.23
N PHE A 94 -9.57 -5.54 -17.93
CA PHE A 94 -10.63 -6.38 -17.38
C PHE A 94 -11.77 -5.52 -16.84
N PRO A 95 -12.48 -4.81 -17.73
CA PRO A 95 -13.60 -3.95 -17.34
C PRO A 95 -14.69 -4.71 -16.60
N LEU A 96 -15.57 -3.97 -15.92
CA LEU A 96 -16.65 -4.59 -15.17
C LEU A 96 -17.97 -4.49 -15.94
N LYS A 97 -18.48 -5.65 -16.36
CA LYS A 97 -19.74 -5.71 -17.10
C LYS A 97 -20.14 -7.15 -17.37
N THR A 1 17.79 9.32 17.37
CA THR A 1 18.53 8.07 17.69
C THR A 1 18.11 6.92 16.78
N ASN A 2 18.80 5.80 16.90
CA ASN A 2 18.50 4.63 16.08
C ASN A 2 17.10 4.10 16.38
N GLN A 3 16.66 4.28 17.62
CA GLN A 3 15.34 3.83 18.05
C GLN A 3 14.24 4.48 17.20
N LYS A 4 14.49 5.72 16.79
CA LYS A 4 13.52 6.45 15.98
C LYS A 4 13.30 5.75 14.64
N THR A 5 14.38 5.33 14.01
CA THR A 5 14.31 4.65 12.73
C THR A 5 13.54 3.34 12.89
N LYS A 6 13.61 2.77 14.09
CA LYS A 6 12.92 1.51 14.37
C LYS A 6 11.42 1.73 14.23
N GLU A 7 10.95 2.89 14.69
CA GLU A 7 9.55 3.25 14.60
C GLU A 7 9.12 3.34 13.13
N LEU A 8 10.06 3.77 12.29
CA LEU A 8 9.80 3.88 10.87
C LEU A 8 9.53 2.50 10.27
N SER A 9 10.42 1.56 10.57
CA SER A 9 10.27 0.20 10.07
C SER A 9 8.91 -0.37 10.46
N ASN A 10 8.35 0.15 11.55
CA ASN A 10 7.05 -0.30 12.01
C ASN A 10 5.97 0.16 11.03
N LEU A 11 6.11 1.38 10.53
CA LEU A 11 5.17 1.92 9.56
C LEU A 11 5.37 1.20 8.24
N ILE A 12 6.63 1.04 7.86
CA ILE A 12 6.98 0.34 6.64
C ILE A 12 6.52 -1.11 6.72
N GLU A 13 6.76 -1.72 7.86
CA GLU A 13 6.38 -3.11 8.08
C GLU A 13 4.89 -3.30 7.78
N THR A 14 4.10 -2.28 8.08
CA THR A 14 2.67 -2.35 7.80
C THR A 14 2.43 -2.09 6.32
N PHE A 15 3.22 -1.19 5.75
CA PHE A 15 3.12 -0.88 4.34
C PHE A 15 3.43 -2.13 3.54
N ALA A 16 4.45 -2.86 3.97
CA ALA A 16 4.82 -4.09 3.32
C ALA A 16 3.65 -5.07 3.35
N GLU A 17 2.88 -5.01 4.43
CA GLU A 17 1.72 -5.86 4.59
C GLU A 17 0.58 -5.31 3.73
N GLN A 18 0.41 -3.99 3.79
CA GLN A 18 -0.62 -3.31 3.01
C GLN A 18 -0.35 -3.51 1.52
N SER A 19 0.93 -3.54 1.17
CA SER A 19 1.34 -3.75 -0.22
C SER A 19 0.79 -5.07 -0.72
N ARG A 20 1.13 -6.14 -0.01
CA ARG A 20 0.65 -7.47 -0.37
C ARG A 20 -0.87 -7.49 -0.29
N VAL A 21 -1.41 -6.67 0.60
CA VAL A 21 -2.85 -6.57 0.77
C VAL A 21 -3.47 -5.97 -0.49
N LEU A 22 -2.97 -4.82 -0.91
CA LEU A 22 -3.48 -4.19 -2.11
C LEU A 22 -3.49 -5.20 -3.26
N GLU A 23 -2.38 -5.89 -3.43
CA GLU A 23 -2.29 -6.90 -4.46
C GLU A 23 -3.27 -8.03 -4.20
N LYS A 24 -3.58 -8.27 -2.92
CA LYS A 24 -4.52 -9.31 -2.53
C LYS A 24 -5.94 -8.89 -2.86
N GLU A 25 -6.32 -7.69 -2.42
CA GLU A 25 -7.64 -7.18 -2.70
C GLU A 25 -7.77 -6.83 -4.18
N CYS A 26 -6.66 -6.37 -4.76
CA CYS A 26 -6.63 -6.01 -6.17
C CYS A 26 -6.79 -7.25 -7.03
N THR A 27 -6.21 -8.37 -6.59
CA THR A 27 -6.32 -9.61 -7.34
C THR A 27 -7.77 -10.07 -7.37
N LYS A 28 -8.51 -9.73 -6.32
CA LYS A 28 -9.91 -10.09 -6.22
C LYS A 28 -10.76 -9.19 -7.10
N ILE A 29 -10.25 -8.00 -7.42
CA ILE A 29 -10.97 -7.05 -8.25
C ILE A 29 -11.28 -7.66 -9.63
N GLY A 30 -12.50 -7.43 -10.08
CA GLY A 30 -12.92 -7.93 -11.37
C GLY A 30 -13.13 -9.43 -11.42
N SER A 31 -12.98 -10.11 -10.28
CA SER A 31 -13.15 -11.55 -10.23
C SER A 31 -14.34 -11.92 -9.34
N LYS A 32 -14.59 -13.22 -9.19
CA LYS A 32 -15.70 -13.69 -8.36
C LYS A 32 -15.66 -13.04 -6.98
N ARG A 33 -14.47 -12.66 -6.54
CA ARG A 33 -14.31 -12.02 -5.24
C ARG A 33 -14.68 -10.54 -5.30
N ASP A 34 -14.59 -9.96 -6.49
CA ASP A 34 -14.93 -8.54 -6.68
C ASP A 34 -16.24 -8.19 -5.99
N SER A 35 -16.20 -7.14 -5.17
CA SER A 35 -17.39 -6.69 -4.44
C SER A 35 -17.27 -5.22 -4.07
N LYS A 36 -18.39 -4.51 -4.10
CA LYS A 36 -18.41 -3.10 -3.76
C LYS A 36 -17.72 -2.85 -2.43
N GLU A 37 -17.98 -3.72 -1.48
CA GLU A 37 -17.37 -3.59 -0.15
C GLU A 37 -15.85 -3.70 -0.25
N LEU A 38 -15.38 -4.46 -1.24
CA LEU A 38 -13.95 -4.64 -1.44
C LEU A 38 -13.35 -3.34 -1.96
N ARG A 39 -13.84 -2.86 -3.11
CA ARG A 39 -13.32 -1.62 -3.69
C ARG A 39 -13.49 -0.47 -2.70
N TYR A 40 -14.58 -0.50 -1.93
CA TYR A 40 -14.81 0.53 -0.93
C TYR A 40 -13.76 0.40 0.17
N LYS A 41 -13.64 -0.80 0.70
CA LYS A 41 -12.66 -1.07 1.74
C LYS A 41 -11.25 -0.76 1.21
N ILE A 42 -11.07 -1.03 -0.08
CA ILE A 42 -9.80 -0.78 -0.73
C ILE A 42 -9.47 0.71 -0.80
N GLU A 43 -10.39 1.49 -1.37
CA GLU A 43 -10.18 2.93 -1.52
C GLU A 43 -10.49 3.71 -0.25
N THR A 44 -11.36 3.16 0.60
CA THR A 44 -11.74 3.83 1.83
C THR A 44 -11.00 3.28 3.04
N GLU A 45 -10.25 2.18 2.88
CA GLU A 45 -9.52 1.60 4.00
C GLU A 45 -8.09 1.20 3.61
N LEU A 46 -7.93 0.48 2.50
CA LEU A 46 -6.60 0.03 2.09
C LEU A 46 -5.75 1.21 1.61
N ILE A 47 -5.84 1.53 0.31
CA ILE A 47 -5.07 2.63 -0.27
C ILE A 47 -4.93 3.82 0.70
N PRO A 48 -6.05 4.34 1.21
CA PRO A 48 -6.03 5.48 2.15
C PRO A 48 -5.05 5.24 3.30
N ASN A 49 -4.97 3.99 3.74
CA ASN A 49 -4.07 3.64 4.84
C ASN A 49 -2.67 3.32 4.32
N CYS A 50 -2.59 2.70 3.16
CA CYS A 50 -1.30 2.35 2.57
C CYS A 50 -0.52 3.62 2.27
N THR A 51 -1.10 4.49 1.45
CA THR A 51 -0.45 5.74 1.11
C THR A 51 -0.27 6.61 2.35
N SER A 52 -1.28 6.62 3.22
CA SER A 52 -1.20 7.38 4.46
C SER A 52 0.01 6.88 5.25
N VAL A 53 0.29 5.59 5.10
CA VAL A 53 1.41 4.96 5.75
C VAL A 53 2.71 5.48 5.15
N ARG A 54 2.64 5.91 3.89
CA ARG A 54 3.79 6.48 3.19
C ARG A 54 4.16 7.81 3.82
N ASP A 55 3.20 8.74 3.82
CA ASP A 55 3.41 10.06 4.39
C ASP A 55 4.03 9.95 5.77
N LYS A 56 3.63 8.92 6.52
CA LYS A 56 4.16 8.69 7.84
C LYS A 56 5.64 8.33 7.75
N ILE A 57 5.95 7.48 6.77
CA ILE A 57 7.33 7.07 6.53
C ILE A 57 8.13 8.23 5.94
N GLU A 58 7.55 8.91 4.97
CA GLU A 58 8.20 10.04 4.33
C GLU A 58 8.35 11.19 5.32
N SER A 59 7.40 11.30 6.25
CA SER A 59 7.46 12.35 7.26
C SER A 59 8.68 12.16 8.14
N ASN A 60 9.04 10.90 8.36
CA ASN A 60 10.20 10.56 9.17
C ASN A 60 11.48 10.77 8.37
N ILE A 61 12.14 11.89 8.60
CA ILE A 61 13.37 12.23 7.88
C ILE A 61 14.37 11.07 7.88
N LEU A 62 14.32 10.24 8.91
CA LEU A 62 15.23 9.10 9.00
C LEU A 62 15.17 8.26 7.73
N ILE A 63 14.06 8.35 7.00
CA ILE A 63 13.91 7.61 5.76
C ILE A 63 14.88 8.11 4.72
N HIS A 64 15.19 9.40 4.78
CA HIS A 64 16.11 10.02 3.85
C HIS A 64 17.55 9.89 4.36
N GLN A 65 17.70 9.76 5.68
CA GLN A 65 19.00 9.62 6.30
C GLN A 65 19.50 8.18 6.18
N ASN A 66 18.57 7.23 6.28
CA ASN A 66 18.90 5.81 6.19
C ASN A 66 19.08 5.40 4.73
N GLY A 67 19.85 4.35 4.51
CA GLY A 67 20.08 3.87 3.16
C GLY A 67 19.17 2.72 2.78
N LYS A 68 19.33 1.60 3.49
CA LYS A 68 18.52 0.41 3.23
C LYS A 68 17.03 0.72 3.40
N LEU A 69 16.68 1.29 4.56
CA LEU A 69 15.29 1.63 4.84
C LEU A 69 14.70 2.54 3.79
N SER A 70 15.48 3.54 3.37
CA SER A 70 15.02 4.48 2.34
C SER A 70 14.44 3.72 1.16
N ALA A 71 15.12 2.65 0.76
CA ALA A 71 14.67 1.82 -0.33
C ALA A 71 13.47 0.99 0.09
N ASP A 72 13.42 0.65 1.38
CA ASP A 72 12.33 -0.14 1.93
C ASP A 72 10.98 0.39 1.48
N PHE A 73 10.59 1.53 2.02
CA PHE A 73 9.32 2.16 1.68
C PHE A 73 9.24 2.44 0.17
N LYS A 74 10.34 2.90 -0.40
CA LYS A 74 10.39 3.21 -1.83
C LYS A 74 9.87 2.04 -2.66
N ASN A 75 10.29 0.84 -2.28
CA ASN A 75 9.86 -0.37 -2.98
C ASN A 75 8.39 -0.66 -2.72
N LEU A 76 7.96 -0.37 -1.50
CA LEU A 76 6.58 -0.60 -1.11
C LEU A 76 5.64 0.36 -1.84
N LYS A 77 5.84 1.65 -1.61
CA LYS A 77 5.02 2.67 -2.26
C LYS A 77 5.06 2.47 -3.77
N THR A 78 6.22 2.07 -4.26
CA THR A 78 6.40 1.83 -5.69
C THR A 78 5.59 0.62 -6.13
N LYS A 79 5.83 -0.52 -5.48
CA LYS A 79 5.10 -1.74 -5.81
C LYS A 79 3.61 -1.51 -5.62
N TYR A 80 3.28 -0.70 -4.62
CA TYR A 80 1.89 -0.37 -4.31
C TYR A 80 1.25 0.33 -5.51
N GLN A 81 2.02 1.20 -6.17
CA GLN A 81 1.53 1.93 -7.33
C GLN A 81 1.04 0.96 -8.41
N SER A 82 1.86 -0.05 -8.70
CA SER A 82 1.51 -1.03 -9.71
C SER A 82 0.19 -1.72 -9.38
N LEU A 83 -0.03 -1.94 -8.08
CA LEU A 83 -1.24 -2.59 -7.61
C LEU A 83 -2.46 -1.73 -7.90
N GLN A 84 -2.41 -0.48 -7.48
CA GLN A 84 -3.53 0.43 -7.70
C GLN A 84 -3.85 0.53 -9.19
N GLN A 85 -2.80 0.60 -10.01
CA GLN A 85 -2.95 0.71 -11.45
C GLN A 85 -3.55 -0.55 -12.06
N SER A 86 -3.00 -1.70 -11.70
CA SER A 86 -3.48 -2.98 -12.22
C SER A 86 -4.94 -3.21 -11.83
N TYR A 87 -5.28 -2.82 -10.61
CA TYR A 87 -6.63 -2.98 -10.09
C TYR A 87 -7.55 -1.86 -10.57
N ASN A 88 -7.04 -0.63 -10.55
CA ASN A 88 -7.83 0.52 -10.99
C ASN A 88 -8.42 0.27 -12.37
N GLN A 89 -7.59 -0.24 -13.27
CA GLN A 89 -8.05 -0.54 -14.62
C GLN A 89 -9.12 -1.61 -14.58
N ARG A 90 -8.75 -2.77 -14.02
CA ARG A 90 -9.67 -3.90 -13.89
C ARG A 90 -11.00 -3.45 -13.30
N LYS A 91 -10.94 -2.59 -12.30
CA LYS A 91 -12.14 -2.10 -11.64
C LYS A 91 -13.02 -1.34 -12.63
N SER A 92 -12.38 -0.76 -13.65
CA SER A 92 -13.10 0.00 -14.67
C SER A 92 -13.62 -0.92 -15.77
N LEU A 93 -12.95 -2.05 -15.96
CA LEU A 93 -13.35 -3.02 -16.97
C LEU A 93 -14.30 -4.06 -16.40
N PHE A 94 -14.20 -4.29 -15.09
CA PHE A 94 -15.04 -5.29 -14.42
C PHE A 94 -15.91 -4.65 -13.34
N PRO A 95 -16.97 -3.93 -13.74
CA PRO A 95 -17.88 -3.28 -12.79
C PRO A 95 -18.63 -4.30 -11.94
N LEU A 96 -19.75 -3.87 -11.34
CA LEU A 96 -20.54 -4.76 -10.52
C LEU A 96 -22.04 -4.58 -10.81
N LYS A 97 -22.68 -5.68 -11.22
CA LYS A 97 -24.10 -5.65 -11.53
C LYS A 97 -24.94 -5.50 -10.27
N THR A 1 18.35 5.14 21.01
CA THR A 1 18.78 6.17 20.03
C THR A 1 18.32 5.80 18.62
N ASN A 2 18.42 4.52 18.27
CA ASN A 2 18.02 4.03 16.96
C ASN A 2 16.55 3.62 16.95
N GLN A 3 15.79 4.08 17.93
CA GLN A 3 14.37 3.74 18.03
C GLN A 3 13.56 4.52 17.00
N LYS A 4 13.94 5.78 16.78
CA LYS A 4 13.25 6.64 15.82
C LYS A 4 13.17 5.97 14.45
N THR A 5 14.29 5.48 13.96
CA THR A 5 14.33 4.80 12.68
C THR A 5 13.63 3.46 12.79
N LYS A 6 13.64 2.88 13.99
CA LYS A 6 12.99 1.61 14.24
C LYS A 6 11.48 1.77 14.08
N GLU A 7 10.97 2.91 14.54
CA GLU A 7 9.55 3.21 14.43
C GLU A 7 9.15 3.27 12.97
N LEU A 8 10.06 3.80 12.14
CA LEU A 8 9.82 3.91 10.71
C LEU A 8 9.58 2.53 10.11
N SER A 9 10.48 1.60 10.39
CA SER A 9 10.34 0.23 9.89
C SER A 9 9.00 -0.34 10.31
N ASN A 10 8.44 0.19 11.40
CA ASN A 10 7.15 -0.25 11.89
C ASN A 10 6.06 0.19 10.93
N LEU A 11 6.21 1.39 10.39
CA LEU A 11 5.27 1.93 9.42
C LEU A 11 5.45 1.21 8.09
N ILE A 12 6.72 1.03 7.72
CA ILE A 12 7.06 0.34 6.49
C ILE A 12 6.62 -1.11 6.58
N GLU A 13 6.88 -1.73 7.73
CA GLU A 13 6.49 -3.11 7.96
C GLU A 13 5.01 -3.30 7.68
N THR A 14 4.23 -2.27 7.98
CA THR A 14 2.80 -2.31 7.74
C THR A 14 2.54 -2.05 6.26
N PHE A 15 3.28 -1.09 5.70
CA PHE A 15 3.16 -0.77 4.29
C PHE A 15 3.46 -2.00 3.45
N ALA A 16 4.48 -2.75 3.87
CA ALA A 16 4.86 -3.97 3.19
C ALA A 16 3.69 -4.94 3.18
N GLU A 17 2.97 -4.99 4.31
CA GLU A 17 1.81 -5.85 4.43
C GLU A 17 0.66 -5.27 3.61
N GLN A 18 0.46 -3.96 3.75
CA GLN A 18 -0.58 -3.27 3.02
C GLN A 18 -0.34 -3.40 1.52
N SER A 19 0.94 -3.40 1.15
CA SER A 19 1.32 -3.55 -0.25
C SER A 19 0.84 -4.89 -0.77
N ARG A 20 1.15 -5.95 -0.04
CA ARG A 20 0.71 -7.29 -0.41
C ARG A 20 -0.81 -7.34 -0.34
N VAL A 21 -1.37 -6.55 0.56
CA VAL A 21 -2.81 -6.48 0.73
C VAL A 21 -3.45 -5.88 -0.51
N LEU A 22 -2.98 -4.71 -0.92
CA LEU A 22 -3.50 -4.07 -2.10
C LEU A 22 -3.50 -5.05 -3.27
N GLU A 23 -2.39 -5.75 -3.45
CA GLU A 23 -2.30 -6.74 -4.50
C GLU A 23 -3.25 -7.90 -4.22
N LYS A 24 -3.49 -8.16 -2.94
CA LYS A 24 -4.40 -9.23 -2.53
C LYS A 24 -5.83 -8.84 -2.85
N GLU A 25 -6.23 -7.64 -2.43
CA GLU A 25 -7.57 -7.16 -2.72
C GLU A 25 -7.70 -6.87 -4.21
N CYS A 26 -6.62 -6.35 -4.78
CA CYS A 26 -6.59 -6.03 -6.20
C CYS A 26 -6.71 -7.30 -7.04
N THR A 27 -6.08 -8.38 -6.58
CA THR A 27 -6.16 -9.63 -7.31
C THR A 27 -7.60 -10.13 -7.32
N LYS A 28 -8.35 -9.78 -6.28
CA LYS A 28 -9.74 -10.17 -6.16
C LYS A 28 -10.62 -9.27 -7.02
N ILE A 29 -10.16 -8.05 -7.27
CA ILE A 29 -10.91 -7.09 -8.08
C ILE A 29 -11.29 -7.71 -9.42
N GLY A 30 -12.58 -7.70 -9.71
CA GLY A 30 -13.07 -8.27 -10.95
C GLY A 30 -12.77 -9.74 -11.06
N SER A 31 -12.61 -10.40 -9.91
CA SER A 31 -12.31 -11.84 -9.90
C SER A 31 -13.18 -12.58 -8.90
N LYS A 32 -14.44 -12.80 -9.26
CA LYS A 32 -15.38 -13.52 -8.40
C LYS A 32 -15.70 -12.71 -7.14
N ARG A 33 -14.71 -12.55 -6.27
CA ARG A 33 -14.87 -11.81 -5.03
C ARG A 33 -15.33 -10.37 -5.30
N ASP A 34 -15.13 -9.91 -6.54
CA ASP A 34 -15.51 -8.55 -6.93
C ASP A 34 -16.78 -8.07 -6.22
N SER A 35 -16.65 -7.01 -5.43
CA SER A 35 -17.78 -6.46 -4.69
C SER A 35 -17.52 -5.02 -4.28
N LYS A 36 -18.58 -4.21 -4.25
CA LYS A 36 -18.47 -2.80 -3.88
C LYS A 36 -17.73 -2.65 -2.55
N GLU A 37 -18.09 -3.49 -1.59
CA GLU A 37 -17.46 -3.45 -0.27
C GLU A 37 -15.95 -3.56 -0.40
N LEU A 38 -15.49 -4.44 -1.28
CA LEU A 38 -14.07 -4.63 -1.50
C LEU A 38 -13.46 -3.34 -2.04
N ARG A 39 -13.98 -2.88 -3.18
CA ARG A 39 -13.47 -1.65 -3.80
C ARG A 39 -13.55 -0.50 -2.80
N TYR A 40 -14.59 -0.51 -1.98
CA TYR A 40 -14.77 0.53 -0.97
C TYR A 40 -13.72 0.37 0.11
N LYS A 41 -13.63 -0.84 0.66
CA LYS A 41 -12.64 -1.13 1.69
C LYS A 41 -11.24 -0.80 1.18
N ILE A 42 -11.03 -1.00 -0.11
CA ILE A 42 -9.74 -0.74 -0.73
C ILE A 42 -9.43 0.76 -0.79
N GLU A 43 -10.35 1.53 -1.37
CA GLU A 43 -10.15 2.98 -1.49
C GLU A 43 -10.49 3.73 -0.21
N THR A 44 -11.35 3.15 0.62
CA THR A 44 -11.76 3.80 1.86
C THR A 44 -11.00 3.27 3.07
N GLU A 45 -10.25 2.17 2.90
CA GLU A 45 -9.52 1.60 4.02
C GLU A 45 -8.07 1.23 3.64
N LEU A 46 -7.89 0.52 2.54
CA LEU A 46 -6.56 0.10 2.11
C LEU A 46 -5.74 1.29 1.63
N ILE A 47 -5.85 1.63 0.34
CA ILE A 47 -5.10 2.74 -0.24
C ILE A 47 -4.95 3.91 0.74
N PRO A 48 -6.06 4.44 1.27
CA PRO A 48 -6.03 5.55 2.22
C PRO A 48 -5.05 5.30 3.37
N ASN A 49 -4.98 4.04 3.81
CA ASN A 49 -4.10 3.67 4.90
C ASN A 49 -2.70 3.36 4.40
N CYS A 50 -2.60 2.77 3.21
CA CYS A 50 -1.30 2.45 2.63
C CYS A 50 -0.52 3.72 2.35
N THR A 51 -1.13 4.61 1.58
CA THR A 51 -0.50 5.89 1.26
C THR A 51 -0.31 6.71 2.53
N SER A 52 -1.33 6.72 3.38
CA SER A 52 -1.24 7.44 4.65
C SER A 52 -0.03 6.93 5.42
N VAL A 53 0.28 5.65 5.21
CA VAL A 53 1.41 5.01 5.84
C VAL A 53 2.71 5.55 5.23
N ARG A 54 2.63 5.95 3.96
CA ARG A 54 3.78 6.52 3.26
C ARG A 54 4.12 7.87 3.87
N ASP A 55 3.13 8.77 3.88
CA ASP A 55 3.31 10.10 4.44
C ASP A 55 3.97 10.01 5.81
N LYS A 56 3.67 8.93 6.53
CA LYS A 56 4.24 8.70 7.84
C LYS A 56 5.71 8.32 7.71
N ILE A 57 6.00 7.49 6.71
CA ILE A 57 7.37 7.07 6.46
C ILE A 57 8.17 8.22 5.87
N GLU A 58 7.59 8.91 4.89
CA GLU A 58 8.24 10.03 4.25
C GLU A 58 8.40 11.18 5.24
N SER A 59 7.45 11.30 6.16
CA SER A 59 7.50 12.35 7.18
C SER A 59 8.72 12.16 8.06
N ASN A 60 9.09 10.90 8.27
CA ASN A 60 10.25 10.56 9.08
C ASN A 60 11.54 10.80 8.29
N ILE A 61 12.17 11.95 8.52
CA ILE A 61 13.39 12.31 7.81
C ILE A 61 14.42 11.17 7.80
N LEU A 62 14.38 10.33 8.83
CA LEU A 62 15.31 9.20 8.91
C LEU A 62 15.26 8.36 7.65
N ILE A 63 14.15 8.45 6.92
CA ILE A 63 13.99 7.70 5.67
C ILE A 63 14.93 8.23 4.59
N HIS A 64 15.29 9.51 4.71
CA HIS A 64 16.18 10.13 3.75
C HIS A 64 17.65 9.90 4.12
N GLN A 65 17.90 9.70 5.41
CA GLN A 65 19.26 9.48 5.90
C GLN A 65 19.68 8.03 5.67
N ASN A 66 18.81 7.11 6.05
CA ASN A 66 19.09 5.68 5.91
C ASN A 66 18.85 5.23 4.47
N GLY A 67 19.93 4.96 3.75
CA GLY A 67 19.82 4.52 2.37
C GLY A 67 19.05 3.22 2.24
N LYS A 68 19.32 2.28 3.14
CA LYS A 68 18.65 0.99 3.12
C LYS A 68 17.14 1.16 3.26
N LEU A 69 16.71 1.68 4.41
CA LEU A 69 15.29 1.89 4.66
C LEU A 69 14.66 2.74 3.56
N SER A 70 15.39 3.76 3.11
CA SER A 70 14.91 4.64 2.05
C SER A 70 14.34 3.82 0.90
N ALA A 71 15.04 2.73 0.58
CA ALA A 71 14.61 1.84 -0.49
C ALA A 71 13.44 0.98 -0.04
N ASP A 72 13.41 0.69 1.27
CA ASP A 72 12.34 -0.12 1.85
C ASP A 72 10.96 0.39 1.41
N PHE A 73 10.57 1.54 1.93
CA PHE A 73 9.29 2.15 1.59
C PHE A 73 9.19 2.40 0.08
N LYS A 74 10.28 2.87 -0.51
CA LYS A 74 10.31 3.17 -1.94
C LYS A 74 9.83 1.97 -2.76
N ASN A 75 10.24 0.78 -2.35
CA ASN A 75 9.84 -0.45 -3.04
C ASN A 75 8.37 -0.74 -2.80
N LEU A 76 7.90 -0.45 -1.60
CA LEU A 76 6.51 -0.69 -1.24
C LEU A 76 5.60 0.27 -1.97
N LYS A 77 5.85 1.57 -1.81
CA LYS A 77 5.05 2.59 -2.46
C LYS A 77 5.03 2.36 -3.98
N THR A 78 6.18 1.98 -4.52
CA THR A 78 6.29 1.70 -5.94
C THR A 78 5.39 0.52 -6.30
N LYS A 79 5.56 -0.59 -5.58
CA LYS A 79 4.75 -1.76 -5.82
C LYS A 79 3.28 -1.42 -5.62
N TYR A 80 2.99 -0.73 -4.52
CA TYR A 80 1.63 -0.32 -4.20
C TYR A 80 1.00 0.48 -5.35
N GLN A 81 1.80 1.33 -5.98
CA GLN A 81 1.31 2.14 -7.09
C GLN A 81 0.86 1.23 -8.22
N SER A 82 1.72 0.29 -8.57
CA SER A 82 1.44 -0.67 -9.62
C SER A 82 0.12 -1.40 -9.34
N LEU A 83 -0.09 -1.72 -8.06
CA LEU A 83 -1.30 -2.41 -7.63
C LEU A 83 -2.55 -1.59 -7.91
N GLN A 84 -2.54 -0.35 -7.43
CA GLN A 84 -3.70 0.53 -7.63
C GLN A 84 -4.01 0.69 -9.11
N GLN A 85 -2.96 0.79 -9.92
CA GLN A 85 -3.10 0.95 -11.36
C GLN A 85 -3.62 -0.33 -12.01
N SER A 86 -3.00 -1.46 -11.69
CA SER A 86 -3.40 -2.74 -12.25
C SER A 86 -4.84 -3.07 -11.89
N TYR A 87 -5.24 -2.67 -10.70
CA TYR A 87 -6.59 -2.92 -10.21
C TYR A 87 -7.56 -1.86 -10.69
N ASN A 88 -7.15 -0.60 -10.62
CA ASN A 88 -8.00 0.50 -11.05
C ASN A 88 -8.52 0.24 -12.46
N GLN A 89 -7.64 -0.26 -13.32
CA GLN A 89 -8.04 -0.57 -14.69
C GLN A 89 -9.03 -1.73 -14.66
N ARG A 90 -8.60 -2.82 -14.05
CA ARG A 90 -9.43 -4.02 -13.92
C ARG A 90 -10.82 -3.67 -13.40
N LYS A 91 -10.86 -2.78 -12.42
CA LYS A 91 -12.13 -2.36 -11.82
C LYS A 91 -13.01 -1.70 -12.88
N SER A 92 -12.37 -1.06 -13.86
CA SER A 92 -13.10 -0.39 -14.94
C SER A 92 -13.55 -1.40 -15.99
N LEU A 93 -12.85 -2.53 -16.06
CA LEU A 93 -13.17 -3.59 -17.02
C LEU A 93 -14.09 -4.62 -16.39
N PHE A 94 -14.04 -4.73 -15.06
CA PHE A 94 -14.87 -5.68 -14.34
C PHE A 94 -15.86 -4.97 -13.42
N PRO A 95 -16.91 -4.36 -14.00
CA PRO A 95 -17.93 -3.65 -13.21
C PRO A 95 -18.49 -4.50 -12.07
N LEU A 96 -19.41 -3.93 -11.31
CA LEU A 96 -20.01 -4.64 -10.18
C LEU A 96 -21.50 -4.89 -10.43
N LYS A 97 -22.11 -5.69 -9.57
CA LYS A 97 -23.53 -6.01 -9.69
C LYS A 97 -24.38 -4.74 -9.63
N THR A 1 16.47 5.50 22.79
CA THR A 1 15.03 5.66 22.46
C THR A 1 14.83 6.40 21.16
N ASN A 2 14.71 5.66 20.06
CA ASN A 2 14.52 6.25 18.74
C ASN A 2 13.06 6.65 18.53
N GLN A 3 12.72 7.88 18.96
CA GLN A 3 11.36 8.37 18.81
C GLN A 3 11.04 8.70 17.36
N LYS A 4 11.97 9.38 16.70
CA LYS A 4 11.78 9.76 15.30
C LYS A 4 11.60 8.53 14.42
N THR A 5 12.52 7.58 14.54
CA THR A 5 12.45 6.36 13.76
C THR A 5 11.21 5.56 14.17
N LYS A 6 10.79 5.73 15.41
CA LYS A 6 9.61 5.04 15.91
C LYS A 6 8.38 5.49 15.12
N GLU A 7 8.33 6.79 14.83
CA GLU A 7 7.23 7.36 14.06
C GLU A 7 7.18 6.73 12.68
N LEU A 8 8.36 6.44 12.14
CA LEU A 8 8.47 5.81 10.82
C LEU A 8 7.77 4.46 10.82
N SER A 9 8.13 3.62 11.80
CA SER A 9 7.53 2.30 11.91
C SER A 9 6.01 2.42 12.00
N ASN A 10 5.54 3.58 12.45
CA ASN A 10 4.10 3.83 12.57
C ASN A 10 3.50 3.96 11.17
N LEU A 11 4.25 4.58 10.27
CA LEU A 11 3.81 4.76 8.89
C LEU A 11 3.94 3.43 8.17
N ILE A 12 5.04 2.74 8.43
CA ILE A 12 5.29 1.44 7.84
C ILE A 12 4.28 0.43 8.37
N GLU A 13 4.07 0.47 9.68
CA GLU A 13 3.12 -0.43 10.33
C GLU A 13 1.77 -0.33 9.63
N THR A 14 1.44 0.87 9.17
CA THR A 14 0.18 1.09 8.47
C THR A 14 0.32 0.58 7.05
N PHE A 15 1.47 0.87 6.44
CA PHE A 15 1.74 0.41 5.08
C PHE A 15 1.64 -1.11 5.02
N ALA A 16 2.18 -1.77 6.04
CA ALA A 16 2.12 -3.22 6.12
C ALA A 16 0.67 -3.68 6.11
N GLU A 17 -0.17 -2.92 6.80
CA GLU A 17 -1.59 -3.24 6.86
C GLU A 17 -2.23 -2.89 5.52
N GLN A 18 -1.90 -1.70 5.01
CA GLN A 18 -2.41 -1.26 3.73
C GLN A 18 -1.99 -2.21 2.63
N SER A 19 -0.78 -2.77 2.78
CA SER A 19 -0.26 -3.73 1.81
C SER A 19 -1.18 -4.93 1.73
N ARG A 20 -1.49 -5.49 2.89
CA ARG A 20 -2.40 -6.64 2.95
C ARG A 20 -3.78 -6.20 2.49
N VAL A 21 -4.10 -4.93 2.76
CA VAL A 21 -5.38 -4.39 2.36
C VAL A 21 -5.48 -4.35 0.84
N LEU A 22 -4.47 -3.78 0.20
CA LEU A 22 -4.47 -3.72 -1.26
C LEU A 22 -4.69 -5.12 -1.81
N GLU A 23 -3.92 -6.08 -1.33
CA GLU A 23 -4.06 -7.46 -1.76
C GLU A 23 -5.44 -7.99 -1.38
N LYS A 24 -6.02 -7.43 -0.33
CA LYS A 24 -7.35 -7.85 0.13
C LYS A 24 -8.41 -7.29 -0.81
N GLU A 25 -8.35 -5.99 -1.06
CA GLU A 25 -9.30 -5.35 -1.97
C GLU A 25 -9.02 -5.80 -3.39
N CYS A 26 -7.74 -6.03 -3.68
CA CYS A 26 -7.32 -6.48 -5.00
C CYS A 26 -7.85 -7.88 -5.27
N THR A 27 -7.86 -8.72 -4.26
CA THR A 27 -8.36 -10.09 -4.41
C THR A 27 -9.84 -10.04 -4.74
N LYS A 28 -10.53 -9.01 -4.24
CA LYS A 28 -11.95 -8.84 -4.48
C LYS A 28 -12.20 -8.33 -5.90
N ILE A 29 -11.22 -7.62 -6.46
CA ILE A 29 -11.34 -7.08 -7.81
C ILE A 29 -11.66 -8.19 -8.81
N GLY A 30 -12.53 -7.87 -9.76
CA GLY A 30 -12.93 -8.83 -10.76
C GLY A 30 -13.63 -10.05 -10.19
N SER A 31 -14.09 -9.95 -8.94
CA SER A 31 -14.80 -11.05 -8.30
C SER A 31 -16.19 -10.62 -7.86
N LYS A 32 -16.90 -11.52 -7.19
CA LYS A 32 -18.24 -11.21 -6.70
C LYS A 32 -18.26 -9.93 -5.88
N ARG A 33 -17.12 -9.64 -5.25
CA ARG A 33 -16.99 -8.44 -4.43
C ARG A 33 -16.73 -7.21 -5.31
N ASP A 34 -16.29 -7.43 -6.54
CA ASP A 34 -16.01 -6.33 -7.46
C ASP A 34 -17.12 -5.28 -7.45
N SER A 35 -16.80 -4.10 -6.94
CA SER A 35 -17.77 -3.01 -6.86
C SER A 35 -17.08 -1.66 -7.08
N LYS A 36 -17.77 -0.76 -7.76
CA LYS A 36 -17.23 0.57 -8.04
C LYS A 36 -16.71 1.23 -6.76
N GLU A 37 -17.46 1.08 -5.69
CA GLU A 37 -17.07 1.66 -4.41
C GLU A 37 -15.73 1.10 -3.96
N LEU A 38 -15.46 -0.15 -4.32
CA LEU A 38 -14.19 -0.78 -3.97
C LEU A 38 -13.05 -0.14 -4.75
N ARG A 39 -13.12 -0.19 -6.08
CA ARG A 39 -12.07 0.40 -6.90
C ARG A 39 -11.93 1.88 -6.58
N TYR A 40 -13.03 2.52 -6.23
CA TYR A 40 -13.01 3.93 -5.87
C TYR A 40 -12.26 4.09 -4.56
N LYS A 41 -12.69 3.33 -3.56
CA LYS A 41 -12.05 3.35 -2.25
C LYS A 41 -10.60 2.94 -2.40
N ILE A 42 -10.34 2.05 -3.34
CA ILE A 42 -9.00 1.55 -3.59
C ILE A 42 -8.10 2.63 -4.19
N GLU A 43 -8.55 3.23 -5.29
CA GLU A 43 -7.77 4.25 -5.98
C GLU A 43 -7.88 5.63 -5.32
N THR A 44 -9.00 5.88 -4.64
CA THR A 44 -9.22 7.16 -4.01
C THR A 44 -8.96 7.12 -2.50
N GLU A 45 -8.72 5.94 -1.95
CA GLU A 45 -8.47 5.83 -0.51
C GLU A 45 -7.30 4.91 -0.18
N LEU A 46 -7.27 3.72 -0.79
CA LEU A 46 -6.19 2.77 -0.52
C LEU A 46 -4.87 3.23 -1.13
N ILE A 47 -4.63 2.85 -2.40
CA ILE A 47 -3.39 3.21 -3.09
C ILE A 47 -2.92 4.62 -2.72
N PRO A 48 -3.79 5.64 -2.88
CA PRO A 48 -3.45 7.03 -2.55
C PRO A 48 -2.86 7.16 -1.15
N ASN A 49 -3.37 6.37 -0.22
CA ASN A 49 -2.91 6.39 1.15
C ASN A 49 -1.69 5.49 1.34
N CYS A 50 -1.68 4.35 0.65
CA CYS A 50 -0.58 3.41 0.74
C CYS A 50 0.70 4.05 0.23
N THR A 51 0.66 4.55 -1.00
CA THR A 51 1.82 5.20 -1.59
C THR A 51 2.13 6.47 -0.82
N SER A 52 1.09 7.22 -0.47
CA SER A 52 1.29 8.45 0.31
C SER A 52 2.01 8.10 1.60
N VAL A 53 1.77 6.88 2.07
CA VAL A 53 2.41 6.36 3.27
C VAL A 53 3.89 6.10 2.99
N ARG A 54 4.19 5.79 1.74
CA ARG A 54 5.58 5.55 1.32
C ARG A 54 6.36 6.85 1.39
N ASP A 55 5.88 7.86 0.67
CA ASP A 55 6.51 9.18 0.65
C ASP A 55 6.80 9.63 2.07
N LYS A 56 5.90 9.27 2.99
CA LYS A 56 6.07 9.64 4.38
C LYS A 56 7.24 8.87 4.97
N ILE A 57 7.35 7.60 4.59
CA ILE A 57 8.44 6.75 5.06
C ILE A 57 9.74 7.15 4.38
N GLU A 58 9.68 7.34 3.07
CA GLU A 58 10.85 7.75 2.31
C GLU A 58 11.29 9.15 2.72
N SER A 59 10.32 9.98 3.07
CA SER A 59 10.61 11.35 3.50
C SER A 59 11.45 11.33 4.75
N ASN A 60 11.21 10.33 5.60
CA ASN A 60 11.95 10.17 6.85
C ASN A 60 13.34 9.60 6.57
N ILE A 61 14.34 10.47 6.54
CA ILE A 61 15.72 10.06 6.27
C ILE A 61 16.13 8.84 7.10
N LEU A 62 15.55 8.71 8.29
CA LEU A 62 15.89 7.59 9.16
C LEU A 62 15.71 6.26 8.42
N ILE A 63 14.90 6.27 7.36
CA ILE A 63 14.68 5.07 6.58
C ILE A 63 15.94 4.68 5.80
N HIS A 64 16.78 5.67 5.52
CA HIS A 64 18.02 5.43 4.79
C HIS A 64 19.15 5.05 5.74
N GLN A 65 19.05 5.53 6.98
CA GLN A 65 20.05 5.24 8.00
C GLN A 65 19.84 3.86 8.61
N ASN A 66 18.59 3.57 8.98
CA ASN A 66 18.25 2.29 9.58
C ASN A 66 18.11 1.21 8.51
N GLY A 67 19.16 0.40 8.37
CA GLY A 67 19.14 -0.67 7.38
C GLY A 67 17.96 -1.61 7.56
N LYS A 68 17.66 -1.96 8.80
CA LYS A 68 16.55 -2.85 9.10
C LYS A 68 15.24 -2.27 8.59
N LEU A 69 14.83 -1.13 9.14
CA LEU A 69 13.59 -0.48 8.72
C LEU A 69 13.60 -0.21 7.23
N SER A 70 14.76 0.20 6.71
CA SER A 70 14.90 0.49 5.29
C SER A 70 14.30 -0.64 4.46
N ALA A 71 14.52 -1.86 4.91
CA ALA A 71 14.00 -3.03 4.23
C ALA A 71 12.51 -3.18 4.50
N ASP A 72 12.08 -2.74 5.68
CA ASP A 72 10.69 -2.79 6.07
C ASP A 72 9.77 -2.26 4.98
N PHE A 73 9.81 -0.95 4.77
CA PHE A 73 8.98 -0.30 3.75
C PHE A 73 9.31 -0.85 2.36
N LYS A 74 10.60 -1.08 2.10
CA LYS A 74 11.04 -1.59 0.80
C LYS A 74 10.25 -2.84 0.41
N ASN A 75 10.00 -3.70 1.38
CA ASN A 75 9.25 -4.93 1.14
C ASN A 75 7.77 -4.63 0.95
N LEU A 76 7.28 -3.63 1.68
CA LEU A 76 5.88 -3.23 1.58
C LEU A 76 5.60 -2.57 0.24
N LYS A 77 6.31 -1.47 -0.03
CA LYS A 77 6.13 -0.76 -1.29
C LYS A 77 6.35 -1.70 -2.46
N THR A 78 7.24 -2.67 -2.28
CA THR A 78 7.54 -3.65 -3.31
C THR A 78 6.33 -4.56 -3.51
N LYS A 79 5.89 -5.19 -2.43
CA LYS A 79 4.74 -6.08 -2.49
C LYS A 79 3.51 -5.31 -2.96
N TYR A 80 3.40 -4.07 -2.50
CA TYR A 80 2.30 -3.20 -2.87
C TYR A 80 2.24 -3.02 -4.38
N GLN A 81 3.41 -2.87 -5.01
CA GLN A 81 3.49 -2.68 -6.45
C GLN A 81 2.87 -3.86 -7.18
N SER A 82 3.12 -5.06 -6.68
CA SER A 82 2.57 -6.27 -7.29
C SER A 82 1.05 -6.27 -7.19
N LEU A 83 0.55 -5.76 -6.08
CA LEU A 83 -0.88 -5.71 -5.85
C LEU A 83 -1.55 -4.76 -6.82
N GLN A 84 -1.06 -3.53 -6.89
CA GLN A 84 -1.63 -2.54 -7.81
C GLN A 84 -1.61 -3.08 -9.23
N GLN A 85 -0.49 -3.69 -9.60
CA GLN A 85 -0.32 -4.26 -10.93
C GLN A 85 -1.25 -5.45 -11.14
N SER A 86 -1.20 -6.40 -10.22
CA SER A 86 -2.03 -7.60 -10.32
C SER A 86 -3.51 -7.24 -10.38
N TYR A 87 -3.89 -6.21 -9.63
CA TYR A 87 -5.28 -5.77 -9.57
C TYR A 87 -5.62 -4.85 -10.74
N ASN A 88 -4.72 -3.93 -11.05
CA ASN A 88 -4.96 -3.00 -12.14
C ASN A 88 -5.29 -3.75 -13.43
N GLN A 89 -4.54 -4.81 -13.70
CA GLN A 89 -4.79 -5.61 -14.88
C GLN A 89 -6.16 -6.27 -14.78
N ARG A 90 -6.35 -7.04 -13.72
CA ARG A 90 -7.60 -7.73 -13.46
C ARG A 90 -8.78 -6.78 -13.59
N LYS A 91 -8.63 -5.57 -13.07
CA LYS A 91 -9.69 -4.58 -13.11
C LYS A 91 -10.03 -4.23 -14.56
N SER A 92 -9.05 -4.36 -15.44
CA SER A 92 -9.25 -4.08 -16.86
C SER A 92 -9.85 -5.29 -17.59
N LEU A 93 -9.65 -6.47 -17.02
CA LEU A 93 -10.17 -7.70 -17.61
C LEU A 93 -11.53 -8.05 -17.01
N PHE A 94 -11.76 -7.63 -15.78
CA PHE A 94 -13.01 -7.93 -15.08
C PHE A 94 -13.75 -6.64 -14.69
N PRO A 95 -14.38 -5.96 -15.67
CA PRO A 95 -15.13 -4.73 -15.42
C PRO A 95 -16.33 -4.96 -14.50
N LEU A 96 -17.28 -4.04 -14.53
CA LEU A 96 -18.48 -4.15 -13.70
C LEU A 96 -19.73 -4.00 -14.55
N LYS A 97 -20.89 -3.92 -13.88
CA LYS A 97 -22.16 -3.77 -14.58
C LYS A 97 -22.44 -4.97 -15.48
N THR A 1 14.25 2.11 22.03
CA THR A 1 13.47 2.33 20.78
C THR A 1 13.46 3.81 20.39
N ASN A 2 14.13 4.11 19.28
CA ASN A 2 14.20 5.49 18.80
C ASN A 2 12.81 6.06 18.54
N GLN A 3 12.50 7.17 19.18
CA GLN A 3 11.20 7.81 19.02
C GLN A 3 10.98 8.25 17.59
N LYS A 4 11.94 8.98 17.03
CA LYS A 4 11.85 9.46 15.64
C LYS A 4 11.58 8.31 14.69
N THR A 5 12.41 7.27 14.76
CA THR A 5 12.25 6.12 13.90
C THR A 5 10.92 5.43 14.22
N LYS A 6 10.52 5.51 15.49
CA LYS A 6 9.26 4.91 15.92
C LYS A 6 8.12 5.51 15.12
N GLU A 7 8.20 6.82 14.89
CA GLU A 7 7.19 7.52 14.13
C GLU A 7 7.12 6.94 12.72
N LEU A 8 8.29 6.60 12.18
CA LEU A 8 8.38 6.01 10.84
C LEU A 8 7.75 4.62 10.85
N SER A 9 8.19 3.78 11.78
CA SER A 9 7.65 2.43 11.90
C SER A 9 6.13 2.49 11.99
N ASN A 10 5.61 3.63 12.45
CA ASN A 10 4.18 3.83 12.57
C ASN A 10 3.57 3.96 11.18
N LEU A 11 4.29 4.65 10.30
CA LEU A 11 3.84 4.82 8.92
C LEU A 11 4.00 3.51 8.18
N ILE A 12 5.11 2.84 8.44
CA ILE A 12 5.39 1.54 7.84
C ILE A 12 4.41 0.51 8.37
N GLU A 13 4.21 0.54 9.69
CA GLU A 13 3.28 -0.38 10.34
C GLU A 13 1.92 -0.30 9.67
N THR A 14 1.56 0.90 9.24
CA THR A 14 0.28 1.11 8.57
C THR A 14 0.41 0.65 7.12
N PHE A 15 1.57 0.92 6.53
CA PHE A 15 1.84 0.51 5.16
C PHE A 15 1.74 -1.01 5.08
N ALA A 16 2.31 -1.68 6.08
CA ALA A 16 2.26 -3.13 6.14
C ALA A 16 0.81 -3.60 6.14
N GLU A 17 -0.04 -2.84 6.83
CA GLU A 17 -1.46 -3.15 6.90
C GLU A 17 -2.12 -2.79 5.57
N GLN A 18 -1.78 -1.61 5.06
CA GLN A 18 -2.30 -1.15 3.79
C GLN A 18 -1.89 -2.10 2.68
N SER A 19 -0.67 -2.64 2.81
CA SER A 19 -0.15 -3.58 1.84
C SER A 19 -1.05 -4.81 1.78
N ARG A 20 -1.38 -5.33 2.96
CA ARG A 20 -2.27 -6.49 3.04
C ARG A 20 -3.65 -6.07 2.57
N VAL A 21 -3.99 -4.81 2.84
CA VAL A 21 -5.28 -4.27 2.44
C VAL A 21 -5.39 -4.26 0.92
N LEU A 22 -4.40 -3.68 0.26
CA LEU A 22 -4.40 -3.63 -1.21
C LEU A 22 -4.63 -5.04 -1.73
N GLU A 23 -3.87 -6.00 -1.21
CA GLU A 23 -4.01 -7.38 -1.63
C GLU A 23 -5.39 -7.91 -1.24
N LYS A 24 -5.94 -7.35 -0.16
CA LYS A 24 -7.26 -7.76 0.31
C LYS A 24 -8.34 -7.23 -0.64
N GLU A 25 -8.29 -5.93 -0.91
CA GLU A 25 -9.25 -5.33 -1.81
C GLU A 25 -9.00 -5.82 -3.23
N CYS A 26 -7.72 -5.99 -3.56
CA CYS A 26 -7.32 -6.47 -4.87
C CYS A 26 -7.79 -7.89 -5.09
N THR A 27 -7.76 -8.71 -4.04
CA THR A 27 -8.20 -10.09 -4.17
C THR A 27 -9.70 -10.15 -4.46
N LYS A 28 -10.43 -9.13 -3.98
CA LYS A 28 -11.86 -9.05 -4.22
C LYS A 28 -12.16 -8.45 -5.59
N ILE A 29 -11.20 -7.72 -6.15
CA ILE A 29 -11.36 -7.10 -7.46
C ILE A 29 -11.74 -8.14 -8.49
N GLY A 30 -12.80 -7.87 -9.24
CA GLY A 30 -13.25 -8.78 -10.26
C GLY A 30 -13.60 -10.15 -9.70
N SER A 31 -13.99 -10.20 -8.42
CA SER A 31 -14.34 -11.46 -7.79
C SER A 31 -15.83 -11.51 -7.43
N LYS A 32 -16.16 -11.19 -6.18
CA LYS A 32 -17.55 -11.20 -5.74
C LYS A 32 -17.97 -9.81 -5.27
N ARG A 33 -17.04 -9.08 -4.67
CA ARG A 33 -17.31 -7.74 -4.18
C ARG A 33 -17.02 -6.69 -5.25
N ASP A 34 -16.33 -7.09 -6.32
CA ASP A 34 -16.00 -6.20 -7.42
C ASP A 34 -17.07 -5.14 -7.64
N SER A 35 -16.80 -3.91 -7.18
CA SER A 35 -17.73 -2.81 -7.33
C SER A 35 -16.99 -1.49 -7.50
N LYS A 36 -17.60 -0.55 -8.21
CA LYS A 36 -16.99 0.75 -8.46
C LYS A 36 -16.50 1.38 -7.16
N GLU A 37 -17.29 1.24 -6.12
CA GLU A 37 -16.95 1.79 -4.82
C GLU A 37 -15.63 1.20 -4.33
N LEU A 38 -15.37 -0.05 -4.69
CA LEU A 38 -14.15 -0.72 -4.30
C LEU A 38 -12.96 -0.11 -5.04
N ARG A 39 -12.99 -0.19 -6.37
CA ARG A 39 -11.91 0.36 -7.18
C ARG A 39 -11.73 1.85 -6.87
N TYR A 40 -12.82 2.51 -6.50
CA TYR A 40 -12.75 3.93 -6.14
C TYR A 40 -12.07 4.06 -4.79
N LYS A 41 -12.59 3.35 -3.80
CA LYS A 41 -12.02 3.37 -2.46
C LYS A 41 -10.56 2.93 -2.53
N ILE A 42 -10.26 2.06 -3.48
CA ILE A 42 -8.91 1.55 -3.66
C ILE A 42 -7.96 2.65 -4.19
N GLU A 43 -8.33 3.25 -5.31
CA GLU A 43 -7.50 4.28 -5.94
C GLU A 43 -7.70 5.65 -5.30
N THR A 44 -8.86 5.87 -4.68
CA THR A 44 -9.17 7.14 -4.07
C THR A 44 -8.93 7.12 -2.55
N GLU A 45 -8.69 5.94 -1.98
CA GLU A 45 -8.47 5.85 -0.54
C GLU A 45 -7.30 4.92 -0.18
N LEU A 46 -7.27 3.73 -0.76
CA LEU A 46 -6.19 2.78 -0.47
C LEU A 46 -4.86 3.25 -1.07
N ILE A 47 -4.58 2.85 -2.31
CA ILE A 47 -3.34 3.22 -2.99
C ILE A 47 -2.88 4.63 -2.62
N PRO A 48 -3.74 5.65 -2.80
CA PRO A 48 -3.39 7.04 -2.47
C PRO A 48 -2.83 7.17 -1.06
N ASN A 49 -3.39 6.40 -0.13
CA ASN A 49 -2.95 6.42 1.25
C ASN A 49 -1.73 5.53 1.45
N CYS A 50 -1.70 4.40 0.75
CA CYS A 50 -0.58 3.47 0.85
C CYS A 50 0.69 4.13 0.33
N THR A 51 0.62 4.66 -0.89
CA THR A 51 1.77 5.32 -1.48
C THR A 51 2.09 6.59 -0.70
N SER A 52 1.04 7.35 -0.33
CA SER A 52 1.24 8.56 0.46
C SER A 52 1.99 8.21 1.73
N VAL A 53 1.77 6.98 2.20
CA VAL A 53 2.43 6.48 3.38
C VAL A 53 3.91 6.25 3.09
N ARG A 54 4.22 5.96 1.83
CA ARG A 54 5.59 5.76 1.40
C ARG A 54 6.34 7.08 1.46
N ASP A 55 5.83 8.08 0.74
CA ASP A 55 6.44 9.40 0.72
C ASP A 55 6.74 9.87 2.14
N LYS A 56 5.89 9.46 3.07
CA LYS A 56 6.06 9.82 4.48
C LYS A 56 7.25 9.05 5.05
N ILE A 57 7.36 7.78 4.66
CA ILE A 57 8.44 6.93 5.12
C ILE A 57 9.75 7.35 4.44
N GLU A 58 9.68 7.56 3.13
CA GLU A 58 10.85 7.98 2.36
C GLU A 58 11.30 9.37 2.80
N SER A 59 10.34 10.20 3.18
CA SER A 59 10.64 11.56 3.63
C SER A 59 11.50 11.51 4.88
N ASN A 60 11.24 10.51 5.72
CA ASN A 60 11.99 10.31 6.95
C ASN A 60 13.36 9.73 6.66
N ILE A 61 14.38 10.60 6.68
CA ILE A 61 15.76 10.18 6.40
C ILE A 61 16.14 8.92 7.17
N LEU A 62 15.53 8.72 8.34
CA LEU A 62 15.83 7.55 9.15
C LEU A 62 15.68 6.26 8.35
N ILE A 63 14.91 6.33 7.27
CA ILE A 63 14.69 5.17 6.40
C ILE A 63 15.95 4.85 5.60
N HIS A 64 16.81 5.85 5.42
CA HIS A 64 18.04 5.65 4.66
C HIS A 64 19.20 5.26 5.56
N GLN A 65 19.13 5.65 6.84
CA GLN A 65 20.18 5.34 7.80
C GLN A 65 19.99 3.95 8.38
N ASN A 66 18.79 3.67 8.86
CA ASN A 66 18.47 2.38 9.47
C ASN A 66 18.22 1.33 8.39
N GLY A 67 19.27 0.61 8.03
CA GLY A 67 19.15 -0.42 7.01
C GLY A 67 17.94 -1.33 7.23
N LYS A 68 17.69 -1.67 8.49
CA LYS A 68 16.57 -2.53 8.84
C LYS A 68 15.26 -1.94 8.30
N LEU A 69 14.93 -0.74 8.75
CA LEU A 69 13.72 -0.07 8.32
C LEU A 69 13.74 0.16 6.82
N SER A 70 14.91 0.53 6.30
CA SER A 70 15.06 0.77 4.86
C SER A 70 14.41 -0.36 4.09
N ALA A 71 14.63 -1.59 4.56
CA ALA A 71 14.06 -2.77 3.93
C ALA A 71 12.58 -2.92 4.29
N ASP A 72 12.23 -2.49 5.51
CA ASP A 72 10.86 -2.57 5.98
C ASP A 72 9.89 -2.04 4.93
N PHE A 73 9.91 -0.72 4.73
CA PHE A 73 9.05 -0.08 3.76
C PHE A 73 9.32 -0.59 2.34
N LYS A 74 10.59 -0.79 2.01
CA LYS A 74 10.98 -1.27 0.69
C LYS A 74 10.18 -2.52 0.30
N ASN A 75 10.01 -3.42 1.26
CA ASN A 75 9.26 -4.65 1.04
C ASN A 75 7.78 -4.35 0.86
N LEU A 76 7.29 -3.37 1.60
CA LEU A 76 5.90 -2.98 1.53
C LEU A 76 5.59 -2.29 0.22
N LYS A 77 6.32 -1.21 -0.08
CA LYS A 77 6.13 -0.49 -1.32
C LYS A 77 6.36 -1.42 -2.51
N THR A 78 7.26 -2.37 -2.32
CA THR A 78 7.57 -3.34 -3.37
C THR A 78 6.40 -4.31 -3.53
N LYS A 79 6.02 -4.95 -2.44
CA LYS A 79 4.92 -5.90 -2.46
C LYS A 79 3.63 -5.19 -2.86
N TYR A 80 3.51 -3.92 -2.46
CA TYR A 80 2.33 -3.13 -2.78
C TYR A 80 2.22 -2.92 -4.29
N GLN A 81 3.35 -2.77 -4.94
CA GLN A 81 3.38 -2.58 -6.39
C GLN A 81 2.81 -3.79 -7.10
N SER A 82 3.14 -4.97 -6.60
CA SER A 82 2.65 -6.22 -7.18
C SER A 82 1.13 -6.29 -7.06
N LEU A 83 0.61 -5.78 -5.95
CA LEU A 83 -0.82 -5.79 -5.70
C LEU A 83 -1.56 -4.94 -6.73
N GLN A 84 -1.10 -3.70 -6.89
CA GLN A 84 -1.73 -2.79 -7.85
C GLN A 84 -1.73 -3.40 -9.25
N GLN A 85 -0.62 -4.06 -9.59
CA GLN A 85 -0.48 -4.68 -10.90
C GLN A 85 -1.40 -5.88 -11.05
N SER A 86 -1.37 -6.78 -10.08
CA SER A 86 -2.21 -7.99 -10.12
C SER A 86 -3.69 -7.61 -10.18
N TYR A 87 -4.04 -6.55 -9.49
CA TYR A 87 -5.42 -6.09 -9.44
C TYR A 87 -5.76 -5.22 -10.65
N ASN A 88 -4.84 -4.31 -10.99
CA ASN A 88 -5.06 -3.42 -12.12
C ASN A 88 -5.45 -4.23 -13.36
N GLN A 89 -4.75 -5.34 -13.58
CA GLN A 89 -5.06 -6.18 -14.72
C GLN A 89 -6.43 -6.79 -14.55
N ARG A 90 -6.61 -7.49 -13.44
CA ARG A 90 -7.88 -8.13 -13.11
C ARG A 90 -9.05 -7.15 -13.27
N LYS A 91 -8.83 -5.93 -12.81
CA LYS A 91 -9.86 -4.90 -12.90
C LYS A 91 -10.22 -4.62 -14.35
N SER A 92 -9.25 -4.82 -15.25
CA SER A 92 -9.47 -4.61 -16.68
C SER A 92 -10.14 -5.83 -17.30
N LEU A 93 -9.97 -6.98 -16.67
CA LEU A 93 -10.56 -8.23 -17.15
C LEU A 93 -11.93 -8.46 -16.53
N PHE A 94 -12.16 -7.84 -15.38
CA PHE A 94 -13.41 -7.99 -14.65
C PHE A 94 -14.14 -6.65 -14.51
N PRO A 95 -14.73 -6.13 -15.60
CA PRO A 95 -15.46 -4.86 -15.57
C PRO A 95 -16.71 -4.94 -14.72
N LEU A 96 -17.50 -3.87 -14.71
CA LEU A 96 -18.73 -3.84 -13.93
C LEU A 96 -19.90 -3.35 -14.78
N LYS A 97 -19.83 -3.61 -16.09
CA LYS A 97 -20.88 -3.20 -17.01
C LYS A 97 -21.84 -4.35 -17.29
N THR A 1 15.42 2.16 22.15
CA THR A 1 14.25 2.32 21.24
C THR A 1 14.19 3.73 20.67
N ASN A 2 14.56 3.87 19.41
CA ASN A 2 14.55 5.17 18.73
C ASN A 2 13.16 5.78 18.76
N GLN A 3 13.10 7.10 18.95
CA GLN A 3 11.83 7.81 19.00
C GLN A 3 11.42 8.27 17.60
N LYS A 4 12.30 9.02 16.94
CA LYS A 4 12.02 9.51 15.59
C LYS A 4 11.71 8.36 14.66
N THR A 5 12.50 7.29 14.75
CA THR A 5 12.29 6.12 13.93
C THR A 5 10.96 5.47 14.32
N LYS A 6 10.63 5.56 15.61
CA LYS A 6 9.37 5.01 16.11
C LYS A 6 8.21 5.58 15.29
N GLU A 7 8.32 6.86 14.98
CA GLU A 7 7.31 7.55 14.19
C GLU A 7 7.24 6.95 12.80
N LEU A 8 8.41 6.58 12.27
CA LEU A 8 8.49 5.98 10.94
C LEU A 8 7.78 4.63 10.93
N SER A 9 8.16 3.77 11.88
CA SER A 9 7.56 2.45 11.98
C SER A 9 6.04 2.57 12.06
N ASN A 10 5.57 3.73 12.53
CA ASN A 10 4.13 3.98 12.64
C ASN A 10 3.54 4.12 11.25
N LEU A 11 4.27 4.79 10.36
CA LEU A 11 3.83 4.96 8.98
C LEU A 11 3.95 3.64 8.26
N ILE A 12 5.08 2.98 8.47
CA ILE A 12 5.34 1.68 7.87
C ILE A 12 4.31 0.67 8.38
N GLU A 13 4.09 0.68 9.69
CA GLU A 13 3.13 -0.21 10.31
C GLU A 13 1.78 -0.10 9.63
N THR A 14 1.46 1.10 9.16
CA THR A 14 0.20 1.34 8.47
C THR A 14 0.33 0.84 7.04
N PHE A 15 1.49 1.11 6.44
CA PHE A 15 1.76 0.66 5.07
C PHE A 15 1.67 -0.85 5.02
N ALA A 16 2.23 -1.50 6.04
CA ALA A 16 2.20 -2.95 6.14
C ALA A 16 0.77 -3.44 6.14
N GLU A 17 -0.10 -2.68 6.82
CA GLU A 17 -1.52 -3.00 6.88
C GLU A 17 -2.17 -2.67 5.54
N GLN A 18 -1.84 -1.49 5.01
CA GLN A 18 -2.36 -1.06 3.73
C GLN A 18 -1.93 -2.02 2.64
N SER A 19 -0.72 -2.56 2.78
CA SER A 19 -0.18 -3.51 1.83
C SER A 19 -1.08 -4.73 1.76
N ARG A 20 -1.41 -5.27 2.93
CA ARG A 20 -2.29 -6.43 3.01
C ARG A 20 -3.67 -6.02 2.53
N VAL A 21 -4.03 -4.77 2.82
CA VAL A 21 -5.30 -4.22 2.41
C VAL A 21 -5.41 -4.21 0.89
N LEU A 22 -4.41 -3.63 0.23
CA LEU A 22 -4.41 -3.58 -1.21
C LEU A 22 -4.62 -4.99 -1.76
N GLU A 23 -3.86 -5.94 -1.24
CA GLU A 23 -4.00 -7.33 -1.65
C GLU A 23 -5.37 -7.86 -1.24
N LYS A 24 -5.91 -7.32 -0.15
CA LYS A 24 -7.22 -7.73 0.33
C LYS A 24 -8.31 -7.22 -0.61
N GLU A 25 -8.26 -5.93 -0.90
CA GLU A 25 -9.22 -5.33 -1.82
C GLU A 25 -8.96 -5.84 -3.23
N CYS A 26 -7.67 -6.01 -3.55
CA CYS A 26 -7.27 -6.50 -4.86
C CYS A 26 -7.77 -7.92 -5.06
N THR A 27 -7.74 -8.73 -4.00
CA THR A 27 -8.22 -10.10 -4.10
C THR A 27 -9.72 -10.10 -4.39
N LYS A 28 -10.39 -9.05 -3.92
CA LYS A 28 -11.82 -8.89 -4.13
C LYS A 28 -12.11 -8.46 -5.57
N ILE A 29 -11.14 -7.75 -6.16
CA ILE A 29 -11.29 -7.28 -7.55
C ILE A 29 -11.53 -8.45 -8.49
N GLY A 30 -12.46 -8.26 -9.42
CA GLY A 30 -12.78 -9.30 -10.37
C GLY A 30 -13.41 -10.52 -9.73
N SER A 31 -14.11 -10.30 -8.62
CA SER A 31 -14.77 -11.39 -7.90
C SER A 31 -16.13 -10.95 -7.41
N LYS A 32 -16.85 -11.86 -6.75
CA LYS A 32 -18.18 -11.56 -6.23
C LYS A 32 -18.18 -10.26 -5.42
N ARG A 33 -17.00 -9.91 -4.88
CA ARG A 33 -16.85 -8.70 -4.09
C ARG A 33 -16.67 -7.46 -4.96
N ASP A 34 -16.35 -7.66 -6.23
CA ASP A 34 -16.14 -6.54 -7.16
C ASP A 34 -17.20 -5.45 -6.99
N SER A 35 -16.78 -4.20 -7.10
CA SER A 35 -17.70 -3.08 -6.95
C SER A 35 -16.99 -1.75 -7.21
N LYS A 36 -17.69 -0.82 -7.84
CA LYS A 36 -17.14 0.50 -8.14
C LYS A 36 -16.57 1.14 -6.88
N GLU A 37 -17.36 1.11 -5.82
CA GLU A 37 -16.94 1.69 -4.54
C GLU A 37 -15.61 1.10 -4.09
N LEU A 38 -15.43 -0.19 -4.36
CA LEU A 38 -14.19 -0.86 -4.00
C LEU A 38 -13.03 -0.29 -4.82
N ARG A 39 -13.15 -0.37 -6.14
CA ARG A 39 -12.12 0.16 -7.02
C ARG A 39 -11.89 1.64 -6.74
N TYR A 40 -12.97 2.36 -6.46
CA TYR A 40 -12.88 3.78 -6.14
C TYR A 40 -12.17 3.95 -4.81
N LYS A 41 -12.66 3.25 -3.80
CA LYS A 41 -12.04 3.30 -2.48
C LYS A 41 -10.57 2.92 -2.56
N ILE A 42 -10.28 1.97 -3.45
CA ILE A 42 -8.93 1.50 -3.65
C ILE A 42 -8.02 2.59 -4.23
N GLU A 43 -8.43 3.15 -5.37
CA GLU A 43 -7.65 4.18 -6.05
C GLU A 43 -7.84 5.56 -5.43
N THR A 44 -8.98 5.79 -4.78
CA THR A 44 -9.25 7.08 -4.18
C THR A 44 -9.00 7.09 -2.67
N GLU A 45 -8.75 5.92 -2.08
CA GLU A 45 -8.50 5.85 -0.64
C GLU A 45 -7.29 4.96 -0.29
N LEU A 46 -7.26 3.75 -0.84
CA LEU A 46 -6.16 2.83 -0.55
C LEU A 46 -4.85 3.30 -1.18
N ILE A 47 -4.60 2.90 -2.43
CA ILE A 47 -3.37 3.27 -3.14
C ILE A 47 -2.92 4.69 -2.81
N PRO A 48 -3.81 5.69 -2.99
CA PRO A 48 -3.47 7.09 -2.68
C PRO A 48 -2.89 7.25 -1.29
N ASN A 49 -3.42 6.49 -0.35
CA ASN A 49 -2.94 6.54 1.03
C ASN A 49 -1.73 5.65 1.24
N CYS A 50 -1.72 4.49 0.58
CA CYS A 50 -0.60 3.57 0.70
C CYS A 50 0.68 4.22 0.18
N THR A 51 0.64 4.69 -1.06
CA THR A 51 1.79 5.34 -1.64
C THR A 51 2.11 6.62 -0.87
N SER A 52 1.06 7.39 -0.55
CA SER A 52 1.24 8.61 0.21
C SER A 52 1.96 8.29 1.52
N VAL A 53 1.71 7.08 2.01
CA VAL A 53 2.34 6.59 3.22
C VAL A 53 3.83 6.36 2.98
N ARG A 54 4.19 6.06 1.72
CA ARG A 54 5.57 5.85 1.35
C ARG A 54 6.33 7.16 1.43
N ASP A 55 5.84 8.16 0.69
CA ASP A 55 6.45 9.49 0.69
C ASP A 55 6.73 9.94 2.11
N LYS A 56 5.86 9.53 3.03
CA LYS A 56 6.02 9.88 4.43
C LYS A 56 7.21 9.13 5.02
N ILE A 57 7.31 7.85 4.66
CA ILE A 57 8.41 7.02 5.12
C ILE A 57 9.71 7.43 4.43
N GLU A 58 9.63 7.66 3.13
CA GLU A 58 10.79 8.07 2.35
C GLU A 58 11.24 9.47 2.77
N SER A 59 10.27 10.30 3.17
CA SER A 59 10.58 11.64 3.62
C SER A 59 11.47 11.59 4.86
N ASN A 60 11.22 10.58 5.68
CA ASN A 60 11.98 10.38 6.91
C ASN A 60 13.34 9.77 6.60
N ILE A 61 14.39 10.58 6.67
CA ILE A 61 15.74 10.13 6.38
C ILE A 61 16.12 8.85 7.14
N LEU A 62 15.51 8.67 8.31
CA LEU A 62 15.80 7.49 9.13
C LEU A 62 15.65 6.21 8.31
N ILE A 63 14.86 6.28 7.24
CA ILE A 63 14.64 5.13 6.37
C ILE A 63 15.91 4.78 5.59
N HIS A 64 16.79 5.77 5.41
CA HIS A 64 18.04 5.56 4.69
C HIS A 64 19.18 5.19 5.62
N GLN A 65 19.04 5.54 6.90
CA GLN A 65 20.06 5.24 7.90
C GLN A 65 19.87 3.85 8.48
N ASN A 66 18.64 3.58 8.89
CA ASN A 66 18.31 2.28 9.49
C ASN A 66 18.12 1.22 8.40
N GLY A 67 19.16 0.43 8.18
CA GLY A 67 19.10 -0.62 7.18
C GLY A 67 17.91 -1.55 7.38
N LYS A 68 17.61 -1.86 8.63
CA LYS A 68 16.49 -2.74 8.95
C LYS A 68 15.19 -2.14 8.44
N LEU A 69 14.82 -0.98 8.98
CA LEU A 69 13.59 -0.30 8.60
C LEU A 69 13.59 0.00 7.11
N SER A 70 14.73 0.42 6.59
CA SER A 70 14.86 0.74 5.17
C SER A 70 14.25 -0.37 4.32
N ALA A 71 14.46 -1.61 4.76
CA ALA A 71 13.92 -2.77 4.07
C ALA A 71 12.44 -2.92 4.35
N ASP A 72 12.04 -2.51 5.56
CA ASP A 72 10.65 -2.58 5.97
C ASP A 72 9.72 -2.02 4.90
N PHE A 73 9.75 -0.69 4.74
CA PHE A 73 8.93 -0.02 3.75
C PHE A 73 9.22 -0.54 2.34
N LYS A 74 10.51 -0.73 2.05
CA LYS A 74 10.92 -1.24 0.74
C LYS A 74 10.15 -2.48 0.35
N ASN A 75 9.91 -3.35 1.32
CA ASN A 75 9.16 -4.59 1.08
C ASN A 75 7.68 -4.29 0.90
N LEU A 76 7.19 -3.31 1.63
CA LEU A 76 5.78 -2.92 1.55
C LEU A 76 5.49 -2.25 0.22
N LYS A 77 6.19 -1.17 -0.07
CA LYS A 77 6.00 -0.46 -1.33
C LYS A 77 6.22 -1.41 -2.50
N THR A 78 7.17 -2.32 -2.33
CA THR A 78 7.49 -3.30 -3.36
C THR A 78 6.32 -4.26 -3.53
N LYS A 79 5.92 -4.89 -2.43
CA LYS A 79 4.81 -5.84 -2.47
C LYS A 79 3.55 -5.12 -2.91
N TYR A 80 3.40 -3.87 -2.48
CA TYR A 80 2.24 -3.06 -2.83
C TYR A 80 2.14 -2.87 -4.34
N GLN A 81 3.30 -2.72 -4.98
CA GLN A 81 3.34 -2.53 -6.43
C GLN A 81 2.79 -3.75 -7.15
N SER A 82 3.09 -4.93 -6.62
CA SER A 82 2.62 -6.18 -7.20
C SER A 82 1.10 -6.27 -7.10
N LEU A 83 0.57 -5.75 -6.00
CA LEU A 83 -0.86 -5.78 -5.75
C LEU A 83 -1.61 -4.94 -6.77
N GLN A 84 -1.15 -3.70 -6.96
CA GLN A 84 -1.78 -2.80 -7.91
C GLN A 84 -1.79 -3.42 -9.31
N GLN A 85 -0.68 -4.07 -9.66
CA GLN A 85 -0.55 -4.70 -10.97
C GLN A 85 -1.48 -5.91 -11.11
N SER A 86 -1.44 -6.80 -10.13
CA SER A 86 -2.29 -8.00 -10.16
C SER A 86 -3.77 -7.63 -10.22
N TYR A 87 -4.11 -6.56 -9.52
CA TYR A 87 -5.50 -6.08 -9.48
C TYR A 87 -5.83 -5.22 -10.68
N ASN A 88 -4.93 -4.31 -11.02
CA ASN A 88 -5.14 -3.42 -12.16
C ASN A 88 -5.49 -4.22 -13.41
N GLN A 89 -4.80 -5.33 -13.61
CA GLN A 89 -5.06 -6.18 -14.76
C GLN A 89 -6.45 -6.79 -14.62
N ARG A 90 -6.65 -7.48 -13.50
CA ARG A 90 -7.93 -8.12 -13.21
C ARG A 90 -9.09 -7.14 -13.41
N LYS A 91 -8.89 -5.90 -12.97
CA LYS A 91 -9.92 -4.88 -13.10
C LYS A 91 -10.23 -4.62 -14.57
N SER A 92 -9.23 -4.81 -15.43
CA SER A 92 -9.39 -4.62 -16.86
C SER A 92 -10.06 -5.82 -17.49
N LEU A 93 -9.93 -6.97 -16.84
CA LEU A 93 -10.53 -8.22 -17.32
C LEU A 93 -11.91 -8.41 -16.70
N PHE A 94 -12.12 -7.81 -15.54
CA PHE A 94 -13.39 -7.92 -14.83
C PHE A 94 -14.05 -6.55 -14.60
N PRO A 95 -14.34 -5.79 -15.67
CA PRO A 95 -14.99 -4.48 -15.55
C PRO A 95 -16.33 -4.57 -14.83
N LEU A 96 -16.83 -3.43 -14.37
CA LEU A 96 -18.12 -3.39 -13.68
C LEU A 96 -19.21 -2.87 -14.59
N LYS A 97 -19.05 -3.09 -15.90
CA LYS A 97 -20.02 -2.64 -16.88
C LYS A 97 -21.14 -3.67 -17.04
N THR A 1 14.05 2.36 19.23
CA THR A 1 14.52 3.07 20.45
C THR A 1 14.28 4.57 20.34
N ASN A 2 14.54 5.12 19.16
CA ASN A 2 14.34 6.55 18.92
C ASN A 2 12.90 6.85 18.54
N GLN A 3 12.33 7.89 19.15
CA GLN A 3 10.97 8.29 18.87
C GLN A 3 10.78 8.63 17.39
N LYS A 4 11.71 9.42 16.85
CA LYS A 4 11.66 9.82 15.46
C LYS A 4 11.57 8.61 14.53
N THR A 5 12.51 7.69 14.69
CA THR A 5 12.52 6.48 13.88
C THR A 5 11.30 5.62 14.23
N LYS A 6 10.87 5.72 15.48
CA LYS A 6 9.70 4.97 15.95
C LYS A 6 8.47 5.43 15.18
N GLU A 7 8.41 6.73 14.89
CA GLU A 7 7.30 7.29 14.15
C GLU A 7 7.24 6.68 12.75
N LEU A 8 8.42 6.47 12.17
CA LEU A 8 8.51 5.88 10.84
C LEU A 8 7.84 4.51 10.83
N SER A 9 8.24 3.65 11.76
CA SER A 9 7.64 2.32 11.87
C SER A 9 6.13 2.43 11.97
N ASN A 10 5.66 3.59 12.47
CA ASN A 10 4.22 3.82 12.60
C ASN A 10 3.62 3.97 11.23
N LEU A 11 4.36 4.60 10.32
CA LEU A 11 3.91 4.79 8.95
C LEU A 11 4.02 3.48 8.21
N ILE A 12 5.13 2.78 8.46
CA ILE A 12 5.37 1.48 7.85
C ILE A 12 4.35 0.47 8.37
N GLU A 13 4.12 0.50 9.67
CA GLU A 13 3.17 -0.40 10.30
C GLU A 13 1.81 -0.27 9.62
N THR A 14 1.50 0.94 9.18
CA THR A 14 0.24 1.20 8.50
C THR A 14 0.37 0.72 7.06
N PHE A 15 1.53 0.96 6.46
CA PHE A 15 1.80 0.52 5.10
C PHE A 15 1.69 -0.99 5.02
N ALA A 16 2.24 -1.65 6.03
CA ALA A 16 2.18 -3.11 6.09
C ALA A 16 0.74 -3.57 6.09
N GLU A 17 -0.11 -2.81 6.78
CA GLU A 17 -1.53 -3.11 6.85
C GLU A 17 -2.17 -2.74 5.51
N GLN A 18 -1.81 -1.57 5.00
CA GLN A 18 -2.33 -1.10 3.73
C GLN A 18 -1.93 -2.06 2.62
N SER A 19 -0.73 -2.61 2.74
CA SER A 19 -0.22 -3.56 1.77
C SER A 19 -1.14 -4.77 1.70
N ARG A 20 -1.41 -5.37 2.85
CA ARG A 20 -2.31 -6.50 2.91
C ARG A 20 -3.70 -6.07 2.47
N VAL A 21 -4.02 -4.80 2.74
CA VAL A 21 -5.30 -4.24 2.35
C VAL A 21 -5.42 -4.21 0.84
N LEU A 22 -4.41 -3.63 0.19
CA LEU A 22 -4.41 -3.56 -1.27
C LEU A 22 -4.65 -4.95 -1.83
N GLU A 23 -3.89 -5.93 -1.34
CA GLU A 23 -4.06 -7.30 -1.79
C GLU A 23 -5.43 -7.82 -1.40
N LYS A 24 -5.98 -7.28 -0.30
CA LYS A 24 -7.30 -7.68 0.16
C LYS A 24 -8.38 -7.13 -0.78
N GLU A 25 -8.32 -5.82 -1.03
CA GLU A 25 -9.27 -5.19 -1.92
C GLU A 25 -9.02 -5.63 -3.35
N CYS A 26 -7.74 -5.86 -3.66
CA CYS A 26 -7.34 -6.30 -4.99
C CYS A 26 -7.82 -7.72 -5.25
N THR A 27 -7.83 -8.56 -4.22
CA THR A 27 -8.27 -9.93 -4.37
C THR A 27 -9.78 -9.96 -4.66
N LYS A 28 -10.49 -8.96 -4.16
CA LYS A 28 -11.92 -8.86 -4.35
C LYS A 28 -12.24 -8.32 -5.76
N ILE A 29 -11.29 -7.58 -6.33
CA ILE A 29 -11.48 -7.01 -7.66
C ILE A 29 -11.94 -8.07 -8.66
N GLY A 30 -13.03 -7.77 -9.35
CA GLY A 30 -13.57 -8.70 -10.32
C GLY A 30 -13.75 -10.10 -9.76
N SER A 31 -13.88 -10.20 -8.43
CA SER A 31 -14.04 -11.49 -7.78
C SER A 31 -15.24 -11.50 -6.84
N LYS A 32 -16.44 -11.53 -7.42
CA LYS A 32 -17.68 -11.55 -6.64
C LYS A 32 -17.88 -10.23 -5.89
N ARG A 33 -17.01 -10.00 -4.90
CA ARG A 33 -17.09 -8.78 -4.09
C ARG A 33 -16.83 -7.54 -4.94
N ASP A 34 -16.30 -7.74 -6.15
CA ASP A 34 -16.00 -6.64 -7.06
C ASP A 34 -17.09 -5.56 -7.03
N SER A 35 -16.66 -4.30 -7.05
CA SER A 35 -17.59 -3.17 -7.02
C SER A 35 -16.87 -1.86 -7.29
N LYS A 36 -17.54 -0.94 -7.98
CA LYS A 36 -16.95 0.35 -8.31
C LYS A 36 -16.47 1.06 -7.05
N GLU A 37 -17.30 1.04 -6.02
CA GLU A 37 -16.95 1.68 -4.75
C GLU A 37 -15.64 1.14 -4.21
N LEU A 38 -15.43 -0.17 -4.36
CA LEU A 38 -14.21 -0.80 -3.89
C LEU A 38 -13.01 -0.24 -4.65
N ARG A 39 -13.06 -0.32 -5.98
CA ARG A 39 -11.98 0.19 -6.81
C ARG A 39 -11.81 1.68 -6.57
N TYR A 40 -12.93 2.39 -6.47
CA TYR A 40 -12.89 3.82 -6.19
C TYR A 40 -12.20 4.06 -4.86
N LYS A 41 -12.63 3.31 -3.86
CA LYS A 41 -12.04 3.41 -2.53
C LYS A 41 -10.56 3.02 -2.62
N ILE A 42 -10.29 2.01 -3.44
CA ILE A 42 -8.94 1.53 -3.63
C ILE A 42 -8.03 2.61 -4.24
N GLU A 43 -8.46 3.18 -5.36
CA GLU A 43 -7.67 4.20 -6.05
C GLU A 43 -7.83 5.58 -5.42
N THR A 44 -8.98 5.85 -4.83
CA THR A 44 -9.23 7.15 -4.23
C THR A 44 -9.00 7.15 -2.72
N GLU A 45 -8.74 5.99 -2.11
CA GLU A 45 -8.52 5.92 -0.68
C GLU A 45 -7.34 5.03 -0.31
N LEU A 46 -7.27 3.82 -0.87
CA LEU A 46 -6.18 2.89 -0.54
C LEU A 46 -4.85 3.36 -1.14
N ILE A 47 -4.58 2.95 -2.38
CA ILE A 47 -3.33 3.31 -3.06
C ILE A 47 -2.88 4.73 -2.71
N PRO A 48 -3.75 5.75 -2.91
CA PRO A 48 -3.41 7.14 -2.60
C PRO A 48 -2.82 7.29 -1.20
N ASN A 49 -3.32 6.49 -0.26
CA ASN A 49 -2.85 6.54 1.11
C ASN A 49 -1.65 5.62 1.32
N CYS A 50 -1.66 4.48 0.64
CA CYS A 50 -0.55 3.52 0.76
C CYS A 50 0.74 4.15 0.26
N THR A 51 0.72 4.62 -0.98
CA THR A 51 1.89 5.27 -1.56
C THR A 51 2.21 6.55 -0.79
N SER A 52 1.18 7.31 -0.46
CA SER A 52 1.36 8.53 0.31
C SER A 52 2.06 8.20 1.62
N VAL A 53 1.81 6.98 2.09
CA VAL A 53 2.42 6.49 3.32
C VAL A 53 3.91 6.23 3.08
N ARG A 54 4.26 5.92 1.83
CA ARG A 54 5.65 5.70 1.46
C ARG A 54 6.43 6.99 1.55
N ASP A 55 5.96 8.00 0.82
CA ASP A 55 6.60 9.32 0.82
C ASP A 55 6.86 9.77 2.25
N LYS A 56 5.96 9.39 3.15
CA LYS A 56 6.11 9.74 4.56
C LYS A 56 7.28 8.97 5.15
N ILE A 57 7.38 7.71 4.78
CA ILE A 57 8.46 6.85 5.25
C ILE A 57 9.77 7.26 4.59
N GLU A 58 9.74 7.45 3.28
CA GLU A 58 10.91 7.85 2.53
C GLU A 58 11.34 9.25 2.95
N SER A 59 10.37 10.08 3.32
CA SER A 59 10.65 11.44 3.75
C SER A 59 11.50 11.41 5.01
N ASN A 60 11.26 10.41 5.84
CA ASN A 60 12.00 10.25 7.09
C ASN A 60 13.39 9.67 6.80
N ILE A 61 14.38 10.55 6.68
CA ILE A 61 15.75 10.14 6.39
C ILE A 61 16.20 8.95 7.24
N LEU A 62 15.64 8.82 8.44
CA LEU A 62 15.99 7.70 9.32
C LEU A 62 15.81 6.36 8.60
N ILE A 63 14.98 6.36 7.57
CA ILE A 63 14.73 5.15 6.80
C ILE A 63 15.98 4.74 6.02
N HIS A 64 16.83 5.71 5.72
CA HIS A 64 18.07 5.45 4.98
C HIS A 64 19.20 5.07 5.93
N GLN A 65 19.09 5.50 7.18
CA GLN A 65 20.12 5.21 8.17
C GLN A 65 19.93 3.80 8.75
N ASN A 66 18.71 3.48 9.15
CA ASN A 66 18.40 2.17 9.70
C ASN A 66 18.23 1.13 8.60
N GLY A 67 19.26 0.31 8.41
CA GLY A 67 19.20 -0.72 7.38
C GLY A 67 18.01 -1.65 7.55
N LYS A 68 17.69 -1.96 8.80
CA LYS A 68 16.57 -2.85 9.09
C LYS A 68 15.26 -2.25 8.60
N LEU A 69 14.89 -1.10 9.16
CA LEU A 69 13.65 -0.42 8.78
C LEU A 69 13.63 -0.14 7.28
N SER A 70 14.78 0.28 6.75
CA SER A 70 14.89 0.58 5.32
C SER A 70 14.27 -0.53 4.50
N ALA A 71 14.55 -1.77 4.89
CA ALA A 71 14.01 -2.93 4.22
C ALA A 71 12.52 -3.07 4.51
N ASP A 72 12.11 -2.64 5.70
CA ASP A 72 10.71 -2.70 6.11
C ASP A 72 9.80 -2.14 5.03
N PHE A 73 9.85 -0.83 4.84
CA PHE A 73 9.03 -0.16 3.84
C PHE A 73 9.34 -0.68 2.43
N LYS A 74 10.62 -0.88 2.15
CA LYS A 74 11.04 -1.37 0.84
C LYS A 74 10.26 -2.61 0.43
N ASN A 75 10.05 -3.51 1.38
CA ASN A 75 9.32 -4.74 1.12
C ASN A 75 7.83 -4.44 0.92
N LEU A 76 7.33 -3.45 1.63
CA LEU A 76 5.93 -3.07 1.53
C LEU A 76 5.64 -2.40 0.19
N LYS A 77 6.31 -1.28 -0.07
CA LYS A 77 6.11 -0.56 -1.32
C LYS A 77 6.34 -1.49 -2.51
N THR A 78 7.25 -2.42 -2.33
CA THR A 78 7.56 -3.40 -3.37
C THR A 78 6.39 -4.37 -3.56
N LYS A 79 5.99 -5.00 -2.45
CA LYS A 79 4.88 -5.94 -2.50
C LYS A 79 3.60 -5.22 -2.92
N TYR A 80 3.49 -3.95 -2.52
CA TYR A 80 2.31 -3.15 -2.85
C TYR A 80 2.23 -2.92 -4.36
N GLN A 81 3.37 -2.76 -5.00
CA GLN A 81 3.41 -2.54 -6.44
C GLN A 81 2.82 -3.74 -7.18
N SER A 82 3.14 -4.93 -6.72
CA SER A 82 2.63 -6.14 -7.33
C SER A 82 1.11 -6.20 -7.23
N LEU A 83 0.60 -5.71 -6.12
CA LEU A 83 -0.85 -5.70 -5.87
C LEU A 83 -1.56 -4.80 -6.88
N GLN A 84 -1.09 -3.57 -7.02
CA GLN A 84 -1.71 -2.63 -7.95
C GLN A 84 -1.72 -3.20 -9.35
N GLN A 85 -0.62 -3.88 -9.72
CA GLN A 85 -0.49 -4.48 -11.04
C GLN A 85 -1.42 -5.67 -11.22
N SER A 86 -1.40 -6.59 -10.26
CA SER A 86 -2.24 -7.79 -10.34
C SER A 86 -3.72 -7.43 -10.35
N TYR A 87 -4.05 -6.35 -9.65
CA TYR A 87 -5.43 -5.89 -9.57
C TYR A 87 -5.80 -5.02 -10.76
N ASN A 88 -4.91 -4.11 -11.13
CA ASN A 88 -5.16 -3.22 -12.26
C ASN A 88 -5.53 -4.03 -13.49
N GLN A 89 -4.81 -5.13 -13.72
CA GLN A 89 -5.09 -5.98 -14.87
C GLN A 89 -6.46 -6.61 -14.71
N ARG A 90 -6.65 -7.31 -13.59
CA ARG A 90 -7.92 -7.98 -13.30
C ARG A 90 -9.08 -7.01 -13.48
N LYS A 91 -8.91 -5.78 -13.03
CA LYS A 91 -9.96 -4.77 -13.14
C LYS A 91 -10.30 -4.52 -14.60
N SER A 92 -9.32 -4.69 -15.47
CA SER A 92 -9.52 -4.49 -16.91
C SER A 92 -10.15 -5.72 -17.54
N LEU A 93 -9.98 -6.88 -16.90
CA LEU A 93 -10.53 -8.13 -17.41
C LEU A 93 -11.91 -8.39 -16.81
N PHE A 94 -12.16 -7.82 -15.64
CA PHE A 94 -13.44 -7.99 -14.95
C PHE A 94 -14.18 -6.67 -14.76
N PRO A 95 -14.75 -6.11 -15.84
CA PRO A 95 -15.48 -4.84 -15.78
C PRO A 95 -16.75 -4.95 -14.92
N LEU A 96 -17.27 -3.81 -14.49
CA LEU A 96 -18.47 -3.79 -13.66
C LEU A 96 -19.64 -3.18 -14.42
N LYS A 97 -20.76 -3.90 -14.44
CA LYS A 97 -21.96 -3.43 -15.14
C LYS A 97 -21.68 -3.22 -16.62
N THR A 1 18.24 9.32 18.91
CA THR A 1 16.79 9.57 18.75
C THR A 1 16.07 8.35 18.19
N ASN A 2 15.72 7.42 19.07
CA ASN A 2 15.03 6.20 18.66
C ASN A 2 13.54 6.46 18.46
N GLN A 3 13.01 7.43 19.19
CA GLN A 3 11.59 7.78 19.09
C GLN A 3 11.23 8.18 17.66
N LYS A 4 12.13 8.91 17.00
CA LYS A 4 11.90 9.34 15.64
C LYS A 4 11.74 8.15 14.71
N THR A 5 12.66 7.20 14.78
CA THR A 5 12.60 6.01 13.96
C THR A 5 11.39 5.16 14.36
N LYS A 6 11.01 5.27 15.64
CA LYS A 6 9.86 4.53 16.14
C LYS A 6 8.60 5.00 15.44
N GLU A 7 8.49 6.31 15.24
CA GLU A 7 7.34 6.89 14.56
C GLU A 7 7.24 6.33 13.15
N LEU A 8 8.39 6.11 12.52
CA LEU A 8 8.44 5.57 11.17
C LEU A 8 7.76 4.21 11.12
N SER A 9 8.16 3.32 12.03
CA SER A 9 7.57 1.99 12.10
C SER A 9 6.05 2.10 12.22
N ASN A 10 5.59 3.23 12.77
CA ASN A 10 4.17 3.48 12.92
C ASN A 10 3.53 3.66 11.55
N LEU A 11 4.27 4.35 10.67
CA LEU A 11 3.80 4.58 9.31
C LEU A 11 3.89 3.28 8.52
N ILE A 12 5.01 2.60 8.70
CA ILE A 12 5.24 1.33 8.04
C ILE A 12 4.22 0.30 8.53
N GLU A 13 4.01 0.27 9.84
CA GLU A 13 3.05 -0.65 10.45
C GLU A 13 1.70 -0.50 9.77
N THR A 14 1.38 0.72 9.38
CA THR A 14 0.13 0.99 8.69
C THR A 14 0.26 0.57 7.23
N PHE A 15 1.43 0.84 6.66
CA PHE A 15 1.70 0.45 5.28
C PHE A 15 1.58 -1.05 5.14
N ALA A 16 2.08 -1.77 6.13
CA ALA A 16 2.01 -3.22 6.14
C ALA A 16 0.54 -3.66 6.09
N GLU A 17 -0.30 -2.93 6.82
CA GLU A 17 -1.73 -3.21 6.85
C GLU A 17 -2.34 -2.81 5.51
N GLN A 18 -2.00 -1.61 5.05
CA GLN A 18 -2.49 -1.10 3.79
C GLN A 18 -2.02 -2.01 2.65
N SER A 19 -0.79 -2.50 2.76
CA SER A 19 -0.22 -3.39 1.76
C SER A 19 -1.06 -4.66 1.70
N ARG A 20 -1.48 -5.13 2.87
CA ARG A 20 -2.32 -6.31 2.96
C ARG A 20 -3.69 -5.95 2.41
N VAL A 21 -4.13 -4.75 2.79
CA VAL A 21 -5.41 -4.24 2.35
C VAL A 21 -5.47 -4.19 0.83
N LEU A 22 -4.46 -3.59 0.22
CA LEU A 22 -4.43 -3.52 -1.23
C LEU A 22 -4.59 -4.92 -1.81
N GLU A 23 -3.82 -5.87 -1.27
CA GLU A 23 -3.91 -7.25 -1.73
C GLU A 23 -5.29 -7.82 -1.36
N LYS A 24 -5.87 -7.30 -0.28
CA LYS A 24 -7.19 -7.74 0.17
C LYS A 24 -8.26 -7.24 -0.79
N GLU A 25 -8.24 -5.94 -1.06
CA GLU A 25 -9.20 -5.34 -1.98
C GLU A 25 -8.91 -5.82 -3.39
N CYS A 26 -7.62 -5.95 -3.70
CA CYS A 26 -7.19 -6.40 -5.00
C CYS A 26 -7.63 -7.84 -5.25
N THR A 27 -7.60 -8.66 -4.21
CA THR A 27 -8.01 -10.05 -4.34
C THR A 27 -9.50 -10.13 -4.62
N LYS A 28 -10.24 -9.12 -4.16
CA LYS A 28 -11.68 -9.07 -4.36
C LYS A 28 -12.01 -8.53 -5.75
N ILE A 29 -11.09 -7.76 -6.33
CA ILE A 29 -11.31 -7.19 -7.67
C ILE A 29 -11.62 -8.30 -8.68
N GLY A 30 -12.53 -8.00 -9.59
CA GLY A 30 -12.92 -8.96 -10.61
C GLY A 30 -13.31 -10.30 -10.03
N SER A 31 -13.88 -10.27 -8.82
CA SER A 31 -14.30 -11.50 -8.15
C SER A 31 -15.75 -11.39 -7.67
N LYS A 32 -16.66 -11.15 -8.61
CA LYS A 32 -18.08 -11.03 -8.27
C LYS A 32 -18.34 -9.76 -7.46
N ARG A 33 -17.81 -9.75 -6.23
CA ARG A 33 -17.98 -8.62 -5.34
C ARG A 33 -17.58 -7.32 -6.02
N ASP A 34 -16.43 -7.35 -6.68
CA ASP A 34 -15.88 -6.20 -7.42
C ASP A 34 -16.95 -5.16 -7.73
N SER A 35 -16.79 -3.96 -7.19
CA SER A 35 -17.74 -2.87 -7.41
C SER A 35 -17.01 -1.55 -7.58
N LYS A 36 -17.64 -0.62 -8.31
CA LYS A 36 -17.05 0.69 -8.54
C LYS A 36 -16.56 1.31 -7.24
N GLU A 37 -17.35 1.16 -6.19
CA GLU A 37 -17.00 1.70 -4.88
C GLU A 37 -15.68 1.11 -4.40
N LEU A 38 -15.41 -0.13 -4.78
CA LEU A 38 -14.17 -0.79 -4.39
C LEU A 38 -13.00 -0.16 -5.13
N ARG A 39 -13.02 -0.20 -6.45
CA ARG A 39 -11.95 0.38 -7.26
C ARG A 39 -11.80 1.87 -6.92
N TYR A 40 -12.91 2.51 -6.56
CA TYR A 40 -12.87 3.92 -6.19
C TYR A 40 -12.18 4.05 -4.84
N LYS A 41 -12.66 3.28 -3.87
CA LYS A 41 -12.07 3.29 -2.53
C LYS A 41 -10.61 2.88 -2.62
N ILE A 42 -10.30 2.01 -3.57
CA ILE A 42 -8.94 1.52 -3.75
C ILE A 42 -8.03 2.62 -4.31
N GLU A 43 -8.43 3.23 -5.41
CA GLU A 43 -7.63 4.26 -6.06
C GLU A 43 -7.81 5.64 -5.41
N THR A 44 -8.97 5.86 -4.79
CA THR A 44 -9.26 7.14 -4.16
C THR A 44 -9.08 7.10 -2.64
N GLU A 45 -8.83 5.93 -2.07
CA GLU A 45 -8.66 5.83 -0.62
C GLU A 45 -7.49 4.91 -0.23
N LEU A 46 -7.39 3.75 -0.87
CA LEU A 46 -6.32 2.82 -0.54
C LEU A 46 -4.97 3.29 -1.07
N ILE A 47 -4.66 2.93 -2.33
CA ILE A 47 -3.39 3.31 -2.95
C ILE A 47 -2.93 4.70 -2.51
N PRO A 48 -3.77 5.73 -2.66
CA PRO A 48 -3.41 7.09 -2.26
C PRO A 48 -2.85 7.14 -0.85
N ASN A 49 -3.50 6.42 0.05
CA ASN A 49 -3.07 6.37 1.45
C ASN A 49 -1.84 5.48 1.61
N CYS A 50 -1.83 4.35 0.90
CA CYS A 50 -0.70 3.42 0.97
C CYS A 50 0.57 4.10 0.50
N THR A 51 0.53 4.66 -0.71
CA THR A 51 1.68 5.34 -1.26
C THR A 51 1.97 6.61 -0.45
N SER A 52 0.92 7.33 -0.07
CA SER A 52 1.09 8.53 0.75
C SER A 52 1.83 8.15 2.03
N VAL A 53 1.60 6.91 2.46
CA VAL A 53 2.24 6.39 3.65
C VAL A 53 3.73 6.14 3.37
N ARG A 54 4.04 5.87 2.10
CA ARG A 54 5.43 5.64 1.69
C ARG A 54 6.20 6.94 1.81
N ASP A 55 5.72 7.98 1.12
CA ASP A 55 6.36 9.29 1.16
C ASP A 55 6.67 9.69 2.59
N LYS A 56 5.77 9.33 3.50
CA LYS A 56 5.95 9.62 4.92
C LYS A 56 7.14 8.84 5.45
N ILE A 57 7.23 7.59 5.03
CA ILE A 57 8.32 6.71 5.44
C ILE A 57 9.62 7.13 4.75
N GLU A 58 9.52 7.43 3.45
CA GLU A 58 10.67 7.85 2.68
C GLU A 58 11.14 9.22 3.14
N SER A 59 10.19 10.05 3.59
CA SER A 59 10.52 11.38 4.07
C SER A 59 11.42 11.28 5.29
N ASN A 60 11.18 10.26 6.10
CA ASN A 60 11.97 10.03 7.30
C ASN A 60 13.32 9.42 6.93
N ILE A 61 14.34 10.28 6.81
CA ILE A 61 15.68 9.84 6.44
C ILE A 61 16.12 8.59 7.21
N LEU A 62 15.61 8.43 8.42
CA LEU A 62 15.96 7.28 9.24
C LEU A 62 15.72 5.98 8.47
N ILE A 63 14.84 6.04 7.48
CA ILE A 63 14.56 4.87 6.66
C ILE A 63 15.78 4.46 5.86
N HIS A 64 16.59 5.45 5.50
CA HIS A 64 17.81 5.20 4.74
C HIS A 64 18.98 4.92 5.68
N GLN A 65 18.87 5.40 6.91
CA GLN A 65 19.92 5.20 7.91
C GLN A 65 19.79 3.82 8.56
N ASN A 66 18.56 3.41 8.83
CA ASN A 66 18.30 2.11 9.45
C ASN A 66 18.18 1.02 8.39
N GLY A 67 19.19 0.17 8.30
CA GLY A 67 19.19 -0.90 7.33
C GLY A 67 17.97 -1.80 7.46
N LYS A 68 17.65 -2.20 8.69
CA LYS A 68 16.50 -3.06 8.94
C LYS A 68 15.21 -2.42 8.42
N LEU A 69 14.82 -1.31 9.05
CA LEU A 69 13.61 -0.60 8.64
C LEU A 69 13.62 -0.28 7.16
N SER A 70 14.78 0.10 6.64
CA SER A 70 14.92 0.42 5.23
C SER A 70 14.25 -0.65 4.39
N ALA A 71 14.43 -1.90 4.80
CA ALA A 71 13.84 -3.03 4.10
C ALA A 71 12.36 -3.17 4.42
N ASP A 72 11.98 -2.78 5.63
CA ASP A 72 10.58 -2.85 6.07
C ASP A 72 9.66 -2.25 5.00
N PHE A 73 9.71 -0.93 4.86
CA PHE A 73 8.88 -0.23 3.89
C PHE A 73 9.18 -0.71 2.47
N LYS A 74 10.47 -0.91 2.17
CA LYS A 74 10.88 -1.37 0.84
C LYS A 74 10.09 -2.60 0.41
N ASN A 75 9.90 -3.53 1.35
CA ASN A 75 9.16 -4.75 1.07
C ASN A 75 7.68 -4.45 0.89
N LEU A 76 7.18 -3.50 1.68
CA LEU A 76 5.78 -3.12 1.59
C LEU A 76 5.49 -2.40 0.29
N LYS A 77 6.20 -1.30 0.05
CA LYS A 77 6.02 -0.53 -1.18
C LYS A 77 6.26 -1.43 -2.39
N THR A 78 7.18 -2.37 -2.23
CA THR A 78 7.50 -3.31 -3.30
C THR A 78 6.32 -4.25 -3.52
N LYS A 79 5.90 -4.93 -2.46
CA LYS A 79 4.78 -5.85 -2.56
C LYS A 79 3.53 -5.10 -2.97
N TYR A 80 3.40 -3.87 -2.48
CA TYR A 80 2.25 -3.04 -2.81
C TYR A 80 2.17 -2.80 -4.32
N GLN A 81 3.33 -2.60 -4.94
CA GLN A 81 3.38 -2.38 -6.38
C GLN A 81 2.84 -3.59 -7.13
N SER A 82 3.15 -4.78 -6.64
CA SER A 82 2.68 -6.00 -7.27
C SER A 82 1.17 -6.10 -7.18
N LEU A 83 0.62 -5.62 -6.07
CA LEU A 83 -0.81 -5.65 -5.85
C LEU A 83 -1.53 -4.78 -6.86
N GLN A 84 -1.09 -3.53 -6.99
CA GLN A 84 -1.70 -2.61 -7.92
C GLN A 84 -1.68 -3.18 -9.34
N GLN A 85 -0.58 -3.81 -9.69
CA GLN A 85 -0.41 -4.40 -11.02
C GLN A 85 -1.31 -5.62 -11.20
N SER A 86 -1.26 -6.55 -10.24
CA SER A 86 -2.06 -7.76 -10.31
C SER A 86 -3.55 -7.43 -10.35
N TYR A 87 -3.92 -6.37 -9.63
CA TYR A 87 -5.32 -5.95 -9.57
C TYR A 87 -5.67 -5.07 -10.76
N ASN A 88 -4.80 -4.13 -11.09
CA ASN A 88 -5.05 -3.22 -12.20
C ASN A 88 -5.42 -4.02 -13.46
N GLN A 89 -4.69 -5.11 -13.68
CA GLN A 89 -4.97 -5.95 -14.84
C GLN A 89 -6.34 -6.59 -14.68
N ARG A 90 -6.52 -7.32 -13.59
CA ARG A 90 -7.78 -7.99 -13.29
C ARG A 90 -8.95 -7.03 -13.44
N LYS A 91 -8.77 -5.80 -12.95
CA LYS A 91 -9.82 -4.79 -13.04
C LYS A 91 -10.17 -4.49 -14.50
N SER A 92 -9.19 -4.68 -15.38
CA SER A 92 -9.39 -4.45 -16.81
C SER A 92 -10.00 -5.68 -17.48
N LEU A 93 -9.77 -6.85 -16.90
CA LEU A 93 -10.29 -8.10 -17.44
C LEU A 93 -11.65 -8.43 -16.84
N PHE A 94 -11.91 -7.92 -15.63
CA PHE A 94 -13.16 -8.17 -14.94
C PHE A 94 -13.93 -6.87 -14.68
N PRO A 95 -14.54 -6.28 -15.73
CA PRO A 95 -15.31 -5.04 -15.59
C PRO A 95 -16.52 -5.22 -14.68
N LEU A 96 -17.40 -4.23 -14.65
CA LEU A 96 -18.60 -4.30 -13.83
C LEU A 96 -19.84 -3.97 -14.65
N LYS A 97 -20.96 -3.77 -13.97
CA LYS A 97 -22.22 -3.46 -14.64
C LYS A 97 -22.32 -1.97 -14.94
N THR A 1 19.27 7.52 19.78
CA THR A 1 19.62 6.16 19.33
C THR A 1 18.94 5.82 18.01
N ASN A 2 18.95 4.54 17.64
CA ASN A 2 18.33 4.09 16.40
C ASN A 2 16.87 3.70 16.61
N GLN A 3 16.26 4.20 17.69
CA GLN A 3 14.87 3.89 17.99
C GLN A 3 13.93 4.63 17.03
N LYS A 4 14.26 5.89 16.74
CA LYS A 4 13.45 6.69 15.84
C LYS A 4 13.32 6.02 14.47
N THR A 5 14.45 5.63 13.90
CA THR A 5 14.45 4.97 12.61
C THR A 5 13.78 3.60 12.74
N LYS A 6 13.78 3.05 13.95
CA LYS A 6 13.16 1.76 14.20
C LYS A 6 11.65 1.87 14.05
N GLU A 7 11.10 2.95 14.61
CA GLU A 7 9.67 3.21 14.53
C GLU A 7 9.24 3.28 13.07
N LEU A 8 10.12 3.81 12.23
CA LEU A 8 9.85 3.94 10.81
C LEU A 8 9.59 2.57 10.20
N SER A 9 10.48 1.62 10.47
CA SER A 9 10.33 0.26 9.98
C SER A 9 8.98 -0.31 10.41
N ASN A 10 8.45 0.22 11.52
CA ASN A 10 7.16 -0.23 12.01
C ASN A 10 6.06 0.19 11.05
N LEU A 11 6.18 1.41 10.53
CA LEU A 11 5.22 1.93 9.56
C LEU A 11 5.40 1.20 8.24
N ILE A 12 6.66 1.04 7.84
CA ILE A 12 7.00 0.35 6.61
C ILE A 12 6.57 -1.10 6.71
N GLU A 13 6.82 -1.71 7.86
CA GLU A 13 6.45 -3.10 8.09
C GLU A 13 4.97 -3.31 7.82
N THR A 14 4.18 -2.28 8.11
CA THR A 14 2.75 -2.35 7.86
C THR A 14 2.49 -2.11 6.39
N PHE A 15 3.20 -1.15 5.82
CA PHE A 15 3.09 -0.84 4.40
C PHE A 15 3.41 -2.08 3.58
N ALA A 16 4.44 -2.81 4.00
CA ALA A 16 4.82 -4.04 3.33
C ALA A 16 3.65 -5.01 3.33
N GLU A 17 2.94 -5.06 4.45
CA GLU A 17 1.78 -5.93 4.58
C GLU A 17 0.63 -5.36 3.75
N GLN A 18 0.41 -4.06 3.88
CA GLN A 18 -0.63 -3.37 3.13
C GLN A 18 -0.37 -3.53 1.63
N SER A 19 0.91 -3.54 1.26
CA SER A 19 1.31 -3.69 -0.13
C SER A 19 0.79 -5.02 -0.67
N ARG A 20 1.09 -6.09 0.05
CA ARG A 20 0.62 -7.42 -0.34
C ARG A 20 -0.90 -7.44 -0.27
N VAL A 21 -1.45 -6.66 0.66
CA VAL A 21 -2.89 -6.57 0.83
C VAL A 21 -3.52 -5.97 -0.42
N LEU A 22 -3.01 -4.81 -0.84
CA LEU A 22 -3.54 -4.17 -2.03
C LEU A 22 -3.55 -5.18 -3.18
N GLU A 23 -2.42 -5.86 -3.37
CA GLU A 23 -2.33 -6.87 -4.42
C GLU A 23 -3.31 -8.01 -4.14
N LYS A 24 -3.56 -8.26 -2.85
CA LYS A 24 -4.49 -9.30 -2.44
C LYS A 24 -5.92 -8.91 -2.77
N GLU A 25 -6.32 -7.73 -2.33
CA GLU A 25 -7.66 -7.23 -2.60
C GLU A 25 -7.79 -6.92 -4.09
N CYS A 26 -6.70 -6.46 -4.68
CA CYS A 26 -6.68 -6.12 -6.09
C CYS A 26 -6.79 -7.37 -6.95
N THR A 27 -6.16 -8.46 -6.51
CA THR A 27 -6.22 -9.71 -7.26
C THR A 27 -7.67 -10.21 -7.32
N LYS A 28 -8.43 -9.90 -6.28
CA LYS A 28 -9.83 -10.30 -6.21
C LYS A 28 -10.69 -9.41 -7.11
N ILE A 29 -10.23 -8.18 -7.34
CA ILE A 29 -10.96 -7.23 -8.18
C ILE A 29 -11.26 -7.82 -9.55
N GLY A 30 -12.51 -7.66 -9.98
CA GLY A 30 -12.93 -8.17 -11.27
C GLY A 30 -12.54 -9.62 -11.47
N SER A 31 -12.40 -10.36 -10.38
CA SER A 31 -12.02 -11.76 -10.44
C SER A 31 -12.93 -12.62 -9.56
N LYS A 32 -14.22 -12.60 -9.86
CA LYS A 32 -15.20 -13.38 -9.09
C LYS A 32 -15.34 -12.85 -7.67
N ARG A 33 -14.26 -12.97 -6.89
CA ARG A 33 -14.26 -12.50 -5.51
C ARG A 33 -14.59 -11.01 -5.43
N ASP A 34 -14.46 -10.31 -6.56
CA ASP A 34 -14.75 -8.87 -6.62
C ASP A 34 -16.02 -8.52 -5.85
N SER A 35 -16.11 -7.27 -5.40
CA SER A 35 -17.27 -6.81 -4.64
C SER A 35 -17.13 -5.32 -4.31
N LYS A 36 -18.25 -4.62 -4.28
CA LYS A 36 -18.26 -3.19 -3.96
C LYS A 36 -17.57 -2.93 -2.64
N GLU A 37 -17.98 -3.68 -1.63
CA GLU A 37 -17.40 -3.53 -0.30
C GLU A 37 -15.88 -3.67 -0.35
N LEU A 38 -15.40 -4.55 -1.23
CA LEU A 38 -13.97 -4.76 -1.38
C LEU A 38 -13.32 -3.49 -1.92
N ARG A 39 -13.78 -3.02 -3.08
CA ARG A 39 -13.24 -1.82 -3.68
C ARG A 39 -13.42 -0.63 -2.75
N TYR A 40 -14.57 -0.61 -2.08
CA TYR A 40 -14.85 0.46 -1.13
C TYR A 40 -13.86 0.36 0.01
N LYS A 41 -13.73 -0.83 0.57
CA LYS A 41 -12.78 -1.08 1.64
C LYS A 41 -11.37 -0.76 1.16
N ILE A 42 -11.12 -1.09 -0.10
CA ILE A 42 -9.82 -0.86 -0.71
C ILE A 42 -9.51 0.65 -0.81
N GLU A 43 -10.42 1.39 -1.42
CA GLU A 43 -10.24 2.83 -1.60
C GLU A 43 -10.55 3.63 -0.33
N THR A 44 -11.45 3.11 0.50
CA THR A 44 -11.84 3.80 1.71
C THR A 44 -11.09 3.29 2.94
N GLU A 45 -10.36 2.19 2.80
CA GLU A 45 -9.62 1.63 3.94
C GLU A 45 -8.17 1.24 3.59
N LEU A 46 -7.99 0.49 2.50
CA LEU A 46 -6.65 0.06 2.12
C LEU A 46 -5.80 1.23 1.61
N ILE A 47 -5.89 1.52 0.31
CA ILE A 47 -5.12 2.61 -0.30
C ILE A 47 -4.97 3.81 0.66
N PRO A 48 -6.10 4.35 1.17
CA PRO A 48 -6.06 5.48 2.08
C PRO A 48 -5.12 5.25 3.25
N ASN A 49 -5.08 4.01 3.74
CA ASN A 49 -4.21 3.65 4.85
C ASN A 49 -2.80 3.34 4.38
N CYS A 50 -2.70 2.69 3.22
CA CYS A 50 -1.40 2.34 2.65
C CYS A 50 -0.62 3.60 2.34
N THR A 51 -1.22 4.50 1.57
CA THR A 51 -0.58 5.75 1.21
C THR A 51 -0.38 6.60 2.47
N SER A 52 -1.41 6.65 3.32
CA SER A 52 -1.31 7.40 4.57
C SER A 52 -0.11 6.89 5.36
N VAL A 53 0.18 5.60 5.19
CA VAL A 53 1.31 4.97 5.84
C VAL A 53 2.61 5.49 5.23
N ARG A 54 2.55 5.90 3.96
CA ARG A 54 3.70 6.46 3.28
C ARG A 54 4.04 7.81 3.88
N ASP A 55 3.06 8.72 3.88
CA ASP A 55 3.25 10.05 4.45
C ASP A 55 3.90 9.95 5.81
N LYS A 56 3.55 8.90 6.54
CA LYS A 56 4.11 8.67 7.87
C LYS A 56 5.58 8.31 7.75
N ILE A 57 5.90 7.48 6.76
CA ILE A 57 7.27 7.07 6.51
C ILE A 57 8.07 8.23 5.93
N GLU A 58 7.49 8.91 4.95
CA GLU A 58 8.14 10.05 4.32
C GLU A 58 8.26 11.20 5.32
N SER A 59 7.29 11.29 6.22
CA SER A 59 7.31 12.33 7.24
C SER A 59 8.54 12.17 8.12
N ASN A 60 8.93 10.92 8.32
CA ASN A 60 10.10 10.60 9.14
C ASN A 60 11.37 10.83 8.33
N ILE A 61 11.95 12.03 8.49
CA ILE A 61 13.17 12.40 7.77
C ILE A 61 14.22 11.29 7.77
N LEU A 62 14.21 10.46 8.80
CA LEU A 62 15.17 9.36 8.92
C LEU A 62 15.11 8.47 7.68
N ILE A 63 14.00 8.52 6.94
CA ILE A 63 13.84 7.72 5.74
C ILE A 63 14.81 8.17 4.65
N HIS A 64 15.14 9.45 4.65
CA HIS A 64 16.06 10.01 3.66
C HIS A 64 17.52 9.82 4.08
N GLN A 65 17.74 9.64 5.39
CA GLN A 65 19.09 9.46 5.91
C GLN A 65 19.55 8.02 5.72
N ASN A 66 18.70 7.08 6.13
CA ASN A 66 19.02 5.67 6.02
C ASN A 66 18.78 5.16 4.60
N GLY A 67 19.86 4.97 3.84
CA GLY A 67 19.75 4.50 2.47
C GLY A 67 19.01 3.19 2.37
N LYS A 68 19.28 2.28 3.30
CA LYS A 68 18.63 0.98 3.32
C LYS A 68 17.12 1.12 3.44
N LEU A 69 16.67 1.71 4.54
CA LEU A 69 15.24 1.91 4.77
C LEU A 69 14.63 2.75 3.67
N SER A 70 15.36 3.77 3.23
CA SER A 70 14.89 4.66 2.17
C SER A 70 14.34 3.85 1.01
N ALA A 71 15.02 2.75 0.70
CA ALA A 71 14.61 1.86 -0.37
C ALA A 71 13.42 1.02 0.06
N ASP A 72 13.37 0.71 1.36
CA ASP A 72 12.29 -0.08 1.93
C ASP A 72 10.93 0.43 1.46
N PHE A 73 10.53 1.59 1.97
CA PHE A 73 9.25 2.19 1.62
C PHE A 73 9.17 2.47 0.12
N LYS A 74 10.29 2.94 -0.45
CA LYS A 74 10.34 3.25 -1.88
C LYS A 74 9.84 2.07 -2.71
N ASN A 75 10.23 0.87 -2.31
CA ASN A 75 9.82 -0.33 -3.02
C ASN A 75 8.35 -0.64 -2.77
N LEU A 76 7.89 -0.35 -1.56
CA LEU A 76 6.51 -0.59 -1.18
C LEU A 76 5.58 0.38 -1.91
N LYS A 77 5.79 1.67 -1.69
CA LYS A 77 4.97 2.69 -2.33
C LYS A 77 5.01 2.52 -3.84
N THR A 78 6.16 2.06 -4.34
CA THR A 78 6.34 1.84 -5.76
C THR A 78 5.50 0.64 -6.20
N LYS A 79 5.69 -0.49 -5.55
CA LYS A 79 4.94 -1.70 -5.87
C LYS A 79 3.45 -1.45 -5.65
N TYR A 80 3.14 -0.68 -4.61
CA TYR A 80 1.77 -0.35 -4.28
C TYR A 80 1.10 0.39 -5.44
N GLN A 81 1.86 1.26 -6.09
CA GLN A 81 1.33 2.03 -7.22
C GLN A 81 0.92 1.09 -8.36
N SER A 82 1.70 0.04 -8.56
CA SER A 82 1.41 -0.93 -9.61
C SER A 82 0.11 -1.67 -9.31
N LEU A 83 -0.12 -1.90 -8.03
CA LEU A 83 -1.32 -2.60 -7.58
C LEU A 83 -2.57 -1.79 -7.89
N GLN A 84 -2.56 -0.53 -7.49
CA GLN A 84 -3.70 0.35 -7.72
C GLN A 84 -4.02 0.42 -9.21
N GLN A 85 -2.97 0.48 -10.02
CA GLN A 85 -3.13 0.56 -11.47
C GLN A 85 -3.70 -0.73 -12.05
N SER A 86 -3.10 -1.86 -11.70
CA SER A 86 -3.56 -3.15 -12.21
C SER A 86 -5.01 -3.41 -11.81
N TYR A 87 -5.35 -2.99 -10.61
CA TYR A 87 -6.71 -3.17 -10.09
C TYR A 87 -7.64 -2.09 -10.59
N ASN A 88 -7.18 -0.85 -10.59
CA ASN A 88 -8.00 0.27 -11.05
C ASN A 88 -8.57 -0.02 -12.43
N GLN A 89 -7.75 -0.57 -13.31
CA GLN A 89 -8.20 -0.92 -14.65
C GLN A 89 -9.23 -2.02 -14.58
N ARG A 90 -8.83 -3.14 -13.98
CA ARG A 90 -9.70 -4.30 -13.82
C ARG A 90 -11.05 -3.89 -13.23
N LYS A 91 -11.01 -2.95 -12.29
CA LYS A 91 -12.23 -2.48 -11.64
C LYS A 91 -13.13 -1.76 -12.65
N SER A 92 -12.50 -1.18 -13.67
CA SER A 92 -13.24 -0.47 -14.71
C SER A 92 -13.78 -1.45 -15.75
N LEU A 93 -13.11 -2.60 -15.86
CA LEU A 93 -13.53 -3.63 -16.81
C LEU A 93 -14.52 -4.59 -16.16
N PHE A 94 -14.43 -4.71 -14.83
CA PHE A 94 -15.32 -5.59 -14.09
C PHE A 94 -16.23 -4.80 -13.15
N PRO A 95 -17.02 -3.86 -13.69
CA PRO A 95 -17.94 -3.04 -12.89
C PRO A 95 -18.98 -3.88 -12.16
N LEU A 96 -19.27 -3.51 -10.92
CA LEU A 96 -20.26 -4.23 -10.12
C LEU A 96 -21.64 -3.62 -10.30
N LYS A 97 -21.76 -2.34 -10.00
CA LYS A 97 -23.03 -1.64 -10.13
C LYS A 97 -23.55 -1.68 -11.57
N THR A 1 22.03 1.51 17.84
CA THR A 1 20.59 1.15 17.80
C THR A 1 19.72 2.38 17.58
N ASN A 2 19.20 2.51 16.36
CA ASN A 2 18.36 3.65 16.01
C ASN A 2 16.91 3.39 16.42
N GLN A 3 16.48 4.03 17.50
CA GLN A 3 15.13 3.86 18.00
C GLN A 3 14.12 4.57 17.09
N LYS A 4 14.41 5.83 16.76
CA LYS A 4 13.53 6.61 15.91
C LYS A 4 13.35 5.93 14.55
N THR A 5 14.47 5.56 13.93
CA THR A 5 14.42 4.89 12.64
C THR A 5 13.68 3.56 12.77
N LYS A 6 13.81 2.93 13.93
CA LYS A 6 13.15 1.66 14.19
C LYS A 6 11.64 1.82 14.08
N GLU A 7 11.13 2.92 14.62
CA GLU A 7 9.70 3.22 14.58
C GLU A 7 9.24 3.31 13.14
N LEU A 8 10.10 3.83 12.27
CA LEU A 8 9.78 3.98 10.86
C LEU A 8 9.53 2.60 10.24
N SER A 9 10.47 1.68 10.46
CA SER A 9 10.34 0.32 9.94
C SER A 9 9.00 -0.27 10.37
N ASN A 10 8.48 0.20 11.49
CA ASN A 10 7.20 -0.27 11.99
C ASN A 10 6.09 0.21 11.07
N LEU A 11 6.25 1.42 10.54
CA LEU A 11 5.29 1.99 9.62
C LEU A 11 5.43 1.32 8.27
N ILE A 12 6.69 1.07 7.90
CA ILE A 12 6.99 0.40 6.64
C ILE A 12 6.53 -1.04 6.71
N GLU A 13 6.79 -1.69 7.84
CA GLU A 13 6.38 -3.08 8.04
C GLU A 13 4.89 -3.22 7.81
N THR A 14 4.14 -2.18 8.16
CA THR A 14 2.70 -2.18 7.96
C THR A 14 2.41 -1.87 6.49
N PHE A 15 3.18 -0.94 5.92
CA PHE A 15 3.02 -0.58 4.54
C PHE A 15 3.28 -1.79 3.66
N ALA A 16 4.29 -2.58 4.03
CA ALA A 16 4.61 -3.80 3.31
C ALA A 16 3.41 -4.74 3.31
N GLU A 17 2.72 -4.78 4.45
CA GLU A 17 1.53 -5.61 4.59
C GLU A 17 0.39 -5.00 3.79
N GLN A 18 0.20 -3.69 3.96
CA GLN A 18 -0.83 -2.96 3.25
C GLN A 18 -0.57 -3.05 1.74
N SER A 19 0.70 -3.00 1.38
CA SER A 19 1.10 -3.09 -0.02
C SER A 19 0.72 -4.46 -0.55
N ARG A 20 0.91 -5.48 0.27
CA ARG A 20 0.54 -6.83 -0.08
C ARG A 20 -0.96 -6.91 -0.13
N VAL A 21 -1.58 -6.26 0.85
CA VAL A 21 -3.01 -6.20 0.95
C VAL A 21 -3.61 -5.59 -0.31
N LEU A 22 -3.09 -4.43 -0.71
CA LEU A 22 -3.58 -3.79 -1.92
C LEU A 22 -3.50 -4.79 -3.07
N GLU A 23 -2.36 -5.44 -3.21
CA GLU A 23 -2.19 -6.45 -4.25
C GLU A 23 -3.14 -7.62 -3.99
N LYS A 24 -3.46 -7.86 -2.72
CA LYS A 24 -4.36 -8.93 -2.35
C LYS A 24 -5.78 -8.58 -2.75
N GLU A 25 -6.23 -7.40 -2.33
CA GLU A 25 -7.56 -6.93 -2.67
C GLU A 25 -7.65 -6.63 -4.16
N CYS A 26 -6.53 -6.18 -4.71
CA CYS A 26 -6.46 -5.85 -6.13
C CYS A 26 -6.48 -7.10 -6.99
N THR A 27 -5.95 -8.21 -6.46
CA THR A 27 -5.91 -9.45 -7.21
C THR A 27 -7.30 -10.07 -7.29
N LYS A 28 -8.15 -9.81 -6.30
CA LYS A 28 -9.49 -10.36 -6.28
C LYS A 28 -10.48 -9.47 -7.04
N ILE A 29 -10.14 -8.18 -7.20
CA ILE A 29 -11.02 -7.25 -7.91
C ILE A 29 -11.48 -7.85 -9.23
N GLY A 30 -12.79 -7.88 -9.43
CA GLY A 30 -13.34 -8.43 -10.66
C GLY A 30 -13.10 -9.93 -10.77
N SER A 31 -12.87 -10.58 -9.64
CA SER A 31 -12.61 -12.03 -9.64
C SER A 31 -13.30 -12.70 -8.45
N LYS A 32 -14.56 -13.11 -8.65
CA LYS A 32 -15.31 -13.78 -7.60
C LYS A 32 -15.60 -12.84 -6.43
N ARG A 33 -14.57 -12.54 -5.66
CA ARG A 33 -14.70 -11.65 -4.51
C ARG A 33 -15.12 -10.24 -4.95
N ASP A 34 -14.99 -9.95 -6.24
CA ASP A 34 -15.34 -8.65 -6.80
C ASP A 34 -16.63 -8.11 -6.17
N SER A 35 -16.56 -6.86 -5.71
CA SER A 35 -17.71 -6.21 -5.09
C SER A 35 -17.42 -4.74 -4.81
N LYS A 36 -18.48 -3.93 -4.77
CA LYS A 36 -18.33 -2.50 -4.51
C LYS A 36 -17.65 -2.27 -3.16
N GLU A 37 -18.17 -2.91 -2.13
CA GLU A 37 -17.62 -2.78 -0.78
C GLU A 37 -16.13 -3.07 -0.79
N LEU A 38 -15.69 -3.94 -1.69
CA LEU A 38 -14.29 -4.29 -1.80
C LEU A 38 -13.51 -3.09 -2.33
N ARG A 39 -13.84 -2.64 -3.54
CA ARG A 39 -13.15 -1.48 -4.11
C ARG A 39 -13.33 -0.27 -3.21
N TYR A 40 -14.50 -0.19 -2.56
CA TYR A 40 -14.76 0.90 -1.63
C TYR A 40 -13.83 0.76 -0.44
N LYS A 41 -13.80 -0.44 0.12
CA LYS A 41 -12.93 -0.72 1.25
C LYS A 41 -11.48 -0.44 0.86
N ILE A 42 -11.15 -0.79 -0.38
CA ILE A 42 -9.81 -0.58 -0.90
C ILE A 42 -9.46 0.91 -0.96
N GLU A 43 -10.30 1.69 -1.64
CA GLU A 43 -10.07 3.12 -1.80
C GLU A 43 -10.43 3.93 -0.56
N THR A 44 -11.39 3.44 0.22
CA THR A 44 -11.83 4.15 1.41
C THR A 44 -11.12 3.68 2.68
N GLU A 45 -10.44 2.53 2.62
CA GLU A 45 -9.75 2.01 3.79
C GLU A 45 -8.30 1.61 3.49
N LEU A 46 -8.09 0.81 2.44
CA LEU A 46 -6.74 0.35 2.10
C LEU A 46 -5.86 1.51 1.64
N ILE A 47 -5.94 1.85 0.35
CA ILE A 47 -5.15 2.93 -0.23
C ILE A 47 -4.97 4.08 0.76
N PRO A 48 -6.06 4.71 1.21
CA PRO A 48 -6.00 5.82 2.15
C PRO A 48 -5.11 5.51 3.35
N ASN A 49 -5.14 4.25 3.78
CA ASN A 49 -4.33 3.81 4.90
C ASN A 49 -2.91 3.49 4.46
N CYS A 50 -2.77 2.91 3.28
CA CYS A 50 -1.45 2.57 2.75
C CYS A 50 -0.65 3.83 2.49
N THR A 51 -1.24 4.75 1.74
CA THR A 51 -0.58 6.01 1.43
C THR A 51 -0.39 6.82 2.71
N SER A 52 -1.41 6.83 3.57
CA SER A 52 -1.33 7.54 4.83
C SER A 52 -0.13 7.03 5.62
N VAL A 53 0.15 5.75 5.46
CA VAL A 53 1.27 5.11 6.11
C VAL A 53 2.58 5.63 5.53
N ARG A 54 2.53 6.06 4.26
CA ARG A 54 3.69 6.61 3.59
C ARG A 54 4.07 7.94 4.23
N ASP A 55 3.11 8.87 4.26
CA ASP A 55 3.33 10.18 4.85
C ASP A 55 4.00 10.03 6.21
N LYS A 56 3.63 8.97 6.91
CA LYS A 56 4.20 8.69 8.23
C LYS A 56 5.66 8.32 8.07
N ILE A 57 5.95 7.47 7.08
CA ILE A 57 7.31 7.04 6.80
C ILE A 57 8.12 8.21 6.24
N GLU A 58 7.56 8.90 5.26
CA GLU A 58 8.21 10.05 4.65
C GLU A 58 8.38 11.15 5.69
N SER A 59 7.44 11.22 6.63
CA SER A 59 7.49 12.23 7.68
C SER A 59 8.76 12.04 8.50
N ASN A 60 9.15 10.79 8.67
CA ASN A 60 10.35 10.45 9.42
C ASN A 60 11.59 10.70 8.57
N ILE A 61 12.15 11.90 8.70
CA ILE A 61 13.34 12.30 7.93
C ILE A 61 14.37 11.19 7.84
N LEU A 62 14.45 10.35 8.86
CA LEU A 62 15.41 9.25 8.87
C LEU A 62 15.29 8.39 7.62
N ILE A 63 14.14 8.47 6.95
CA ILE A 63 13.91 7.71 5.73
C ILE A 63 14.80 8.21 4.60
N HIS A 64 15.11 9.50 4.62
CA HIS A 64 15.96 10.10 3.59
C HIS A 64 17.44 9.93 3.93
N GLN A 65 17.74 9.73 5.22
CA GLN A 65 19.11 9.54 5.67
C GLN A 65 19.55 8.09 5.49
N ASN A 66 18.71 7.17 5.92
CA ASN A 66 19.02 5.74 5.81
C ASN A 66 18.76 5.23 4.40
N GLY A 67 19.83 5.02 3.65
CA GLY A 67 19.70 4.53 2.29
C GLY A 67 18.92 3.24 2.20
N LYS A 68 19.21 2.30 3.10
CA LYS A 68 18.53 1.02 3.12
C LYS A 68 17.02 1.21 3.28
N LEU A 69 16.62 1.78 4.41
CA LEU A 69 15.20 2.01 4.68
C LEU A 69 14.59 2.89 3.60
N SER A 70 15.33 3.90 3.16
CA SER A 70 14.85 4.80 2.12
C SER A 70 14.24 3.99 0.98
N ALA A 71 14.89 2.88 0.66
CA ALA A 71 14.43 1.99 -0.41
C ALA A 71 13.26 1.14 0.07
N ASP A 72 13.26 0.81 1.36
CA ASP A 72 12.19 0.00 1.94
C ASP A 72 10.82 0.52 1.52
N PHE A 73 10.45 1.66 2.08
CA PHE A 73 9.17 2.29 1.78
C PHE A 73 9.05 2.61 0.28
N LYS A 74 10.14 3.10 -0.31
CA LYS A 74 10.15 3.44 -1.72
C LYS A 74 9.62 2.28 -2.56
N ASN A 75 10.04 1.08 -2.22
CA ASN A 75 9.61 -0.12 -2.93
C ASN A 75 8.14 -0.40 -2.69
N LEU A 76 7.70 -0.16 -1.46
CA LEU A 76 6.31 -0.38 -1.09
C LEU A 76 5.40 0.63 -1.79
N LYS A 77 5.66 1.91 -1.58
CA LYS A 77 4.87 2.95 -2.20
C LYS A 77 4.91 2.81 -3.72
N THR A 78 6.07 2.37 -4.21
CA THR A 78 6.26 2.17 -5.64
C THR A 78 5.42 0.98 -6.11
N LYS A 79 5.62 -0.17 -5.47
CA LYS A 79 4.87 -1.36 -5.83
C LYS A 79 3.39 -1.14 -5.59
N TYR A 80 3.08 -0.37 -4.56
CA TYR A 80 1.70 -0.05 -4.21
C TYR A 80 1.02 0.71 -5.35
N GLN A 81 1.77 1.60 -5.99
CA GLN A 81 1.24 2.37 -7.10
C GLN A 81 0.85 1.45 -8.25
N SER A 82 1.65 0.41 -8.47
CA SER A 82 1.38 -0.54 -9.53
C SER A 82 0.09 -1.31 -9.24
N LEU A 83 -0.14 -1.58 -7.96
CA LEU A 83 -1.33 -2.30 -7.54
C LEU A 83 -2.58 -1.51 -7.86
N GLN A 84 -2.61 -0.25 -7.44
CA GLN A 84 -3.76 0.61 -7.68
C GLN A 84 -4.07 0.68 -9.17
N GLN A 85 -3.03 0.73 -9.99
CA GLN A 85 -3.18 0.80 -11.44
C GLN A 85 -3.67 -0.52 -12.02
N SER A 86 -3.00 -1.62 -11.67
CA SER A 86 -3.38 -2.93 -12.16
C SER A 86 -4.81 -3.28 -11.76
N TYR A 87 -5.22 -2.82 -10.60
CA TYR A 87 -6.55 -3.08 -10.08
C TYR A 87 -7.56 -2.07 -10.64
N ASN A 88 -7.20 -0.80 -10.62
CA ASN A 88 -8.09 0.24 -11.14
C ASN A 88 -8.59 -0.14 -12.52
N GLN A 89 -7.69 -0.67 -13.35
CA GLN A 89 -8.08 -1.10 -14.69
C GLN A 89 -9.05 -2.27 -14.59
N ARG A 90 -8.60 -3.32 -13.93
CA ARG A 90 -9.41 -4.51 -13.73
C ARG A 90 -10.81 -4.15 -13.26
N LYS A 91 -10.88 -3.21 -12.33
CA LYS A 91 -12.17 -2.77 -11.79
C LYS A 91 -13.01 -2.15 -12.91
N SER A 92 -12.35 -1.60 -13.92
CA SER A 92 -13.03 -0.98 -15.04
C SER A 92 -13.41 -2.03 -16.10
N LEU A 93 -12.64 -3.12 -16.15
CA LEU A 93 -12.91 -4.19 -17.11
C LEU A 93 -13.85 -5.23 -16.51
N PHE A 94 -13.87 -5.32 -15.19
CA PHE A 94 -14.71 -6.29 -14.49
C PHE A 94 -15.77 -5.58 -13.64
N PRO A 95 -16.79 -4.98 -14.27
CA PRO A 95 -17.87 -4.29 -13.55
C PRO A 95 -18.55 -5.20 -12.53
N LEU A 96 -19.29 -4.60 -11.61
CA LEU A 96 -20.00 -5.36 -10.58
C LEU A 96 -21.47 -5.51 -10.93
N LYS A 97 -21.89 -6.72 -11.23
CA LYS A 97 -23.27 -7.00 -11.58
C LYS A 97 -23.98 -7.76 -10.47
N THR A 1 19.57 7.81 20.07
CA THR A 1 18.89 6.49 19.99
C THR A 1 18.37 6.24 18.58
N ASN A 2 18.50 4.99 18.13
CA ASN A 2 18.04 4.61 16.79
C ASN A 2 16.59 4.13 16.82
N GLN A 3 15.88 4.44 17.90
CA GLN A 3 14.48 4.04 18.04
C GLN A 3 13.61 4.75 17.00
N LYS A 4 13.96 5.99 16.69
CA LYS A 4 13.21 6.78 15.72
C LYS A 4 13.14 6.07 14.37
N THR A 5 14.29 5.58 13.91
CA THR A 5 14.34 4.86 12.65
C THR A 5 13.68 3.49 12.80
N LYS A 6 13.68 2.98 14.03
CA LYS A 6 13.06 1.70 14.31
C LYS A 6 11.55 1.81 14.13
N GLU A 7 10.99 2.92 14.60
CA GLU A 7 9.56 3.17 14.47
C GLU A 7 9.17 3.21 13.00
N LEU A 8 10.07 3.75 12.18
CA LEU A 8 9.85 3.85 10.75
C LEU A 8 9.61 2.46 10.16
N SER A 9 10.51 1.54 10.45
CA SER A 9 10.38 0.17 9.96
C SER A 9 9.04 -0.41 10.39
N ASN A 10 8.49 0.13 11.48
CA ASN A 10 7.20 -0.32 11.99
C ASN A 10 6.10 0.12 11.02
N LEU A 11 6.25 1.33 10.49
CA LEU A 11 5.29 1.85 9.52
C LEU A 11 5.47 1.13 8.20
N ILE A 12 6.73 0.96 7.82
CA ILE A 12 7.07 0.26 6.58
C ILE A 12 6.62 -1.19 6.68
N GLU A 13 6.89 -1.81 7.83
CA GLU A 13 6.51 -3.19 8.06
C GLU A 13 5.02 -3.39 7.77
N THR A 14 4.24 -2.36 8.09
CA THR A 14 2.81 -2.41 7.83
C THR A 14 2.56 -2.16 6.35
N PHE A 15 3.27 -1.18 5.81
CA PHE A 15 3.16 -0.85 4.39
C PHE A 15 3.46 -2.09 3.56
N ALA A 16 4.47 -2.84 3.97
CA ALA A 16 4.84 -4.07 3.28
C ALA A 16 3.66 -5.02 3.26
N GLU A 17 2.95 -5.09 4.39
CA GLU A 17 1.78 -5.94 4.51
C GLU A 17 0.64 -5.35 3.67
N GLN A 18 0.42 -4.05 3.81
CA GLN A 18 -0.60 -3.35 3.06
C GLN A 18 -0.32 -3.48 1.56
N SER A 19 0.97 -3.47 1.20
CA SER A 19 1.37 -3.60 -0.19
C SER A 19 0.87 -4.92 -0.74
N ARG A 20 1.18 -6.01 -0.05
CA ARG A 20 0.72 -7.33 -0.45
C ARG A 20 -0.79 -7.38 -0.40
N VAL A 21 -1.36 -6.61 0.53
CA VAL A 21 -2.80 -6.54 0.69
C VAL A 21 -3.43 -5.93 -0.55
N LEU A 22 -2.93 -4.76 -0.95
CA LEU A 22 -3.45 -4.11 -2.15
C LEU A 22 -3.45 -5.09 -3.30
N GLU A 23 -2.31 -5.75 -3.51
CA GLU A 23 -2.21 -6.74 -4.57
C GLU A 23 -3.16 -7.90 -4.30
N LYS A 24 -3.41 -8.18 -3.02
CA LYS A 24 -4.33 -9.25 -2.65
C LYS A 24 -5.76 -8.87 -2.99
N GLU A 25 -6.18 -7.70 -2.52
CA GLU A 25 -7.52 -7.22 -2.80
C GLU A 25 -7.65 -6.88 -4.27
N CYS A 26 -6.57 -6.37 -4.84
CA CYS A 26 -6.54 -6.01 -6.25
C CYS A 26 -6.61 -7.24 -7.14
N THR A 27 -6.01 -8.33 -6.69
CA THR A 27 -6.02 -9.56 -7.48
C THR A 27 -7.43 -10.13 -7.57
N LYS A 28 -8.24 -9.89 -6.54
CA LYS A 28 -9.60 -10.39 -6.53
C LYS A 28 -10.56 -9.41 -7.22
N ILE A 29 -10.14 -8.15 -7.38
CA ILE A 29 -10.99 -7.16 -8.03
C ILE A 29 -11.50 -7.68 -9.38
N GLY A 30 -12.81 -7.64 -9.55
CA GLY A 30 -13.40 -8.11 -10.78
C GLY A 30 -13.17 -9.59 -11.00
N SER A 31 -12.90 -10.31 -9.93
CA SER A 31 -12.65 -11.75 -10.03
C SER A 31 -13.41 -12.50 -8.94
N LYS A 32 -14.70 -12.73 -9.18
CA LYS A 32 -15.55 -13.45 -8.23
C LYS A 32 -15.78 -12.63 -6.96
N ARG A 33 -14.70 -12.41 -6.21
CA ARG A 33 -14.78 -11.64 -4.97
C ARG A 33 -15.20 -10.20 -5.23
N ASP A 34 -15.12 -9.77 -6.49
CA ASP A 34 -15.49 -8.41 -6.87
C ASP A 34 -16.76 -7.95 -6.16
N SER A 35 -16.59 -7.16 -5.10
CA SER A 35 -17.72 -6.66 -4.33
C SER A 35 -17.51 -5.19 -3.94
N LYS A 36 -18.59 -4.42 -3.95
CA LYS A 36 -18.52 -3.01 -3.60
C LYS A 36 -17.79 -2.80 -2.28
N GLU A 37 -18.08 -3.68 -1.33
CA GLU A 37 -17.44 -3.60 -0.02
C GLU A 37 -15.93 -3.72 -0.14
N LEU A 38 -15.49 -4.49 -1.14
CA LEU A 38 -14.07 -4.67 -1.37
C LEU A 38 -13.45 -3.37 -1.90
N ARG A 39 -13.95 -2.91 -3.04
CA ARG A 39 -13.43 -1.67 -3.63
C ARG A 39 -13.56 -0.53 -2.63
N TYR A 40 -14.59 -0.58 -1.78
CA TYR A 40 -14.78 0.43 -0.76
C TYR A 40 -13.69 0.28 0.29
N LYS A 41 -13.60 -0.91 0.85
CA LYS A 41 -12.58 -1.20 1.85
C LYS A 41 -11.19 -0.88 1.29
N ILE A 42 -11.04 -1.06 -0.02
CA ILE A 42 -9.79 -0.82 -0.69
C ILE A 42 -9.46 0.68 -0.74
N GLU A 43 -10.38 1.48 -1.28
CA GLU A 43 -10.18 2.91 -1.41
C GLU A 43 -10.49 3.68 -0.13
N THR A 44 -11.34 3.11 0.72
CA THR A 44 -11.72 3.77 1.95
C THR A 44 -10.98 3.20 3.17
N GLU A 45 -10.23 2.11 2.98
CA GLU A 45 -9.50 1.51 4.10
C GLU A 45 -8.07 1.12 3.72
N LEU A 46 -7.90 0.45 2.59
CA LEU A 46 -6.57 0.02 2.16
C LEU A 46 -5.72 1.20 1.68
N ILE A 47 -5.82 1.54 0.39
CA ILE A 47 -5.06 2.65 -0.19
C ILE A 47 -4.93 3.83 0.79
N PRO A 48 -6.05 4.34 1.30
CA PRO A 48 -6.04 5.47 2.24
C PRO A 48 -5.07 5.23 3.40
N ASN A 49 -4.98 3.98 3.84
CA ASN A 49 -4.10 3.61 4.93
C ASN A 49 -2.69 3.31 4.43
N CYS A 50 -2.60 2.70 3.25
CA CYS A 50 -1.30 2.38 2.68
C CYS A 50 -0.52 3.65 2.39
N THR A 51 -1.13 4.55 1.63
CA THR A 51 -0.49 5.82 1.30
C THR A 51 -0.30 6.64 2.57
N SER A 52 -1.33 6.65 3.42
CA SER A 52 -1.24 7.37 4.68
C SER A 52 -0.04 6.86 5.46
N VAL A 53 0.27 5.58 5.25
CA VAL A 53 1.40 4.94 5.87
C VAL A 53 2.69 5.48 5.26
N ARG A 54 2.62 5.85 3.98
CA ARG A 54 3.77 6.41 3.28
C ARG A 54 4.13 7.75 3.89
N ASP A 55 3.16 8.67 3.91
CA ASP A 55 3.35 10.00 4.47
C ASP A 55 4.02 9.90 5.83
N LYS A 56 3.66 8.85 6.57
CA LYS A 56 4.24 8.62 7.89
C LYS A 56 5.71 8.26 7.75
N ILE A 57 6.00 7.43 6.76
CA ILE A 57 7.37 7.01 6.49
C ILE A 57 8.16 8.17 5.89
N GLU A 58 7.56 8.85 4.92
CA GLU A 58 8.19 9.98 4.27
C GLU A 58 8.36 11.13 5.26
N SER A 59 7.43 11.23 6.20
CA SER A 59 7.49 12.28 7.22
C SER A 59 8.74 12.11 8.07
N ASN A 60 9.12 10.86 8.29
CA ASN A 60 10.30 10.53 9.07
C ASN A 60 11.56 10.75 8.24
N ILE A 61 12.19 11.91 8.41
CA ILE A 61 13.39 12.26 7.67
C ILE A 61 14.39 11.12 7.61
N LEU A 62 14.42 10.29 8.65
CA LEU A 62 15.34 9.16 8.70
C LEU A 62 15.23 8.31 7.44
N ILE A 63 14.08 8.40 6.76
CA ILE A 63 13.87 7.65 5.53
C ILE A 63 14.80 8.18 4.44
N HIS A 64 15.10 9.47 4.49
CA HIS A 64 15.98 10.09 3.52
C HIS A 64 17.44 9.99 3.96
N GLN A 65 17.64 9.81 5.27
CA GLN A 65 18.98 9.70 5.82
C GLN A 65 19.50 8.27 5.70
N ASN A 66 18.62 7.31 5.94
CA ASN A 66 18.98 5.89 5.85
C ASN A 66 19.01 5.42 4.41
N GLY A 67 19.97 4.58 4.07
CA GLY A 67 20.09 4.08 2.72
C GLY A 67 19.21 2.86 2.48
N LYS A 68 19.39 1.83 3.31
CA LYS A 68 18.61 0.61 3.19
C LYS A 68 17.11 0.89 3.33
N LEU A 69 16.73 1.46 4.46
CA LEU A 69 15.33 1.78 4.73
C LEU A 69 14.75 2.65 3.62
N SER A 70 15.53 3.62 3.15
CA SER A 70 15.09 4.51 2.08
C SER A 70 14.48 3.72 0.95
N ALA A 71 15.14 2.62 0.59
CA ALA A 71 14.67 1.75 -0.46
C ALA A 71 13.47 0.92 0.01
N ASP A 72 13.45 0.63 1.31
CA ASP A 72 12.37 -0.16 1.90
C ASP A 72 11.01 0.36 1.46
N PHE A 73 10.62 1.52 1.96
CA PHE A 73 9.34 2.12 1.63
C PHE A 73 9.25 2.41 0.13
N LYS A 74 10.34 2.91 -0.45
CA LYS A 74 10.39 3.22 -1.87
C LYS A 74 9.90 2.04 -2.71
N ASN A 75 10.30 0.85 -2.31
CA ASN A 75 9.91 -0.37 -3.02
C ASN A 75 8.44 -0.68 -2.77
N LEU A 76 7.98 -0.41 -1.56
CA LEU A 76 6.60 -0.66 -1.19
C LEU A 76 5.66 0.33 -1.90
N LYS A 77 5.90 1.62 -1.68
CA LYS A 77 5.09 2.64 -2.32
C LYS A 77 5.13 2.48 -3.83
N THR A 78 6.27 2.04 -4.33
CA THR A 78 6.46 1.82 -5.76
C THR A 78 5.62 0.63 -6.21
N LYS A 79 5.82 -0.52 -5.56
CA LYS A 79 5.08 -1.72 -5.90
C LYS A 79 3.59 -1.50 -5.64
N TYR A 80 3.29 -0.71 -4.61
CA TYR A 80 1.91 -0.42 -4.25
C TYR A 80 1.22 0.39 -5.35
N GLN A 81 1.96 1.31 -5.97
CA GLN A 81 1.41 2.12 -7.05
C GLN A 81 0.88 1.24 -8.18
N SER A 82 1.71 0.31 -8.61
CA SER A 82 1.33 -0.61 -9.68
C SER A 82 0.04 -1.35 -9.35
N LEU A 83 -0.13 -1.66 -8.06
CA LEU A 83 -1.30 -2.36 -7.59
C LEU A 83 -2.57 -1.56 -7.86
N GLN A 84 -2.55 -0.29 -7.48
CA GLN A 84 -3.71 0.57 -7.67
C GLN A 84 -4.02 0.68 -9.16
N GLN A 85 -2.98 0.83 -9.97
CA GLN A 85 -3.14 0.96 -11.41
C GLN A 85 -3.65 -0.33 -12.05
N SER A 86 -3.06 -1.46 -11.67
CA SER A 86 -3.47 -2.75 -12.22
C SER A 86 -4.91 -3.08 -11.84
N TYR A 87 -5.28 -2.68 -10.64
CA TYR A 87 -6.62 -2.93 -10.13
C TYR A 87 -7.60 -1.86 -10.61
N ASN A 88 -7.17 -0.61 -10.57
CA ASN A 88 -8.02 0.49 -11.01
C ASN A 88 -8.57 0.22 -12.40
N GLN A 89 -7.72 -0.30 -13.28
CA GLN A 89 -8.16 -0.62 -14.62
C GLN A 89 -9.16 -1.76 -14.59
N ARG A 90 -8.74 -2.87 -14.01
CA ARG A 90 -9.60 -4.05 -13.88
C ARG A 90 -10.96 -3.68 -13.30
N LYS A 91 -10.95 -2.78 -12.33
CA LYS A 91 -12.19 -2.34 -11.70
C LYS A 91 -13.09 -1.64 -12.72
N SER A 92 -12.47 -1.02 -13.71
CA SER A 92 -13.21 -0.31 -14.75
C SER A 92 -13.69 -1.28 -15.82
N LEU A 93 -12.99 -2.41 -15.96
CA LEU A 93 -13.36 -3.43 -16.94
C LEU A 93 -14.30 -4.45 -16.32
N PHE A 94 -14.20 -4.62 -15.01
CA PHE A 94 -15.04 -5.58 -14.30
C PHE A 94 -16.02 -4.88 -13.36
N PRO A 95 -17.00 -4.14 -13.93
CA PRO A 95 -17.99 -3.42 -13.13
C PRO A 95 -18.99 -4.36 -12.46
N LEU A 96 -19.53 -3.93 -11.32
CA LEU A 96 -20.49 -4.74 -10.58
C LEU A 96 -21.92 -4.42 -11.01
N LYS A 97 -22.60 -5.41 -11.58
CA LYS A 97 -23.97 -5.23 -12.03
C LYS A 97 -24.05 -4.15 -13.12
N THR A 1 19.87 0.49 17.65
CA THR A 1 20.02 1.59 18.64
C THR A 1 19.11 2.77 18.31
N ASN A 2 18.92 3.03 17.02
CA ASN A 2 18.08 4.12 16.57
C ASN A 2 16.61 3.80 16.83
N GLN A 3 16.03 4.47 17.83
CA GLN A 3 14.63 4.25 18.17
C GLN A 3 13.71 4.98 17.19
N LYS A 4 14.11 6.19 16.80
CA LYS A 4 13.31 6.99 15.87
C LYS A 4 13.19 6.27 14.53
N THR A 5 14.32 5.85 13.97
CA THR A 5 14.31 5.15 12.70
C THR A 5 13.61 3.80 12.85
N LYS A 6 13.65 3.26 14.07
CA LYS A 6 13.01 1.98 14.34
C LYS A 6 11.50 2.12 14.17
N GLU A 7 10.96 3.23 14.67
CA GLU A 7 9.54 3.51 14.56
C GLU A 7 9.13 3.56 13.09
N LEU A 8 10.02 4.08 12.25
CA LEU A 8 9.76 4.16 10.82
C LEU A 8 9.51 2.78 10.24
N SER A 9 10.42 1.84 10.53
CA SER A 9 10.29 0.48 10.05
C SER A 9 8.93 -0.09 10.48
N ASN A 10 8.38 0.46 11.57
CA ASN A 10 7.08 0.02 12.06
C ASN A 10 6.00 0.43 11.06
N LEU A 11 6.14 1.63 10.51
CA LEU A 11 5.20 2.14 9.52
C LEU A 11 5.40 1.39 8.21
N ILE A 12 6.67 1.20 7.86
CA ILE A 12 7.03 0.49 6.63
C ILE A 12 6.59 -0.97 6.76
N GLU A 13 6.82 -1.56 7.92
CA GLU A 13 6.45 -2.95 8.17
C GLU A 13 4.97 -3.14 7.87
N THR A 14 4.17 -2.12 8.15
CA THR A 14 2.75 -2.19 7.89
C THR A 14 2.51 -1.96 6.40
N PHE A 15 3.24 -1.01 5.84
CA PHE A 15 3.14 -0.71 4.42
C PHE A 15 3.44 -1.96 3.62
N ALA A 16 4.47 -2.69 4.05
CA ALA A 16 4.85 -3.92 3.39
C ALA A 16 3.68 -4.90 3.39
N GLU A 17 2.96 -4.93 4.52
CA GLU A 17 1.79 -5.79 4.65
C GLU A 17 0.66 -5.24 3.80
N GLN A 18 0.44 -3.93 3.92
CA GLN A 18 -0.59 -3.25 3.15
C GLN A 18 -0.33 -3.42 1.66
N SER A 19 0.95 -3.41 1.29
CA SER A 19 1.35 -3.57 -0.10
C SER A 19 0.84 -4.91 -0.62
N ARG A 20 1.14 -5.97 0.13
CA ARG A 20 0.69 -7.30 -0.24
C ARG A 20 -0.83 -7.36 -0.16
N VAL A 21 -1.39 -6.54 0.71
CA VAL A 21 -2.83 -6.47 0.88
C VAL A 21 -3.47 -5.89 -0.38
N LEU A 22 -2.97 -4.72 -0.80
CA LEU A 22 -3.49 -4.09 -2.00
C LEU A 22 -3.48 -5.10 -3.14
N GLU A 23 -2.35 -5.78 -3.33
CA GLU A 23 -2.25 -6.78 -4.37
C GLU A 23 -3.21 -7.93 -4.09
N LYS A 24 -3.47 -8.18 -2.81
CA LYS A 24 -4.40 -9.24 -2.41
C LYS A 24 -5.83 -8.86 -2.76
N GLU A 25 -6.24 -7.68 -2.30
CA GLU A 25 -7.58 -7.19 -2.59
C GLU A 25 -7.70 -6.87 -4.07
N CYS A 26 -6.60 -6.43 -4.67
CA CYS A 26 -6.58 -6.09 -6.08
C CYS A 26 -6.64 -7.34 -6.95
N THR A 27 -6.05 -8.43 -6.46
CA THR A 27 -6.07 -9.67 -7.21
C THR A 27 -7.49 -10.20 -7.35
N LYS A 28 -8.32 -9.95 -6.34
CA LYS A 28 -9.71 -10.40 -6.37
C LYS A 28 -10.56 -9.47 -7.23
N ILE A 29 -10.15 -8.20 -7.33
CA ILE A 29 -10.89 -7.23 -8.14
C ILE A 29 -11.23 -7.80 -9.50
N GLY A 30 -12.47 -7.60 -9.93
CA GLY A 30 -12.92 -8.11 -11.21
C GLY A 30 -12.69 -9.60 -11.36
N SER A 31 -12.70 -10.31 -10.25
CA SER A 31 -12.50 -11.76 -10.25
C SER A 31 -13.58 -12.47 -9.45
N LYS A 32 -14.83 -12.24 -9.84
CA LYS A 32 -15.97 -12.86 -9.16
C LYS A 32 -16.16 -12.26 -7.77
N ARG A 33 -15.16 -12.42 -6.91
CA ARG A 33 -15.22 -11.89 -5.55
C ARG A 33 -15.45 -10.38 -5.55
N ASP A 34 -15.17 -9.74 -6.70
CA ASP A 34 -15.34 -8.29 -6.83
C ASP A 34 -16.64 -7.82 -6.16
N SER A 35 -16.50 -7.12 -5.03
CA SER A 35 -17.65 -6.61 -4.29
C SER A 35 -17.45 -5.15 -3.94
N LYS A 36 -18.53 -4.38 -3.96
CA LYS A 36 -18.47 -2.95 -3.64
C LYS A 36 -17.75 -2.73 -2.31
N GLU A 37 -18.05 -3.59 -1.34
CA GLU A 37 -17.42 -3.48 -0.03
C GLU A 37 -15.92 -3.62 -0.14
N LEU A 38 -15.47 -4.39 -1.12
CA LEU A 38 -14.03 -4.59 -1.33
C LEU A 38 -13.41 -3.30 -1.87
N ARG A 39 -13.90 -2.83 -3.01
CA ARG A 39 -13.36 -1.61 -3.59
C ARG A 39 -13.53 -0.45 -2.62
N TYR A 40 -14.59 -0.50 -1.81
CA TYR A 40 -14.81 0.53 -0.82
C TYR A 40 -13.76 0.42 0.27
N LYS A 41 -13.62 -0.78 0.80
CA LYS A 41 -12.63 -1.05 1.82
C LYS A 41 -11.24 -0.76 1.26
N ILE A 42 -11.06 -1.01 -0.03
CA ILE A 42 -9.80 -0.78 -0.69
C ILE A 42 -9.48 0.72 -0.80
N GLU A 43 -10.41 1.48 -1.36
CA GLU A 43 -10.20 2.92 -1.55
C GLU A 43 -10.50 3.72 -0.29
N THR A 44 -11.35 3.18 0.59
CA THR A 44 -11.72 3.89 1.81
C THR A 44 -10.97 3.35 3.04
N GLU A 45 -10.23 2.26 2.88
CA GLU A 45 -9.51 1.69 4.01
C GLU A 45 -8.07 1.28 3.64
N LEU A 46 -7.91 0.57 2.53
CA LEU A 46 -6.59 0.12 2.11
C LEU A 46 -5.74 1.29 1.61
N ILE A 47 -5.84 1.58 0.31
CA ILE A 47 -5.06 2.67 -0.30
C ILE A 47 -4.93 3.87 0.65
N PRO A 48 -6.06 4.41 1.16
CA PRO A 48 -6.04 5.55 2.07
C PRO A 48 -5.08 5.33 3.24
N ASN A 49 -5.01 4.10 3.72
CA ASN A 49 -4.12 3.77 4.83
C ASN A 49 -2.72 3.45 4.33
N CYS A 50 -2.62 2.80 3.18
CA CYS A 50 -1.32 2.46 2.61
C CYS A 50 -0.54 3.72 2.28
N THR A 51 -1.16 4.60 1.50
CA THR A 51 -0.52 5.86 1.14
C THR A 51 -0.31 6.71 2.39
N SER A 52 -1.35 6.77 3.23
CA SER A 52 -1.26 7.54 4.47
C SER A 52 -0.05 7.04 5.26
N VAL A 53 0.24 5.75 5.09
CA VAL A 53 1.37 5.12 5.76
C VAL A 53 2.68 5.65 5.15
N ARG A 54 2.62 6.03 3.86
CA ARG A 54 3.77 6.59 3.18
C ARG A 54 4.11 7.94 3.76
N ASP A 55 3.13 8.85 3.73
CA ASP A 55 3.31 10.19 4.28
C ASP A 55 3.96 10.12 5.66
N LYS A 56 3.61 9.08 6.40
CA LYS A 56 4.16 8.87 7.74
C LYS A 56 5.64 8.50 7.63
N ILE A 57 5.94 7.65 6.66
CA ILE A 57 7.32 7.23 6.42
C ILE A 57 8.12 8.37 5.81
N GLU A 58 7.55 9.03 4.82
CA GLU A 58 8.20 10.14 4.15
C GLU A 58 8.34 11.31 5.12
N SER A 59 7.37 11.45 6.03
CA SER A 59 7.40 12.52 7.01
C SER A 59 8.62 12.36 7.92
N ASN A 60 8.99 11.10 8.16
CA ASN A 60 10.14 10.79 8.99
C ASN A 60 11.44 10.99 8.20
N ILE A 61 12.05 12.16 8.38
CA ILE A 61 13.28 12.50 7.67
C ILE A 61 14.31 11.36 7.72
N LEU A 62 14.26 10.56 8.77
CA LEU A 62 15.19 9.44 8.90
C LEU A 62 15.16 8.55 7.66
N ILE A 63 14.05 8.62 6.91
CA ILE A 63 13.90 7.83 5.70
C ILE A 63 14.87 8.32 4.62
N HIS A 64 15.23 9.60 4.70
CA HIS A 64 16.15 10.19 3.73
C HIS A 64 17.59 10.00 4.15
N GLN A 65 17.82 9.78 5.44
CA GLN A 65 19.16 9.58 5.98
C GLN A 65 19.60 8.14 5.80
N ASN A 66 18.74 7.21 6.20
CA ASN A 66 19.04 5.79 6.09
C ASN A 66 18.82 5.30 4.67
N GLY A 67 19.92 5.08 3.95
CA GLY A 67 19.83 4.61 2.58
C GLY A 67 19.08 3.29 2.47
N LYS A 68 19.34 2.38 3.39
CA LYS A 68 18.69 1.08 3.39
C LYS A 68 17.17 1.24 3.50
N LEU A 69 16.72 1.78 4.63
CA LEU A 69 15.29 1.99 4.86
C LEU A 69 14.68 2.83 3.74
N SER A 70 15.43 3.85 3.30
CA SER A 70 14.96 4.72 2.23
C SER A 70 14.41 3.90 1.08
N ALA A 71 15.10 2.81 0.78
CA ALA A 71 14.68 1.92 -0.30
C ALA A 71 13.49 1.08 0.14
N ASP A 72 13.43 0.79 1.44
CA ASP A 72 12.35 -0.01 2.01
C ASP A 72 10.99 0.49 1.54
N PHE A 73 10.59 1.66 2.04
CA PHE A 73 9.31 2.26 1.67
C PHE A 73 9.25 2.52 0.17
N LYS A 74 10.35 3.01 -0.39
CA LYS A 74 10.42 3.31 -1.82
C LYS A 74 9.94 2.13 -2.65
N ASN A 75 10.31 0.93 -2.22
CA ASN A 75 9.92 -0.29 -2.93
C ASN A 75 8.44 -0.59 -2.70
N LEU A 76 7.97 -0.28 -1.49
CA LEU A 76 6.58 -0.52 -1.13
C LEU A 76 5.67 0.45 -1.86
N LYS A 77 5.89 1.75 -1.67
CA LYS A 77 5.08 2.76 -2.33
C LYS A 77 5.13 2.56 -3.83
N THR A 78 6.26 2.11 -4.33
CA THR A 78 6.44 1.85 -5.74
C THR A 78 5.59 0.66 -6.18
N LYS A 79 5.79 -0.47 -5.50
CA LYS A 79 5.03 -1.67 -5.81
C LYS A 79 3.55 -1.42 -5.60
N TYR A 80 3.23 -0.62 -4.59
CA TYR A 80 1.85 -0.29 -4.26
C TYR A 80 1.19 0.44 -5.43
N GLN A 81 1.95 1.32 -6.08
CA GLN A 81 1.43 2.07 -7.22
C GLN A 81 0.99 1.14 -8.34
N SER A 82 1.78 0.10 -8.58
CA SER A 82 1.47 -0.87 -9.62
C SER A 82 0.17 -1.59 -9.31
N LEU A 83 -0.05 -1.84 -8.02
CA LEU A 83 -1.25 -2.53 -7.57
C LEU A 83 -2.50 -1.70 -7.86
N GLN A 84 -2.48 -0.44 -7.45
CA GLN A 84 -3.62 0.44 -7.68
C GLN A 84 -3.94 0.53 -9.17
N GLN A 85 -2.89 0.61 -9.98
CA GLN A 85 -3.06 0.71 -11.44
C GLN A 85 -3.61 -0.60 -12.02
N SER A 86 -3.01 -1.72 -11.65
CA SER A 86 -3.45 -3.02 -12.16
C SER A 86 -4.90 -3.30 -11.76
N TYR A 87 -5.27 -2.88 -10.57
CA TYR A 87 -6.61 -3.08 -10.05
C TYR A 87 -7.56 -2.00 -10.55
N ASN A 88 -7.11 -0.75 -10.54
CA ASN A 88 -7.93 0.36 -10.99
C ASN A 88 -8.49 0.07 -12.38
N GLN A 89 -7.64 -0.43 -13.26
CA GLN A 89 -8.08 -0.77 -14.61
C GLN A 89 -9.10 -1.89 -14.55
N ARG A 90 -8.67 -3.01 -13.96
CA ARG A 90 -9.52 -4.18 -13.82
C ARG A 90 -10.88 -3.81 -13.24
N LYS A 91 -10.87 -2.92 -12.24
CA LYS A 91 -12.10 -2.47 -11.61
C LYS A 91 -13.01 -1.78 -12.62
N SER A 92 -12.39 -1.19 -13.64
CA SER A 92 -13.14 -0.49 -14.69
C SER A 92 -13.60 -1.47 -15.76
N LEU A 93 -12.89 -2.59 -15.88
CA LEU A 93 -13.24 -3.61 -16.87
C LEU A 93 -14.21 -4.64 -16.28
N PHE A 94 -14.21 -4.74 -14.96
CA PHE A 94 -15.07 -5.69 -14.27
C PHE A 94 -16.07 -4.98 -13.34
N PRO A 95 -17.09 -4.33 -13.90
CA PRO A 95 -18.12 -3.64 -13.10
C PRO A 95 -18.98 -4.62 -12.32
N LEU A 96 -19.59 -4.14 -11.24
CA LEU A 96 -20.45 -4.98 -10.41
C LEU A 96 -21.92 -4.82 -10.79
N LYS A 97 -22.51 -5.88 -11.31
CA LYS A 97 -23.91 -5.85 -11.71
C LYS A 97 -24.58 -7.20 -11.45
N THR A 1 19.15 0.43 14.29
CA THR A 1 18.85 0.15 15.72
C THR A 1 18.22 1.36 16.41
N ASN A 2 18.37 2.53 15.81
CA ASN A 2 17.82 3.76 16.37
C ASN A 2 16.32 3.62 16.64
N GLN A 3 15.91 3.98 17.86
CA GLN A 3 14.51 3.89 18.25
C GLN A 3 13.63 4.67 17.28
N LYS A 4 14.02 5.89 16.96
CA LYS A 4 13.27 6.74 16.04
C LYS A 4 13.11 6.05 14.69
N THR A 5 14.23 5.66 14.10
CA THR A 5 14.20 4.99 12.82
C THR A 5 13.46 3.65 12.96
N LYS A 6 13.48 3.09 14.17
CA LYS A 6 12.80 1.83 14.43
C LYS A 6 11.30 2.02 14.25
N GLU A 7 10.80 3.15 14.72
CA GLU A 7 9.39 3.48 14.61
C GLU A 7 8.99 3.54 13.14
N LEU A 8 9.92 3.99 12.31
CA LEU A 8 9.68 4.08 10.87
C LEU A 8 9.40 2.70 10.29
N SER A 9 10.28 1.75 10.62
CA SER A 9 10.13 0.38 10.14
C SER A 9 8.76 -0.18 10.52
N ASN A 10 8.20 0.36 11.60
CA ASN A 10 6.88 -0.08 12.06
C ASN A 10 5.82 0.39 11.08
N LEU A 11 6.03 1.58 10.52
CA LEU A 11 5.10 2.13 9.53
C LEU A 11 5.31 1.40 8.22
N ILE A 12 6.57 1.21 7.86
CA ILE A 12 6.93 0.50 6.64
C ILE A 12 6.48 -0.94 6.73
N GLU A 13 6.72 -1.56 7.89
CA GLU A 13 6.32 -2.94 8.12
C GLU A 13 4.84 -3.11 7.82
N THR A 14 4.07 -2.07 8.11
CA THR A 14 2.64 -2.10 7.85
C THR A 14 2.41 -1.84 6.37
N PHE A 15 3.17 -0.89 5.82
CA PHE A 15 3.06 -0.56 4.40
C PHE A 15 3.36 -1.80 3.58
N ALA A 16 4.36 -2.57 4.01
CA ALA A 16 4.72 -3.79 3.31
C ALA A 16 3.54 -4.75 3.31
N GLU A 17 2.82 -4.77 4.42
CA GLU A 17 1.64 -5.62 4.56
C GLU A 17 0.50 -5.03 3.73
N GLN A 18 0.31 -3.73 3.85
CA GLN A 18 -0.71 -3.02 3.10
C GLN A 18 -0.44 -3.13 1.60
N SER A 19 0.84 -3.08 1.26
CA SER A 19 1.26 -3.18 -0.14
C SER A 19 0.87 -4.55 -0.68
N ARG A 20 1.06 -5.57 0.15
CA ARG A 20 0.69 -6.92 -0.21
C ARG A 20 -0.84 -7.00 -0.25
N VAL A 21 -1.44 -6.38 0.74
CA VAL A 21 -2.88 -6.32 0.87
C VAL A 21 -3.49 -5.71 -0.39
N LEU A 22 -3.00 -4.53 -0.77
CA LEU A 22 -3.49 -3.88 -1.97
C LEU A 22 -3.46 -4.87 -3.12
N GLU A 23 -2.31 -5.53 -3.28
CA GLU A 23 -2.15 -6.54 -4.32
C GLU A 23 -3.10 -7.71 -4.07
N LYS A 24 -3.37 -7.97 -2.80
CA LYS A 24 -4.27 -9.07 -2.42
C LYS A 24 -5.71 -8.71 -2.78
N GLU A 25 -6.14 -7.53 -2.36
CA GLU A 25 -7.48 -7.07 -2.67
C GLU A 25 -7.58 -6.76 -4.15
N CYS A 26 -6.49 -6.25 -4.71
CA CYS A 26 -6.43 -5.93 -6.12
C CYS A 26 -6.59 -7.17 -6.96
N THR A 27 -6.01 -8.28 -6.49
CA THR A 27 -6.13 -9.55 -7.22
C THR A 27 -7.57 -10.03 -7.16
N LYS A 28 -8.28 -9.64 -6.10
CA LYS A 28 -9.67 -10.02 -5.92
C LYS A 28 -10.58 -9.16 -6.81
N ILE A 29 -10.12 -7.94 -7.12
CA ILE A 29 -10.88 -7.03 -7.97
C ILE A 29 -11.30 -7.71 -9.26
N GLY A 30 -12.59 -7.62 -9.57
CA GLY A 30 -13.11 -8.24 -10.78
C GLY A 30 -12.95 -9.76 -10.77
N SER A 31 -12.70 -10.33 -9.59
CA SER A 31 -12.54 -11.77 -9.47
C SER A 31 -13.72 -12.37 -8.71
N LYS A 32 -13.56 -13.61 -8.27
CA LYS A 32 -14.62 -14.30 -7.54
C LYS A 32 -15.00 -13.52 -6.28
N ARG A 33 -14.06 -12.75 -5.75
CA ARG A 33 -14.29 -11.97 -4.55
C ARG A 33 -14.79 -10.56 -4.87
N ASP A 34 -14.69 -10.16 -6.14
CA ASP A 34 -15.13 -8.84 -6.59
C ASP A 34 -16.41 -8.40 -5.87
N SER A 35 -16.32 -7.32 -5.10
CA SER A 35 -17.47 -6.81 -4.36
C SER A 35 -17.30 -5.33 -4.07
N LYS A 36 -18.41 -4.59 -4.12
CA LYS A 36 -18.39 -3.15 -3.85
C LYS A 36 -17.68 -2.85 -2.54
N GLU A 37 -17.94 -3.68 -1.54
CA GLU A 37 -17.31 -3.50 -0.24
C GLU A 37 -15.79 -3.59 -0.35
N LEU A 38 -15.32 -4.38 -1.32
CA LEU A 38 -13.89 -4.54 -1.53
C LEU A 38 -13.30 -3.25 -2.11
N ARG A 39 -13.81 -2.82 -3.26
CA ARG A 39 -13.32 -1.61 -3.89
C ARG A 39 -13.50 -0.42 -2.95
N TYR A 40 -14.55 -0.46 -2.13
CA TYR A 40 -14.79 0.60 -1.17
C TYR A 40 -13.77 0.51 -0.05
N LYS A 41 -13.66 -0.67 0.53
CA LYS A 41 -12.69 -0.91 1.60
C LYS A 41 -11.30 -0.59 1.09
N ILE A 42 -11.06 -0.87 -0.18
CA ILE A 42 -9.77 -0.63 -0.80
C ILE A 42 -9.45 0.86 -0.89
N GLU A 43 -10.36 1.64 -1.48
CA GLU A 43 -10.15 3.07 -1.66
C GLU A 43 -10.52 3.86 -0.40
N THR A 44 -11.42 3.31 0.41
CA THR A 44 -11.86 3.98 1.62
C THR A 44 -11.14 3.47 2.87
N GLU A 45 -10.36 2.39 2.73
CA GLU A 45 -9.65 1.84 3.88
C GLU A 45 -8.20 1.44 3.54
N LEU A 46 -8.01 0.70 2.44
CA LEU A 46 -6.67 0.27 2.06
C LEU A 46 -5.82 1.44 1.57
N ILE A 47 -5.88 1.73 0.27
CA ILE A 47 -5.11 2.83 -0.32
C ILE A 47 -4.98 4.03 0.63
N PRO A 48 -6.11 4.56 1.12
CA PRO A 48 -6.10 5.70 2.05
C PRO A 48 -5.14 5.49 3.20
N ASN A 49 -5.07 4.26 3.68
CA ASN A 49 -4.19 3.92 4.79
C ASN A 49 -2.77 3.60 4.31
N CYS A 50 -2.68 2.96 3.15
CA CYS A 50 -1.38 2.61 2.59
C CYS A 50 -0.59 3.87 2.29
N THR A 51 -1.16 4.75 1.48
CA THR A 51 -0.51 6.01 1.13
C THR A 51 -0.33 6.85 2.38
N SER A 52 -1.37 6.89 3.22
CA SER A 52 -1.29 7.65 4.47
C SER A 52 -0.10 7.15 5.28
N VAL A 53 0.19 5.86 5.12
CA VAL A 53 1.30 5.22 5.81
C VAL A 53 2.62 5.73 5.21
N ARG A 54 2.58 6.12 3.93
CA ARG A 54 3.75 6.66 3.26
C ARG A 54 4.12 8.00 3.88
N ASP A 55 3.17 8.93 3.86
CA ASP A 55 3.38 10.26 4.42
C ASP A 55 4.01 10.15 5.80
N LYS A 56 3.63 9.12 6.53
CA LYS A 56 4.18 8.88 7.86
C LYS A 56 5.65 8.50 7.75
N ILE A 57 5.95 7.65 6.78
CA ILE A 57 7.31 7.22 6.52
C ILE A 57 8.13 8.37 5.92
N GLU A 58 7.54 9.05 4.96
CA GLU A 58 8.20 10.18 4.31
C GLU A 58 8.38 11.32 5.30
N SER A 59 7.43 11.44 6.22
CA SER A 59 7.49 12.49 7.24
C SER A 59 8.73 12.31 8.10
N ASN A 60 9.08 11.05 8.33
CA ASN A 60 10.26 10.72 9.12
C ASN A 60 11.52 10.91 8.29
N ILE A 61 12.15 12.06 8.45
CA ILE A 61 13.37 12.39 7.70
C ILE A 61 14.39 11.26 7.71
N LEU A 62 14.36 10.45 8.77
CA LEU A 62 15.29 9.32 8.87
C LEU A 62 15.21 8.43 7.63
N ILE A 63 14.09 8.51 6.91
CA ILE A 63 13.93 7.72 5.70
C ILE A 63 14.90 8.20 4.62
N HIS A 64 15.24 9.49 4.68
CA HIS A 64 16.18 10.06 3.72
C HIS A 64 17.62 9.90 4.21
N GLN A 65 17.78 9.80 5.52
CA GLN A 65 19.09 9.64 6.12
C GLN A 65 19.56 8.18 6.03
N ASN A 66 18.62 7.26 6.17
CA ASN A 66 18.92 5.84 6.11
C ASN A 66 19.04 5.37 4.65
N GLY A 67 19.84 4.34 4.43
CA GLY A 67 20.04 3.82 3.09
C GLY A 67 19.08 2.69 2.76
N LYS A 68 19.14 1.62 3.56
CA LYS A 68 18.27 0.47 3.36
C LYS A 68 16.81 0.87 3.47
N LEU A 69 16.45 1.48 4.59
CA LEU A 69 15.08 1.91 4.83
C LEU A 69 14.58 2.83 3.73
N SER A 70 15.44 3.74 3.28
CA SER A 70 15.07 4.66 2.21
C SER A 70 14.44 3.88 1.06
N ALA A 71 15.07 2.77 0.71
CA ALA A 71 14.57 1.91 -0.35
C ALA A 71 13.37 1.10 0.13
N ASP A 72 13.35 0.79 1.42
CA ASP A 72 12.26 0.00 2.00
C ASP A 72 10.91 0.54 1.55
N PHE A 73 10.53 1.70 2.06
CA PHE A 73 9.27 2.33 1.71
C PHE A 73 9.20 2.62 0.21
N LYS A 74 10.30 3.12 -0.35
CA LYS A 74 10.35 3.44 -1.78
C LYS A 74 9.87 2.26 -2.62
N ASN A 75 10.24 1.06 -2.20
CA ASN A 75 9.85 -0.15 -2.92
C ASN A 75 8.37 -0.45 -2.69
N LEU A 76 7.91 -0.18 -1.48
CA LEU A 76 6.52 -0.41 -1.13
C LEU A 76 5.61 0.56 -1.86
N LYS A 77 5.85 1.86 -1.67
CA LYS A 77 5.06 2.89 -2.32
C LYS A 77 5.12 2.71 -3.83
N THR A 78 6.26 2.25 -4.30
CA THR A 78 6.46 2.01 -5.72
C THR A 78 5.62 0.82 -6.18
N LYS A 79 5.80 -0.32 -5.52
CA LYS A 79 5.04 -1.51 -5.84
C LYS A 79 3.55 -1.26 -5.65
N TYR A 80 3.23 -0.46 -4.63
CA TYR A 80 1.85 -0.13 -4.31
C TYR A 80 1.20 0.63 -5.47
N GLN A 81 1.98 1.49 -6.11
CA GLN A 81 1.49 2.27 -7.24
C GLN A 81 1.06 1.36 -8.38
N SER A 82 1.82 0.29 -8.59
CA SER A 82 1.52 -0.66 -9.64
C SER A 82 0.22 -1.38 -9.35
N LEU A 83 -0.03 -1.63 -8.07
CA LEU A 83 -1.24 -2.31 -7.64
C LEU A 83 -2.47 -1.50 -7.95
N GLN A 84 -2.47 -0.24 -7.53
CA GLN A 84 -3.61 0.64 -7.76
C GLN A 84 -3.93 0.71 -9.25
N GLN A 85 -2.88 0.80 -10.06
CA GLN A 85 -3.02 0.87 -11.52
C GLN A 85 -3.57 -0.42 -12.10
N SER A 86 -2.94 -1.54 -11.76
CA SER A 86 -3.37 -2.84 -12.26
C SER A 86 -4.81 -3.15 -11.86
N TYR A 87 -5.18 -2.70 -10.67
CA TYR A 87 -6.52 -2.92 -10.14
C TYR A 87 -7.50 -1.88 -10.67
N ASN A 88 -7.07 -0.62 -10.68
CA ASN A 88 -7.93 0.46 -11.14
C ASN A 88 -8.46 0.15 -12.54
N GLN A 89 -7.59 -0.35 -13.40
CA GLN A 89 -8.00 -0.70 -14.75
C GLN A 89 -8.99 -1.85 -14.71
N ARG A 90 -8.56 -2.95 -14.10
CA ARG A 90 -9.38 -4.14 -13.96
C ARG A 90 -10.75 -3.79 -13.40
N LYS A 91 -10.78 -2.89 -12.42
CA LYS A 91 -12.03 -2.48 -11.81
C LYS A 91 -12.96 -1.84 -12.83
N SER A 92 -12.35 -1.20 -13.84
CA SER A 92 -13.12 -0.55 -14.91
C SER A 92 -13.57 -1.56 -15.95
N LEU A 93 -12.85 -2.68 -16.04
CA LEU A 93 -13.18 -3.73 -17.00
C LEU A 93 -14.08 -4.80 -16.36
N PHE A 94 -13.98 -4.94 -15.04
CA PHE A 94 -14.77 -5.92 -14.31
C PHE A 94 -15.83 -5.25 -13.44
N PRO A 95 -16.82 -4.59 -14.07
CA PRO A 95 -17.90 -3.91 -13.34
C PRO A 95 -18.83 -4.90 -12.64
N LEU A 96 -19.30 -4.54 -11.45
CA LEU A 96 -20.19 -5.40 -10.69
C LEU A 96 -21.65 -5.14 -11.08
N LYS A 97 -22.55 -5.98 -10.57
CA LYS A 97 -23.97 -5.85 -10.86
C LYS A 97 -24.81 -6.54 -9.79
N THR A 1 19.33 -0.29 17.30
CA THR A 1 19.79 0.86 18.11
C THR A 1 18.91 2.08 17.87
N ASN A 2 18.82 2.51 16.61
CA ASN A 2 18.01 3.66 16.25
C ASN A 2 16.55 3.45 16.62
N GLN A 3 16.13 4.05 17.73
CA GLN A 3 14.75 3.91 18.19
C GLN A 3 13.79 4.65 17.26
N LYS A 4 14.16 5.89 16.90
CA LYS A 4 13.33 6.69 16.01
C LYS A 4 13.14 6.00 14.67
N THR A 5 14.25 5.56 14.07
CA THR A 5 14.19 4.87 12.79
C THR A 5 13.43 3.56 12.93
N LYS A 6 13.51 2.96 14.13
CA LYS A 6 12.80 1.72 14.39
C LYS A 6 11.31 1.93 14.24
N GLU A 7 10.84 3.10 14.67
CA GLU A 7 9.44 3.44 14.56
C GLU A 7 9.03 3.52 13.09
N LEU A 8 9.96 3.99 12.27
CA LEU A 8 9.72 4.10 10.84
C LEU A 8 9.49 2.72 10.22
N SER A 9 10.41 1.80 10.51
CA SER A 9 10.30 0.44 10.00
C SER A 9 8.96 -0.17 10.40
N ASN A 10 8.37 0.35 11.47
CA ASN A 10 7.07 -0.12 11.93
C ASN A 10 5.99 0.30 10.96
N LEU A 11 6.11 1.53 10.45
CA LEU A 11 5.16 2.05 9.48
C LEU A 11 5.38 1.34 8.15
N ILE A 12 6.65 1.15 7.81
CA ILE A 12 7.02 0.47 6.58
C ILE A 12 6.60 -0.99 6.65
N GLU A 13 6.84 -1.62 7.81
CA GLU A 13 6.48 -3.01 8.02
C GLU A 13 5.00 -3.20 7.73
N THR A 14 4.21 -2.17 8.03
CA THR A 14 2.78 -2.22 7.79
C THR A 14 2.52 -1.97 6.31
N PHE A 15 3.31 -1.05 5.74
CA PHE A 15 3.19 -0.73 4.33
C PHE A 15 3.51 -1.97 3.50
N ALA A 16 4.54 -2.69 3.91
CA ALA A 16 4.93 -3.92 3.24
C ALA A 16 3.76 -4.90 3.24
N GLU A 17 3.03 -4.91 4.34
CA GLU A 17 1.86 -5.78 4.48
C GLU A 17 0.72 -5.21 3.64
N GLN A 18 0.52 -3.90 3.77
CA GLN A 18 -0.51 -3.21 3.01
C GLN A 18 -0.25 -3.37 1.50
N SER A 19 1.03 -3.37 1.14
CA SER A 19 1.43 -3.53 -0.25
C SER A 19 0.92 -4.86 -0.77
N ARG A 20 1.19 -5.92 -0.02
CA ARG A 20 0.72 -7.26 -0.39
C ARG A 20 -0.80 -7.27 -0.34
N VAL A 21 -1.35 -6.51 0.59
CA VAL A 21 -2.79 -6.42 0.75
C VAL A 21 -3.42 -5.82 -0.51
N LEU A 22 -2.90 -4.67 -0.94
CA LEU A 22 -3.41 -4.04 -2.14
C LEU A 22 -3.41 -5.05 -3.27
N GLU A 23 -2.28 -5.72 -3.47
CA GLU A 23 -2.17 -6.73 -4.50
C GLU A 23 -3.13 -7.89 -4.21
N LYS A 24 -3.40 -8.11 -2.93
CA LYS A 24 -4.32 -9.17 -2.52
C LYS A 24 -5.76 -8.79 -2.87
N GLU A 25 -6.17 -7.61 -2.42
CA GLU A 25 -7.50 -7.13 -2.71
C GLU A 25 -7.63 -6.82 -4.20
N CYS A 26 -6.54 -6.36 -4.79
CA CYS A 26 -6.50 -6.02 -6.21
C CYS A 26 -6.58 -7.27 -7.07
N THR A 27 -6.01 -8.37 -6.58
CA THR A 27 -6.04 -9.62 -7.33
C THR A 27 -7.46 -10.18 -7.41
N LYS A 28 -8.27 -9.91 -6.39
CA LYS A 28 -9.64 -10.39 -6.35
C LYS A 28 -10.59 -9.43 -7.08
N ILE A 29 -10.16 -8.18 -7.26
CA ILE A 29 -10.99 -7.18 -7.93
C ILE A 29 -11.52 -7.73 -9.25
N GLY A 30 -12.84 -7.70 -9.41
CA GLY A 30 -13.46 -8.19 -10.62
C GLY A 30 -13.53 -9.72 -10.67
N SER A 31 -13.38 -10.35 -9.51
CA SER A 31 -13.43 -11.80 -9.43
C SER A 31 -14.61 -12.25 -8.56
N LYS A 32 -14.60 -13.51 -8.16
CA LYS A 32 -15.67 -14.06 -7.32
C LYS A 32 -15.85 -13.23 -6.06
N ARG A 33 -14.78 -12.59 -5.62
CA ARG A 33 -14.82 -11.76 -4.41
C ARG A 33 -15.25 -10.33 -4.74
N ASP A 34 -15.24 -9.98 -6.03
CA ASP A 34 -15.64 -8.65 -6.48
C ASP A 34 -16.88 -8.15 -5.74
N SER A 35 -16.72 -7.10 -4.95
CA SER A 35 -17.83 -6.53 -4.19
C SER A 35 -17.58 -5.07 -3.87
N LYS A 36 -18.64 -4.26 -3.90
CA LYS A 36 -18.53 -2.83 -3.60
C LYS A 36 -17.78 -2.60 -2.30
N GLU A 37 -18.07 -3.43 -1.31
CA GLU A 37 -17.42 -3.32 -0.01
C GLU A 37 -15.92 -3.47 -0.15
N LEU A 38 -15.49 -4.28 -1.11
CA LEU A 38 -14.08 -4.50 -1.36
C LEU A 38 -13.44 -3.23 -1.92
N ARG A 39 -13.94 -2.78 -3.07
CA ARG A 39 -13.40 -1.57 -3.69
C ARG A 39 -13.53 -0.40 -2.72
N TYR A 40 -14.58 -0.41 -1.90
CA TYR A 40 -14.77 0.65 -0.92
C TYR A 40 -13.70 0.51 0.15
N LYS A 41 -13.59 -0.69 0.70
CA LYS A 41 -12.59 -0.96 1.73
C LYS A 41 -11.20 -0.67 1.18
N ILE A 42 -11.02 -0.92 -0.11
CA ILE A 42 -9.76 -0.70 -0.79
C ILE A 42 -9.42 0.79 -0.86
N GLU A 43 -10.33 1.59 -1.41
CA GLU A 43 -10.10 3.02 -1.58
C GLU A 43 -10.43 3.81 -0.31
N THR A 44 -11.29 3.26 0.54
CA THR A 44 -11.68 3.94 1.75
C THR A 44 -10.97 3.39 2.99
N GLU A 45 -10.20 2.30 2.82
CA GLU A 45 -9.49 1.72 3.95
C GLU A 45 -8.06 1.30 3.58
N LEU A 46 -7.90 0.59 2.46
CA LEU A 46 -6.57 0.14 2.06
C LEU A 46 -5.71 1.31 1.56
N ILE A 47 -5.79 1.61 0.26
CA ILE A 47 -5.02 2.70 -0.33
C ILE A 47 -4.87 3.89 0.63
N PRO A 48 -6.00 4.43 1.14
CA PRO A 48 -5.97 5.56 2.07
C PRO A 48 -5.01 5.33 3.22
N ASN A 49 -4.94 4.09 3.70
CA ASN A 49 -4.06 3.74 4.81
C ASN A 49 -2.66 3.44 4.30
N CYS A 50 -2.56 2.79 3.14
CA CYS A 50 -1.27 2.45 2.55
C CYS A 50 -0.49 3.72 2.24
N THR A 51 -1.11 4.61 1.46
CA THR A 51 -0.46 5.87 1.10
C THR A 51 -0.27 6.71 2.36
N SER A 52 -1.29 6.76 3.21
CA SER A 52 -1.20 7.51 4.45
C SER A 52 0.00 7.01 5.26
N VAL A 53 0.29 5.72 5.08
CA VAL A 53 1.42 5.09 5.74
C VAL A 53 2.73 5.63 5.15
N ARG A 54 2.67 6.05 3.88
CA ARG A 54 3.82 6.62 3.20
C ARG A 54 4.14 7.98 3.81
N ASP A 55 3.15 8.87 3.79
CA ASP A 55 3.33 10.21 4.34
C ASP A 55 3.93 10.13 5.74
N LYS A 56 3.59 9.07 6.46
CA LYS A 56 4.12 8.85 7.79
C LYS A 56 5.59 8.49 7.71
N ILE A 57 5.92 7.65 6.74
CA ILE A 57 7.29 7.24 6.52
C ILE A 57 8.11 8.38 5.95
N GLU A 58 7.56 9.04 4.93
CA GLU A 58 8.23 10.17 4.31
C GLU A 58 8.34 11.33 5.29
N SER A 59 7.37 11.43 6.20
CA SER A 59 7.36 12.49 7.19
C SER A 59 8.57 12.33 8.11
N ASN A 60 8.95 11.08 8.35
CA ASN A 60 10.09 10.76 9.20
C ASN A 60 11.39 11.00 8.44
N ILE A 61 12.03 12.13 8.72
CA ILE A 61 13.29 12.49 8.06
C ILE A 61 14.27 11.33 7.99
N LEU A 62 14.24 10.46 9.00
CA LEU A 62 15.14 9.31 9.05
C LEU A 62 15.10 8.53 7.75
N ILE A 63 14.00 8.67 6.99
CA ILE A 63 13.86 7.97 5.72
C ILE A 63 14.79 8.57 4.68
N HIS A 64 15.15 9.84 4.86
CA HIS A 64 16.05 10.53 3.93
C HIS A 64 17.51 10.32 4.33
N GLN A 65 17.74 10.06 5.61
CA GLN A 65 19.09 9.85 6.11
C GLN A 65 19.53 8.41 5.90
N ASN A 66 18.67 7.49 6.30
CA ASN A 66 18.95 6.06 6.18
C ASN A 66 18.71 5.58 4.75
N GLY A 67 19.79 5.50 3.97
CA GLY A 67 19.68 5.05 2.59
C GLY A 67 19.00 3.71 2.47
N LYS A 68 19.32 2.80 3.39
CA LYS A 68 18.73 1.46 3.39
C LYS A 68 17.21 1.54 3.49
N LEU A 69 16.73 2.08 4.61
CA LEU A 69 15.29 2.21 4.83
C LEU A 69 14.65 3.04 3.73
N SER A 70 15.33 4.11 3.32
CA SER A 70 14.82 4.98 2.26
C SER A 70 14.32 4.15 1.08
N ALA A 71 15.05 3.08 0.79
CA ALA A 71 14.69 2.19 -0.30
C ALA A 71 13.53 1.28 0.12
N ASP A 72 13.48 0.96 1.41
CA ASP A 72 12.44 0.11 1.96
C ASP A 72 11.05 0.60 1.50
N PHE A 73 10.63 1.73 2.05
CA PHE A 73 9.34 2.31 1.70
C PHE A 73 9.23 2.58 0.20
N LYS A 74 10.32 3.10 -0.39
CA LYS A 74 10.34 3.40 -1.82
C LYS A 74 9.89 2.20 -2.65
N ASN A 75 10.34 1.01 -2.24
CA ASN A 75 9.98 -0.22 -2.94
C ASN A 75 8.51 -0.55 -2.73
N LEU A 76 8.01 -0.22 -1.55
CA LEU A 76 6.62 -0.49 -1.21
C LEU A 76 5.69 0.47 -1.94
N LYS A 77 5.88 1.76 -1.74
CA LYS A 77 5.05 2.76 -2.40
C LYS A 77 5.11 2.57 -3.91
N THR A 78 6.27 2.14 -4.39
CA THR A 78 6.48 1.89 -5.81
C THR A 78 5.63 0.71 -6.25
N LYS A 79 5.83 -0.43 -5.60
CA LYS A 79 5.07 -1.63 -5.92
C LYS A 79 3.58 -1.37 -5.72
N TYR A 80 3.26 -0.62 -4.66
CA TYR A 80 1.88 -0.28 -4.35
C TYR A 80 1.24 0.46 -5.51
N GLN A 81 2.00 1.33 -6.16
CA GLN A 81 1.50 2.10 -7.30
C GLN A 81 1.06 1.17 -8.43
N SER A 82 1.85 0.12 -8.66
CA SER A 82 1.54 -0.85 -9.70
C SER A 82 0.24 -1.57 -9.40
N LEU A 83 -0.01 -1.80 -8.12
CA LEU A 83 -1.20 -2.49 -7.67
C LEU A 83 -2.45 -1.67 -7.97
N GLN A 84 -2.42 -0.41 -7.57
CA GLN A 84 -3.56 0.47 -7.79
C GLN A 84 -3.89 0.55 -9.28
N GLN A 85 -2.85 0.59 -10.10
CA GLN A 85 -3.01 0.68 -11.56
C GLN A 85 -3.57 -0.63 -12.13
N SER A 86 -2.94 -1.76 -11.77
CA SER A 86 -3.39 -3.05 -12.27
C SER A 86 -4.83 -3.34 -11.86
N TYR A 87 -5.19 -2.89 -10.67
CA TYR A 87 -6.53 -3.11 -10.14
C TYR A 87 -7.49 -2.05 -10.67
N ASN A 88 -7.07 -0.80 -10.67
CA ASN A 88 -7.92 0.29 -11.13
C ASN A 88 -8.48 -0.04 -12.51
N GLN A 89 -7.62 -0.57 -13.38
CA GLN A 89 -8.06 -0.95 -14.72
C GLN A 89 -9.07 -2.07 -14.63
N ARG A 90 -8.65 -3.18 -14.02
CA ARG A 90 -9.50 -4.34 -13.85
C ARG A 90 -10.86 -3.95 -13.29
N LYS A 91 -10.85 -3.03 -12.33
CA LYS A 91 -12.09 -2.57 -11.70
C LYS A 91 -12.98 -1.90 -12.73
N SER A 92 -12.37 -1.31 -13.75
CA SER A 92 -13.11 -0.63 -14.81
C SER A 92 -13.61 -1.64 -15.84
N LEU A 93 -12.91 -2.76 -15.95
CA LEU A 93 -13.28 -3.81 -16.90
C LEU A 93 -14.23 -4.81 -16.25
N PHE A 94 -14.15 -4.93 -14.93
CA PHE A 94 -14.99 -5.85 -14.18
C PHE A 94 -16.01 -5.11 -13.32
N PRO A 95 -16.97 -4.40 -13.96
CA PRO A 95 -18.00 -3.65 -13.24
C PRO A 95 -18.99 -4.57 -12.53
N LEU A 96 -19.46 -4.15 -11.36
CA LEU A 96 -20.41 -4.94 -10.58
C LEU A 96 -21.84 -4.67 -11.06
N LYS A 97 -22.16 -5.15 -12.26
CA LYS A 97 -23.49 -4.97 -12.82
C LYS A 97 -23.91 -6.19 -13.63
N THR A 1 17.26 9.53 19.61
CA THR A 1 16.78 9.53 18.20
C THR A 1 16.06 8.23 17.87
N ASN A 2 15.48 7.60 18.89
CA ASN A 2 14.76 6.35 18.69
C ASN A 2 13.29 6.60 18.40
N GLN A 3 12.68 7.51 19.17
CA GLN A 3 11.27 7.85 18.99
C GLN A 3 11.00 8.25 17.54
N LYS A 4 11.96 8.93 16.93
CA LYS A 4 11.81 9.37 15.54
C LYS A 4 11.70 8.16 14.61
N THR A 5 12.61 7.20 14.78
CA THR A 5 12.59 6.00 13.97
C THR A 5 11.38 5.16 14.33
N LYS A 6 10.99 5.23 15.60
CA LYS A 6 9.83 4.48 16.09
C LYS A 6 8.58 4.96 15.37
N GLU A 7 8.49 6.27 15.16
CA GLU A 7 7.35 6.86 14.46
C GLU A 7 7.26 6.30 13.05
N LEU A 8 8.42 6.10 12.43
CA LEU A 8 8.48 5.55 11.07
C LEU A 8 7.82 4.18 11.03
N SER A 9 8.25 3.30 11.94
CA SER A 9 7.68 1.95 12.01
C SER A 9 6.16 2.03 12.15
N ASN A 10 5.67 3.15 12.68
CA ASN A 10 4.24 3.37 12.84
C ASN A 10 3.60 3.57 11.47
N LEU A 11 4.31 4.27 10.60
CA LEU A 11 3.83 4.51 9.24
C LEU A 11 3.94 3.23 8.44
N ILE A 12 5.04 2.52 8.67
CA ILE A 12 5.29 1.25 8.01
C ILE A 12 4.30 0.21 8.50
N GLU A 13 4.08 0.19 9.81
CA GLU A 13 3.14 -0.74 10.41
C GLU A 13 1.78 -0.62 9.74
N THR A 14 1.44 0.60 9.32
CA THR A 14 0.19 0.85 8.63
C THR A 14 0.32 0.39 7.18
N PHE A 15 1.47 0.69 6.59
CA PHE A 15 1.74 0.29 5.22
C PHE A 15 1.64 -1.22 5.10
N ALA A 16 2.20 -1.91 6.08
CA ALA A 16 2.15 -3.36 6.11
C ALA A 16 0.71 -3.83 6.09
N GLU A 17 -0.15 -3.12 6.82
CA GLU A 17 -1.56 -3.43 6.87
C GLU A 17 -2.21 -3.04 5.54
N GLN A 18 -1.89 -1.83 5.08
CA GLN A 18 -2.41 -1.33 3.82
C GLN A 18 -1.99 -2.27 2.69
N SER A 19 -0.79 -2.83 2.81
CA SER A 19 -0.27 -3.76 1.82
C SER A 19 -1.20 -4.96 1.71
N ARG A 20 -1.50 -5.56 2.86
CA ARG A 20 -2.40 -6.70 2.89
C ARG A 20 -3.79 -6.25 2.44
N VAL A 21 -4.11 -4.99 2.72
CA VAL A 21 -5.38 -4.42 2.33
C VAL A 21 -5.48 -4.36 0.82
N LEU A 22 -4.49 -3.74 0.18
CA LEU A 22 -4.48 -3.64 -1.28
C LEU A 22 -4.70 -5.03 -1.86
N GLU A 23 -3.97 -6.01 -1.36
CA GLU A 23 -4.12 -7.38 -1.83
C GLU A 23 -5.51 -7.89 -1.48
N LYS A 24 -6.04 -7.41 -0.36
CA LYS A 24 -7.38 -7.82 0.08
C LYS A 24 -8.43 -7.24 -0.86
N GLU A 25 -8.37 -5.94 -1.09
CA GLU A 25 -9.30 -5.29 -1.98
C GLU A 25 -9.04 -5.72 -3.42
N CYS A 26 -7.77 -5.99 -3.72
CA CYS A 26 -7.37 -6.42 -5.05
C CYS A 26 -7.81 -7.86 -5.31
N THR A 27 -7.85 -8.66 -4.25
CA THR A 27 -8.25 -10.06 -4.39
C THR A 27 -9.73 -10.15 -4.78
N LYS A 28 -10.53 -9.21 -4.31
CA LYS A 28 -11.95 -9.20 -4.64
C LYS A 28 -12.20 -8.58 -6.02
N ILE A 29 -11.28 -7.72 -6.46
CA ILE A 29 -11.42 -7.07 -7.77
C ILE A 29 -11.77 -8.08 -8.84
N GLY A 30 -12.85 -7.82 -9.55
CA GLY A 30 -13.30 -8.72 -10.61
C GLY A 30 -13.91 -9.99 -10.05
N SER A 31 -14.37 -9.93 -8.81
CA SER A 31 -14.98 -11.08 -8.16
C SER A 31 -16.45 -10.80 -7.81
N LYS A 32 -16.99 -11.52 -6.83
CA LYS A 32 -18.37 -11.32 -6.42
C LYS A 32 -18.59 -9.95 -5.80
N ARG A 33 -17.53 -9.40 -5.20
CA ARG A 33 -17.61 -8.10 -4.56
C ARG A 33 -17.29 -6.96 -5.52
N ASP A 34 -16.74 -7.29 -6.69
CA ASP A 34 -16.38 -6.30 -7.72
C ASP A 34 -17.40 -5.16 -7.76
N SER A 35 -16.92 -3.94 -7.56
CA SER A 35 -17.78 -2.76 -7.58
C SER A 35 -16.98 -1.48 -7.75
N LYS A 36 -17.54 -0.52 -8.48
CA LYS A 36 -16.88 0.76 -8.71
C LYS A 36 -16.43 1.39 -7.41
N GLU A 37 -17.30 1.32 -6.40
CA GLU A 37 -16.99 1.89 -5.09
C GLU A 37 -15.68 1.30 -4.56
N LEU A 38 -15.51 -0.01 -4.72
CA LEU A 38 -14.30 -0.67 -4.26
C LEU A 38 -13.09 -0.13 -5.02
N ARG A 39 -13.14 -0.21 -6.35
CA ARG A 39 -12.04 0.30 -7.16
C ARG A 39 -11.77 1.77 -6.84
N TYR A 40 -12.85 2.51 -6.61
CA TYR A 40 -12.73 3.92 -6.27
C TYR A 40 -12.07 4.05 -4.90
N LYS A 41 -12.61 3.33 -3.92
CA LYS A 41 -12.06 3.35 -2.58
C LYS A 41 -10.58 2.95 -2.62
N ILE A 42 -10.28 1.99 -3.49
CA ILE A 42 -8.92 1.51 -3.64
C ILE A 42 -7.99 2.59 -4.18
N GLU A 43 -8.35 3.17 -5.32
CA GLU A 43 -7.52 4.20 -5.95
C GLU A 43 -7.69 5.57 -5.30
N THR A 44 -8.85 5.81 -4.69
CA THR A 44 -9.12 7.09 -4.06
C THR A 44 -8.88 7.06 -2.55
N GLU A 45 -8.70 5.87 -1.97
CA GLU A 45 -8.48 5.77 -0.53
C GLU A 45 -7.31 4.87 -0.17
N LEU A 46 -7.27 3.66 -0.74
CA LEU A 46 -6.20 2.72 -0.44
C LEU A 46 -4.86 3.19 -1.01
N ILE A 47 -4.59 2.84 -2.28
CA ILE A 47 -3.34 3.21 -2.93
C ILE A 47 -2.88 4.61 -2.52
N PRO A 48 -3.72 5.64 -2.70
CA PRO A 48 -3.38 7.02 -2.34
C PRO A 48 -2.84 7.10 -0.92
N ASN A 49 -3.41 6.30 -0.03
CA ASN A 49 -2.98 6.29 1.37
C ASN A 49 -1.77 5.40 1.56
N CYS A 50 -1.73 4.27 0.84
CA CYS A 50 -0.61 3.35 0.93
C CYS A 50 0.66 4.03 0.45
N THR A 51 0.63 4.57 -0.75
CA THR A 51 1.78 5.27 -1.31
C THR A 51 2.08 6.50 -0.48
N SER A 52 1.04 7.25 -0.11
CA SER A 52 1.21 8.44 0.71
C SER A 52 1.94 8.05 2.00
N VAL A 53 1.70 6.82 2.44
CA VAL A 53 2.33 6.29 3.63
C VAL A 53 3.81 6.07 3.37
N ARG A 54 4.15 5.82 2.09
CA ARG A 54 5.54 5.64 1.69
C ARG A 54 6.28 6.96 1.82
N ASP A 55 5.77 7.98 1.13
CA ASP A 55 6.37 9.30 1.16
C ASP A 55 6.66 9.71 2.61
N LYS A 56 5.79 9.29 3.51
CA LYS A 56 5.96 9.58 4.93
C LYS A 56 7.15 8.81 5.46
N ILE A 57 7.27 7.57 5.04
CA ILE A 57 8.38 6.71 5.46
C ILE A 57 9.68 7.20 4.84
N GLU A 58 9.65 7.40 3.53
CA GLU A 58 10.82 7.88 2.81
C GLU A 58 11.20 9.28 3.28
N SER A 59 10.19 10.05 3.68
CA SER A 59 10.43 11.40 4.17
C SER A 59 11.28 11.34 5.43
N ASN A 60 11.09 10.29 6.21
CA ASN A 60 11.84 10.09 7.43
C ASN A 60 13.24 9.57 7.12
N ILE A 61 14.21 10.49 7.07
CA ILE A 61 15.59 10.14 6.76
C ILE A 61 16.06 8.88 7.49
N LEU A 62 15.51 8.66 8.68
CA LEU A 62 15.88 7.48 9.48
C LEU A 62 15.69 6.20 8.68
N ILE A 63 14.88 6.26 7.63
CA ILE A 63 14.62 5.09 6.80
C ILE A 63 15.86 4.72 5.99
N HIS A 64 16.67 5.73 5.66
CA HIS A 64 17.88 5.51 4.88
C HIS A 64 19.05 5.12 5.79
N GLN A 65 18.97 5.53 7.05
CA GLN A 65 20.02 5.24 8.02
C GLN A 65 19.87 3.82 8.57
N ASN A 66 18.65 3.49 8.97
CA ASN A 66 18.38 2.15 9.52
C ASN A 66 18.21 1.13 8.40
N GLY A 67 19.28 0.38 8.14
CA GLY A 67 19.24 -0.64 7.11
C GLY A 67 18.08 -1.60 7.28
N LYS A 68 17.80 -1.98 8.52
CA LYS A 68 16.71 -2.89 8.81
C LYS A 68 15.38 -2.31 8.36
N LEU A 69 14.98 -1.21 8.99
CA LEU A 69 13.72 -0.56 8.66
C LEU A 69 13.66 -0.19 7.18
N SER A 70 14.78 0.29 6.65
CA SER A 70 14.85 0.67 5.24
C SER A 70 14.26 -0.44 4.37
N ALA A 71 14.54 -1.68 4.74
CA ALA A 71 14.03 -2.83 4.01
C ALA A 71 12.56 -3.04 4.33
N ASP A 72 12.16 -2.68 5.55
CA ASP A 72 10.79 -2.82 5.99
C ASP A 72 9.83 -2.24 4.96
N PHE A 73 9.81 -0.92 4.86
CA PHE A 73 8.93 -0.22 3.92
C PHE A 73 9.19 -0.70 2.49
N LYS A 74 10.46 -0.84 2.14
CA LYS A 74 10.84 -1.28 0.80
C LYS A 74 10.10 -2.55 0.40
N ASN A 75 9.97 -3.48 1.36
CA ASN A 75 9.28 -4.73 1.11
C ASN A 75 7.78 -4.50 0.93
N LEU A 76 7.25 -3.54 1.68
CA LEU A 76 5.84 -3.21 1.61
C LEU A 76 5.52 -2.51 0.30
N LYS A 77 6.20 -1.40 0.04
CA LYS A 77 5.99 -0.65 -1.20
C LYS A 77 6.23 -1.57 -2.39
N THR A 78 7.19 -2.47 -2.25
CA THR A 78 7.51 -3.42 -3.30
C THR A 78 6.34 -4.38 -3.51
N LYS A 79 5.94 -5.06 -2.45
CA LYS A 79 4.83 -5.99 -2.52
C LYS A 79 3.56 -5.26 -2.94
N TYR A 80 3.41 -4.03 -2.45
CA TYR A 80 2.25 -3.20 -2.77
C TYR A 80 2.18 -2.97 -4.27
N GLN A 81 3.33 -2.78 -4.90
CA GLN A 81 3.38 -2.55 -6.34
C GLN A 81 2.81 -3.73 -7.10
N SER A 82 3.12 -4.93 -6.62
CA SER A 82 2.61 -6.14 -7.26
C SER A 82 1.10 -6.22 -7.14
N LEU A 83 0.59 -5.71 -6.03
CA LEU A 83 -0.85 -5.72 -5.76
C LEU A 83 -1.59 -4.86 -6.77
N GLN A 84 -1.13 -3.63 -6.94
CA GLN A 84 -1.78 -2.72 -7.88
C GLN A 84 -1.76 -3.33 -9.28
N GLN A 85 -0.60 -3.82 -9.69
CA GLN A 85 -0.43 -4.42 -11.00
C GLN A 85 -1.33 -5.64 -11.19
N SER A 86 -1.37 -6.53 -10.20
CA SER A 86 -2.18 -7.73 -10.30
C SER A 86 -3.66 -7.39 -10.38
N TYR A 87 -4.04 -6.34 -9.68
CA TYR A 87 -5.43 -5.90 -9.65
C TYR A 87 -5.76 -4.99 -10.83
N ASN A 88 -4.88 -4.05 -11.15
CA ASN A 88 -5.12 -3.14 -12.27
C ASN A 88 -5.43 -3.93 -13.52
N GLN A 89 -4.65 -4.96 -13.77
CA GLN A 89 -4.86 -5.81 -14.94
C GLN A 89 -6.23 -6.47 -14.83
N ARG A 90 -6.43 -7.16 -13.71
CA ARG A 90 -7.68 -7.85 -13.43
C ARG A 90 -8.88 -6.93 -13.62
N LYS A 91 -8.74 -5.68 -13.18
CA LYS A 91 -9.83 -4.71 -13.30
C LYS A 91 -10.14 -4.44 -14.77
N SER A 92 -9.14 -4.59 -15.63
CA SER A 92 -9.31 -4.38 -17.06
C SER A 92 -9.96 -5.61 -17.69
N LEU A 93 -9.79 -6.77 -17.05
CA LEU A 93 -10.36 -8.01 -17.54
C LEU A 93 -11.73 -8.25 -16.91
N PHE A 94 -11.95 -7.68 -15.73
CA PHE A 94 -13.21 -7.82 -15.02
C PHE A 94 -13.90 -6.47 -14.84
N PRO A 95 -14.48 -5.93 -15.92
CA PRO A 95 -15.18 -4.63 -15.85
C PRO A 95 -16.25 -4.59 -14.77
N LEU A 96 -17.05 -3.53 -14.77
CA LEU A 96 -18.12 -3.38 -13.79
C LEU A 96 -19.46 -3.16 -14.48
N LYS A 97 -20.19 -4.26 -14.69
CA LYS A 97 -21.49 -4.20 -15.34
C LYS A 97 -22.45 -5.21 -14.72
#